data_4YCW
#
_entry.id   4YCW
#
_cell.length_a   51.283
_cell.length_b   75.561
_cell.length_c   162.987
_cell.angle_alpha   90.80
_cell.angle_beta   99.09
_cell.angle_gamma   109.83
#
_symmetry.space_group_name_H-M   'P 1'
#
loop_
_entity.id
_entity.type
_entity.pdbx_description
1 polymer 'Lysine--tRNA ligase'
2 polymer 'Aminoacyl tRNA synthase complex-interacting multifunctional protein 2'
3 non-polymer LYSINE
4 non-polymer cladosporin
5 water water
#
loop_
_entity_poly.entity_id
_entity_poly.type
_entity_poly.pdbx_seq_one_letter_code
_entity_poly.pdbx_strand_id
1 'polypeptide(L)'
;MSVDPNQYYKIRSQAIHQLKVNGEDPYPHKFHVDISLTDFIQKYSHLQPGDHLTDITLKVAGRIHAKRASGGKLIFYDLR
GEGVKLQVMANSRNYKSEEEFIHINNKLRRGDIIGVQGNPGKTKKGELSIIPYEITLLSPCLHMLPHLHFGLKDKETRYR
QRYLDLILNDFVRQKFIIRSKIITYIRSFLDELGFLEIETPMMNIIPGGAVAKPFITYHNELDMNLYMRIATELYHKMLV
VGGIDRVYEIGRVFRNEGIDLTHNPEFTSCEFYMAYADYHDLMEITEKMVSGMVKHITGSYKVTYHPDGPEGQAYDVDFT
PPFRRINMVEELEKALGMKLPETNLFETEETRKILDDICVAKAVECPPPRTTARLLDKLVGEFLEVTCINPTFICDHPQI
MSPLAKWHRSKEGLTERFELFVMKKEICNAYTELNDPMRQRQLFEEQAKAKAAGDDEAMFIDENFCTALEYGLPPTAGWG
MGIDRVAMFLTDSNNIKEVLLFPAMKPEDKKEN
;
A,B,E,F
2 'polypeptide(L)' MPMYQVKPYHGGGAPLRVELPTCMYRLPNVHGRSYGHHHHHH C,D,G,H
#
loop_
_chem_comp.id
_chem_comp.type
_chem_comp.name
_chem_comp.formula
KRS non-polymer cladosporin 'C16 H20 O5'
#
# COMPACT_ATOMS: atom_id res chain seq x y z
N ASP A 4 -7.39 -22.30 -23.90
CA ASP A 4 -6.67 -21.06 -23.68
C ASP A 4 -7.41 -20.05 -22.78
N PRO A 5 -8.75 -19.98 -22.88
CA PRO A 5 -9.44 -19.15 -21.87
C PRO A 5 -9.13 -19.59 -20.44
N ASN A 6 -8.99 -20.90 -20.24
CA ASN A 6 -8.58 -21.46 -18.96
C ASN A 6 -7.18 -20.96 -18.58
N GLN A 7 -6.26 -21.08 -19.53
CA GLN A 7 -4.89 -20.62 -19.33
C GLN A 7 -4.86 -19.11 -19.10
N TYR A 8 -5.71 -18.38 -19.82
CA TYR A 8 -5.84 -16.94 -19.63
C TYR A 8 -6.24 -16.64 -18.19
N TYR A 9 -7.21 -17.41 -17.69
CA TYR A 9 -7.65 -17.27 -16.31
C TYR A 9 -6.51 -17.50 -15.34
N LYS A 10 -5.77 -18.59 -15.55
CA LYS A 10 -4.61 -18.90 -14.70
C LYS A 10 -3.61 -17.75 -14.66
N ILE A 11 -3.16 -17.34 -15.85
CA ILE A 11 -2.15 -16.29 -16.00
C ILE A 11 -2.59 -14.97 -15.36
N ARG A 12 -3.79 -14.53 -15.69
CA ARG A 12 -4.30 -13.26 -15.15
C ARG A 12 -4.43 -13.34 -13.63
N SER A 13 -4.89 -14.49 -13.15
CA SER A 13 -5.01 -14.72 -11.71
C SER A 13 -3.65 -14.55 -11.03
N GLN A 14 -2.62 -15.18 -11.59
CA GLN A 14 -1.28 -15.06 -11.03
C GLN A 14 -0.76 -13.62 -11.07
N ALA A 15 -0.97 -12.95 -12.21
CA ALA A 15 -0.53 -11.57 -12.38
C ALA A 15 -1.12 -10.66 -11.33
N ILE A 16 -2.45 -10.70 -11.18
CA ILE A 16 -3.13 -9.89 -10.18
C ILE A 16 -2.67 -10.29 -8.77
N HIS A 17 -2.43 -11.58 -8.58
CA HIS A 17 -1.99 -12.08 -7.28
C HIS A 17 -0.66 -11.46 -6.86
N GLN A 18 0.33 -11.47 -7.74
CA GLN A 18 1.62 -10.88 -7.39
C GLN A 18 1.54 -9.36 -7.42
N LEU A 19 0.51 -8.83 -8.09
CA LEU A 19 0.26 -7.40 -8.01
C LEU A 19 -0.12 -7.01 -6.58
N LYS A 20 -1.02 -7.78 -5.97
CA LYS A 20 -1.42 -7.48 -4.60
C LYS A 20 -0.34 -7.92 -3.60
N VAL A 21 0.51 -8.86 -4.00
CA VAL A 21 1.65 -9.25 -3.18
C VAL A 21 2.66 -8.10 -3.12
N ASN A 22 2.84 -7.43 -4.24
CA ASN A 22 3.80 -6.32 -4.34
C ASN A 22 3.23 -5.02 -3.77
N GLY A 23 1.95 -5.07 -3.39
CA GLY A 23 1.31 -3.93 -2.75
C GLY A 23 0.99 -2.78 -3.68
N GLU A 24 0.64 -3.09 -4.92
CA GLU A 24 0.25 -2.06 -5.87
C GLU A 24 -1.27 -1.87 -5.90
N ASP A 25 -1.95 -2.62 -5.04
CA ASP A 25 -3.39 -2.43 -4.80
C ASP A 25 -4.24 -2.46 -6.06
N PRO A 26 -4.44 -3.66 -6.64
CA PRO A 26 -5.29 -3.82 -7.83
C PRO A 26 -6.77 -3.59 -7.54
N TYR A 27 -7.14 -3.61 -6.26
CA TYR A 27 -8.51 -3.33 -5.85
C TYR A 27 -8.59 -2.14 -4.89
N PRO A 28 -8.45 -0.91 -5.43
CA PRO A 28 -8.51 0.29 -4.60
C PRO A 28 -9.88 0.50 -3.98
N HIS A 29 -9.92 1.17 -2.83
CA HIS A 29 -11.16 1.37 -2.09
C HIS A 29 -12.08 2.41 -2.72
N LYS A 30 -11.54 3.59 -3.02
CA LYS A 30 -12.35 4.71 -3.47
C LYS A 30 -11.74 5.46 -4.64
N PHE A 31 -12.53 5.60 -5.71
CA PHE A 31 -12.19 6.46 -6.83
C PHE A 31 -13.28 7.52 -6.97
N HIS A 32 -12.88 8.79 -7.04
CA HIS A 32 -13.86 9.86 -7.08
C HIS A 32 -14.23 10.20 -8.51
N VAL A 33 -15.48 9.88 -8.88
CA VAL A 33 -15.96 10.15 -10.23
C VAL A 33 -16.58 11.54 -10.29
N ASP A 34 -16.05 12.38 -11.18
CA ASP A 34 -16.53 13.75 -11.32
C ASP A 34 -17.84 13.80 -12.09
N ILE A 35 -17.92 13.00 -13.16
CA ILE A 35 -19.07 13.04 -14.04
C ILE A 35 -19.32 11.66 -14.65
N SER A 36 -20.58 11.31 -14.85
CA SER A 36 -20.93 10.05 -15.48
C SER A 36 -20.65 10.12 -16.98
N LEU A 37 -20.50 8.97 -17.61
CA LEU A 37 -20.20 8.89 -19.03
C LEU A 37 -21.28 9.56 -19.87
N THR A 38 -22.53 9.41 -19.45
CA THR A 38 -23.67 9.91 -20.22
C THR A 38 -23.65 11.43 -20.39
N ASP A 39 -23.56 12.15 -19.28
CA ASP A 39 -23.55 13.62 -19.36
C ASP A 39 -22.16 14.16 -19.69
N PHE A 40 -21.15 13.28 -19.66
CA PHE A 40 -19.87 13.63 -20.27
C PHE A 40 -20.10 13.76 -21.76
N ILE A 41 -20.77 12.76 -22.32
CA ILE A 41 -21.16 12.77 -23.71
C ILE A 41 -22.03 13.97 -24.03
N GLN A 42 -23.05 14.21 -23.19
CA GLN A 42 -23.95 15.34 -23.38
C GLN A 42 -23.19 16.68 -23.38
N LYS A 43 -22.26 16.82 -22.45
CA LYS A 43 -21.53 18.06 -22.28
C LYS A 43 -20.54 18.33 -23.42
N TYR A 44 -19.71 17.34 -23.72
CA TYR A 44 -18.61 17.55 -24.65
C TYR A 44 -18.83 17.08 -26.10
N SER A 45 -20.03 16.63 -26.43
CA SER A 45 -20.33 16.21 -27.80
C SER A 45 -20.18 17.33 -28.83
N HIS A 46 -20.24 18.58 -28.37
CA HIS A 46 -20.20 19.73 -29.27
C HIS A 46 -18.79 20.00 -29.80
N LEU A 47 -17.79 19.36 -29.22
CA LEU A 47 -16.40 19.58 -29.59
C LEU A 47 -16.12 19.25 -31.05
N GLN A 48 -15.21 20.00 -31.65
CA GLN A 48 -14.78 19.74 -33.03
C GLN A 48 -13.59 18.79 -33.04
N PRO A 49 -13.44 18.01 -34.13
CA PRO A 49 -12.33 17.07 -34.24
C PRO A 49 -10.97 17.74 -34.08
N GLY A 50 -10.11 17.16 -33.24
CA GLY A 50 -8.79 17.71 -33.00
C GLY A 50 -8.71 18.50 -31.72
N ASP A 51 -9.87 18.80 -31.13
CA ASP A 51 -9.93 19.59 -29.91
C ASP A 51 -9.33 18.87 -28.71
N HIS A 52 -8.56 19.60 -27.92
CA HIS A 52 -8.03 19.12 -26.66
C HIS A 52 -8.18 20.23 -25.63
N LEU A 53 -8.96 19.99 -24.58
CA LEU A 53 -9.15 21.02 -23.58
C LEU A 53 -8.26 20.72 -22.38
N THR A 54 -7.17 21.47 -22.26
CA THR A 54 -6.12 21.15 -21.31
C THR A 54 -6.42 21.65 -19.90
N ASP A 55 -7.31 22.62 -19.80
CA ASP A 55 -7.61 23.25 -18.52
C ASP A 55 -8.82 22.62 -17.84
N ILE A 56 -9.41 21.62 -18.49
CA ILE A 56 -10.51 20.87 -17.90
C ILE A 56 -10.09 19.44 -17.58
N THR A 57 -10.10 19.08 -16.30
CA THR A 57 -9.73 17.75 -15.87
C THR A 57 -10.91 17.04 -15.20
N LEU A 58 -11.25 15.86 -15.70
CA LEU A 58 -12.38 15.11 -15.19
C LEU A 58 -12.01 13.67 -14.87
N LYS A 59 -12.72 13.09 -13.90
CA LYS A 59 -12.56 11.68 -13.58
C LYS A 59 -13.83 10.91 -13.92
N VAL A 60 -13.66 9.84 -14.69
CA VAL A 60 -14.75 8.99 -15.13
C VAL A 60 -14.38 7.55 -14.83
N ALA A 61 -15.33 6.63 -14.95
CA ALA A 61 -15.02 5.23 -14.70
C ALA A 61 -15.87 4.30 -15.56
N GLY A 62 -15.37 3.09 -15.81
CA GLY A 62 -16.12 2.13 -16.59
C GLY A 62 -15.41 0.82 -16.84
N ARG A 63 -15.99 0.00 -17.72
CA ARG A 63 -15.38 -1.28 -18.05
C ARG A 63 -14.77 -1.24 -19.45
N ILE A 64 -13.57 -1.81 -19.60
CA ILE A 64 -12.94 -1.84 -20.91
C ILE A 64 -13.53 -2.95 -21.75
N HIS A 65 -14.21 -2.59 -22.83
CA HIS A 65 -14.79 -3.59 -23.73
C HIS A 65 -13.86 -3.93 -24.89
N ALA A 66 -12.87 -3.08 -25.12
CA ALA A 66 -11.89 -3.32 -26.18
C ALA A 66 -10.57 -2.60 -25.90
N LYS A 67 -9.48 -3.21 -26.35
CA LYS A 67 -8.16 -2.60 -26.22
C LYS A 67 -7.44 -2.68 -27.56
N ARG A 68 -7.21 -1.53 -28.19
CA ARG A 68 -6.57 -1.49 -29.50
C ARG A 68 -5.38 -0.54 -29.50
N ALA A 69 -4.20 -1.10 -29.74
CA ALA A 69 -2.98 -0.30 -29.77
C ALA A 69 -2.70 0.22 -31.18
N SER A 70 -2.34 1.50 -31.26
CA SER A 70 -1.81 2.07 -32.49
C SER A 70 -0.32 1.80 -32.52
N GLY A 71 0.15 1.12 -31.47
CA GLY A 71 1.55 0.78 -31.31
C GLY A 71 2.27 1.91 -30.61
N GLY A 72 3.30 1.56 -29.84
CA GLY A 72 4.15 2.55 -29.20
C GLY A 72 3.44 3.55 -28.30
N LYS A 73 3.61 4.83 -28.63
CA LYS A 73 3.18 5.93 -27.78
C LYS A 73 1.66 6.13 -27.70
N LEU A 74 0.91 5.40 -28.52
CA LEU A 74 -0.54 5.60 -28.58
C LEU A 74 -1.31 4.30 -28.40
N ILE A 75 -2.34 4.34 -27.56
CA ILE A 75 -3.20 3.18 -27.34
C ILE A 75 -4.64 3.60 -27.07
N PHE A 76 -5.59 2.84 -27.63
CA PHE A 76 -7.01 3.18 -27.50
C PHE A 76 -7.77 2.19 -26.63
N TYR A 77 -8.52 2.73 -25.67
CA TYR A 77 -9.38 1.91 -24.83
C TYR A 77 -10.85 2.19 -25.15
N ASP A 78 -11.64 1.13 -25.25
CA ASP A 78 -13.08 1.28 -25.40
C ASP A 78 -13.67 1.22 -23.99
N LEU A 79 -14.17 2.35 -23.51
CA LEU A 79 -14.68 2.41 -22.15
C LEU A 79 -16.19 2.49 -22.14
N ARG A 80 -16.83 1.46 -21.61
CA ARG A 80 -18.29 1.41 -21.66
C ARG A 80 -18.92 1.40 -20.26
N GLY A 81 -20.12 1.98 -20.19
CA GLY A 81 -20.90 1.98 -18.97
C GLY A 81 -22.19 2.77 -19.19
N GLU A 82 -23.18 2.52 -18.35
CA GLU A 82 -24.48 3.18 -18.43
C GLU A 82 -25.16 2.98 -19.78
N GLY A 83 -24.82 1.88 -20.46
CA GLY A 83 -25.36 1.59 -21.77
C GLY A 83 -24.80 2.50 -22.85
N VAL A 84 -23.77 3.26 -22.51
CA VAL A 84 -23.13 4.13 -23.49
C VAL A 84 -21.62 3.93 -23.55
N LYS A 85 -21.01 4.68 -24.48
CA LYS A 85 -19.64 4.46 -24.90
C LYS A 85 -18.79 5.73 -24.83
N LEU A 86 -17.55 5.58 -24.39
CA LEU A 86 -16.58 6.67 -24.40
C LEU A 86 -15.20 6.11 -24.77
N GLN A 87 -14.55 6.77 -25.73
CA GLN A 87 -13.21 6.35 -26.12
C GLN A 87 -12.15 6.99 -25.23
N VAL A 88 -11.23 6.18 -24.74
CA VAL A 88 -10.08 6.71 -24.03
C VAL A 88 -8.89 6.66 -24.97
N MET A 89 -8.41 7.83 -25.40
CA MET A 89 -7.24 7.87 -26.24
C MET A 89 -6.04 8.20 -25.39
N ALA A 90 -5.19 7.20 -25.18
CA ALA A 90 -4.05 7.37 -24.31
C ALA A 90 -2.79 7.59 -25.14
N ASN A 91 -2.30 8.82 -25.08
CA ASN A 91 -1.09 9.21 -25.79
C ASN A 91 0.02 9.42 -24.78
N SER A 92 1.17 8.80 -25.04
CA SER A 92 2.29 8.80 -24.10
C SER A 92 2.73 10.21 -23.70
N ARG A 93 2.70 11.14 -24.65
CA ARG A 93 3.14 12.50 -24.38
C ARG A 93 2.13 13.26 -23.53
N ASN A 94 0.86 12.86 -23.60
CA ASN A 94 -0.18 13.51 -22.82
C ASN A 94 -0.37 12.91 -21.43
N TYR A 95 0.24 11.75 -21.22
CA TYR A 95 0.18 11.09 -19.92
C TYR A 95 1.08 11.82 -18.92
N LYS A 96 0.85 11.58 -17.63
CA LYS A 96 1.66 12.17 -16.57
C LYS A 96 3.16 11.97 -16.82
N SER A 97 3.52 10.75 -17.21
CA SER A 97 4.88 10.46 -17.66
C SER A 97 4.86 9.25 -18.58
N GLU A 98 5.90 9.12 -19.40
CA GLU A 98 6.00 8.00 -20.34
C GLU A 98 6.10 6.67 -19.60
N GLU A 99 6.88 6.67 -18.53
CA GLU A 99 7.11 5.46 -17.73
C GLU A 99 5.83 4.89 -17.14
N GLU A 100 5.06 5.76 -16.48
CA GLU A 100 3.80 5.36 -15.87
C GLU A 100 2.78 4.96 -16.93
N PHE A 101 2.83 5.64 -18.07
CA PHE A 101 2.01 5.32 -19.24
C PHE A 101 2.24 3.87 -19.65
N ILE A 102 3.51 3.54 -19.90
CA ILE A 102 3.92 2.18 -20.21
C ILE A 102 3.44 1.19 -19.15
N HIS A 103 3.75 1.49 -17.89
CA HIS A 103 3.45 0.60 -16.77
C HIS A 103 1.96 0.28 -16.67
N ILE A 104 1.12 1.31 -16.71
CA ILE A 104 -0.32 1.10 -16.57
C ILE A 104 -0.89 0.42 -17.82
N ASN A 105 -0.32 0.71 -18.99
CA ASN A 105 -0.83 0.11 -20.22
C ASN A 105 -0.53 -1.38 -20.32
N ASN A 106 0.63 -1.80 -19.83
CA ASN A 106 0.97 -3.22 -19.84
C ASN A 106 0.15 -4.01 -18.84
N LYS A 107 -0.41 -3.31 -17.85
CA LYS A 107 -1.19 -3.93 -16.79
C LYS A 107 -2.63 -4.24 -17.20
N LEU A 108 -3.22 -3.34 -17.98
CA LEU A 108 -4.65 -3.41 -18.28
C LEU A 108 -5.01 -4.46 -19.32
N ARG A 109 -6.21 -5.02 -19.17
CA ARG A 109 -6.75 -6.00 -20.11
C ARG A 109 -8.19 -5.66 -20.46
N ARG A 110 -8.72 -6.31 -21.49
CA ARG A 110 -10.13 -6.16 -21.85
C ARG A 110 -11.02 -6.74 -20.75
N GLY A 111 -12.00 -5.95 -20.31
CA GLY A 111 -12.91 -6.39 -19.28
C GLY A 111 -12.63 -5.73 -17.94
N ASP A 112 -11.48 -5.09 -17.83
CA ASP A 112 -11.08 -4.46 -16.57
C ASP A 112 -11.90 -3.21 -16.25
N ILE A 113 -12.23 -3.05 -14.97
CA ILE A 113 -12.86 -1.85 -14.46
C ILE A 113 -11.80 -0.81 -14.12
N ILE A 114 -11.85 0.33 -14.81
CA ILE A 114 -10.85 1.38 -14.61
C ILE A 114 -11.47 2.76 -14.40
N GLY A 115 -10.77 3.56 -13.59
CA GLY A 115 -11.03 4.99 -13.52
C GLY A 115 -10.07 5.72 -14.44
N VAL A 116 -10.48 6.89 -14.92
CA VAL A 116 -9.69 7.68 -15.85
C VAL A 116 -9.74 9.16 -15.46
N GLN A 117 -8.57 9.74 -15.25
CA GLN A 117 -8.46 11.18 -15.00
C GLN A 117 -7.82 11.85 -16.20
N GLY A 118 -8.58 12.72 -16.87
CA GLY A 118 -8.06 13.35 -18.07
C GLY A 118 -8.89 14.48 -18.65
N ASN A 119 -8.44 14.97 -19.81
CA ASN A 119 -9.07 16.08 -20.48
C ASN A 119 -10.10 15.66 -21.53
N PRO A 120 -11.23 16.39 -21.62
CA PRO A 120 -12.16 16.16 -22.73
C PRO A 120 -11.52 16.52 -24.07
N GLY A 121 -11.88 15.80 -25.13
CA GLY A 121 -11.34 16.08 -26.44
C GLY A 121 -12.04 15.30 -27.54
N LYS A 122 -11.62 15.50 -28.79
CA LYS A 122 -12.14 14.73 -29.90
C LYS A 122 -11.04 14.41 -30.92
N THR A 123 -10.98 13.14 -31.33
CA THR A 123 -9.97 12.68 -32.27
C THR A 123 -10.21 13.20 -33.68
N LYS A 124 -9.16 13.16 -34.50
CA LYS A 124 -9.24 13.55 -35.90
C LYS A 124 -10.30 12.75 -36.65
N LYS A 125 -10.57 11.54 -36.19
CA LYS A 125 -11.60 10.70 -36.78
C LYS A 125 -12.99 11.18 -36.37
N GLY A 126 -13.04 12.08 -35.40
CA GLY A 126 -14.30 12.68 -34.96
C GLY A 126 -14.92 11.99 -33.77
N GLU A 127 -14.17 11.10 -33.13
CA GLU A 127 -14.65 10.38 -31.97
C GLU A 127 -14.41 11.16 -30.68
N LEU A 128 -15.47 11.42 -29.93
CA LEU A 128 -15.35 12.05 -28.62
C LEU A 128 -14.53 11.16 -27.70
N SER A 129 -13.50 11.74 -27.11
CA SER A 129 -12.56 10.96 -26.29
C SER A 129 -12.12 11.71 -25.04
N ILE A 130 -11.57 10.96 -24.10
CA ILE A 130 -10.92 11.56 -22.95
C ILE A 130 -9.44 11.20 -22.99
N ILE A 131 -8.59 12.19 -22.80
CA ILE A 131 -7.15 12.01 -22.86
C ILE A 131 -6.57 12.02 -21.46
N PRO A 132 -6.17 10.84 -20.97
CA PRO A 132 -5.83 10.59 -19.57
C PRO A 132 -4.54 11.24 -19.10
N TYR A 133 -4.61 11.86 -17.92
CA TYR A 133 -3.40 12.23 -17.18
C TYR A 133 -2.91 11.00 -16.43
N GLU A 134 -3.85 10.24 -15.88
CA GLU A 134 -3.56 8.97 -15.22
C GLU A 134 -4.71 7.98 -15.37
N ILE A 135 -4.37 6.72 -15.56
CA ILE A 135 -5.37 5.64 -15.58
C ILE A 135 -5.15 4.74 -14.37
N THR A 136 -6.23 4.48 -13.63
CA THR A 136 -6.14 3.63 -12.44
C THR A 136 -6.97 2.38 -12.62
N LEU A 137 -6.39 1.22 -12.30
CA LEU A 137 -7.15 -0.01 -12.36
C LEU A 137 -8.00 -0.12 -11.10
N LEU A 138 -9.31 -0.09 -11.28
CA LEU A 138 -10.24 -0.16 -10.16
C LEU A 138 -10.51 -1.60 -9.75
N SER A 139 -10.48 -2.50 -10.73
CA SER A 139 -10.61 -3.94 -10.47
C SER A 139 -10.44 -4.73 -11.75
N PRO A 140 -9.63 -5.80 -11.70
CA PRO A 140 -9.33 -6.62 -12.88
C PRO A 140 -10.41 -7.64 -13.23
N CYS A 141 -10.47 -8.00 -14.50
CA CYS A 141 -11.29 -9.12 -14.96
C CYS A 141 -10.39 -10.32 -15.18
N LEU A 142 -10.61 -11.37 -14.40
CA LEU A 142 -9.72 -12.54 -14.42
C LEU A 142 -10.07 -13.53 -15.52
N HIS A 143 -11.21 -13.32 -16.17
CA HIS A 143 -11.68 -14.24 -17.21
C HIS A 143 -11.60 -13.60 -18.59
N MET A 144 -11.39 -14.44 -19.61
CA MET A 144 -11.45 -13.96 -20.98
C MET A 144 -12.90 -13.69 -21.36
N LEU A 145 -13.18 -12.46 -21.80
CA LEU A 145 -14.52 -12.06 -22.15
C LEU A 145 -14.89 -12.54 -23.56
N PRO A 146 -16.13 -13.01 -23.74
CA PRO A 146 -16.63 -13.56 -25.01
C PRO A 146 -16.53 -12.57 -26.17
N HIS A 147 -16.54 -13.10 -27.38
CA HIS A 147 -16.27 -12.31 -28.59
C HIS A 147 -17.49 -12.15 -29.49
N LEU A 148 -17.97 -13.26 -30.03
CA LEU A 148 -19.07 -13.28 -30.98
C LEU A 148 -20.30 -12.53 -30.48
N LEU A 152 -22.24 -13.60 -26.53
CA LEU A 152 -23.19 -14.47 -25.86
C LEU A 152 -24.55 -14.43 -26.57
N LYS A 153 -24.69 -15.22 -27.62
CA LYS A 153 -25.91 -15.24 -28.41
C LYS A 153 -26.84 -16.39 -28.01
N ASP A 154 -26.41 -17.22 -27.07
CA ASP A 154 -27.19 -18.37 -26.64
C ASP A 154 -27.90 -18.13 -25.32
N LYS A 155 -29.19 -18.46 -25.27
CA LYS A 155 -30.08 -18.07 -24.17
C LYS A 155 -29.67 -18.58 -22.79
N GLU A 156 -29.38 -19.88 -22.68
CA GLU A 156 -29.12 -20.49 -21.37
C GLU A 156 -27.92 -19.88 -20.66
N THR A 157 -26.83 -19.68 -21.40
CA THR A 157 -25.63 -19.06 -20.83
C THR A 157 -25.95 -17.63 -20.38
N ARG A 158 -26.76 -16.94 -21.18
CA ARG A 158 -27.19 -15.58 -20.85
C ARG A 158 -27.97 -15.54 -19.54
N TYR A 159 -28.83 -16.53 -19.34
CA TYR A 159 -29.70 -16.57 -18.16
C TYR A 159 -28.97 -17.01 -16.90
N ARG A 160 -28.06 -17.96 -17.05
CA ARG A 160 -27.34 -18.50 -15.90
C ARG A 160 -26.33 -17.49 -15.34
N GLN A 161 -25.60 -16.84 -16.23
CA GLN A 161 -24.79 -15.69 -15.81
C GLN A 161 -25.41 -14.44 -16.41
N ARG A 162 -26.07 -13.66 -15.56
CA ARG A 162 -26.79 -12.47 -16.03
C ARG A 162 -25.84 -11.28 -16.14
N TYR A 163 -24.73 -11.33 -15.42
CA TYR A 163 -23.78 -10.23 -15.43
C TYR A 163 -23.06 -10.16 -16.78
N LEU A 164 -22.73 -11.33 -17.34
CA LEU A 164 -22.15 -11.39 -18.67
C LEU A 164 -23.12 -10.84 -19.71
N ASP A 165 -24.38 -11.26 -19.59
CA ASP A 165 -25.42 -10.83 -20.51
C ASP A 165 -25.62 -9.32 -20.46
N LEU A 166 -25.58 -8.77 -19.25
CA LEU A 166 -25.75 -7.33 -19.05
C LEU A 166 -24.54 -6.54 -19.56
N ILE A 167 -23.35 -7.11 -19.38
CA ILE A 167 -22.14 -6.47 -19.87
C ILE A 167 -22.12 -6.41 -21.39
N LEU A 168 -22.36 -7.56 -22.02
CA LEU A 168 -22.25 -7.67 -23.47
C LEU A 168 -23.49 -7.16 -24.23
N ASN A 169 -24.67 -7.32 -23.63
CA ASN A 169 -25.92 -6.96 -24.31
C ASN A 169 -26.66 -5.79 -23.67
N ASP A 170 -26.81 -4.71 -24.42
CA ASP A 170 -27.47 -3.50 -23.95
C ASP A 170 -28.99 -3.69 -23.88
N PHE A 171 -29.54 -4.41 -24.84
CA PHE A 171 -30.98 -4.58 -24.95
C PHE A 171 -31.57 -5.25 -23.71
N VAL A 172 -30.74 -6.03 -23.02
CA VAL A 172 -31.14 -6.64 -21.74
C VAL A 172 -31.40 -5.56 -20.70
N ARG A 173 -30.40 -4.68 -20.53
CA ARG A 173 -30.52 -3.52 -19.65
C ARG A 173 -31.78 -2.73 -19.99
N GLN A 174 -31.99 -2.48 -21.27
CA GLN A 174 -33.17 -1.76 -21.72
C GLN A 174 -34.46 -2.48 -21.33
N LYS A 175 -34.47 -3.80 -21.44
CA LYS A 175 -35.63 -4.60 -21.08
C LYS A 175 -35.98 -4.44 -19.60
N PHE A 176 -34.98 -4.58 -18.73
CA PHE A 176 -35.26 -4.49 -17.31
C PHE A 176 -35.59 -3.06 -16.88
N ILE A 177 -35.03 -2.08 -17.59
CA ILE A 177 -35.43 -0.70 -17.44
C ILE A 177 -36.93 -0.56 -17.72
N ILE A 178 -37.36 -1.16 -18.83
CA ILE A 178 -38.77 -1.15 -19.21
C ILE A 178 -39.65 -1.77 -18.12
N ARG A 179 -39.22 -2.92 -17.60
CA ARG A 179 -39.93 -3.57 -16.51
C ARG A 179 -40.12 -2.63 -15.30
N SER A 180 -39.01 -2.05 -14.86
CA SER A 180 -39.03 -1.10 -13.76
C SER A 180 -40.01 0.04 -14.04
N LYS A 181 -39.96 0.57 -15.25
CA LYS A 181 -40.86 1.64 -15.68
C LYS A 181 -42.32 1.22 -15.56
N ILE A 182 -42.62 -0.01 -15.96
CA ILE A 182 -43.97 -0.56 -15.84
C ILE A 182 -44.43 -0.56 -14.39
N ILE A 183 -43.63 -1.18 -13.52
CA ILE A 183 -44.00 -1.30 -12.10
C ILE A 183 -44.21 0.08 -11.46
N THR A 184 -43.27 0.99 -11.69
CA THR A 184 -43.38 2.34 -11.14
C THR A 184 -44.60 3.08 -11.68
N TYR A 185 -44.90 2.88 -12.96
CA TYR A 185 -46.07 3.50 -13.56
C TYR A 185 -47.35 3.01 -12.87
N ILE A 186 -47.44 1.69 -12.67
CA ILE A 186 -48.60 1.12 -11.98
C ILE A 186 -48.73 1.70 -10.58
N ARG A 187 -47.60 1.78 -9.88
CA ARG A 187 -47.60 2.36 -8.54
C ARG A 187 -48.11 3.79 -8.54
N SER A 188 -47.66 4.60 -9.49
CA SER A 188 -48.11 5.99 -9.58
C SER A 188 -49.60 6.07 -9.86
N PHE A 189 -50.04 5.28 -10.84
CA PHE A 189 -51.45 5.23 -11.25
C PHE A 189 -52.37 4.91 -10.08
N LEU A 190 -52.01 3.88 -9.32
CA LEU A 190 -52.85 3.45 -8.20
C LEU A 190 -52.74 4.40 -7.01
N ASP A 191 -51.53 4.92 -6.76
CA ASP A 191 -51.32 5.87 -5.68
C ASP A 191 -52.17 7.13 -5.87
N GLU A 192 -52.23 7.61 -7.10
CA GLU A 192 -52.95 8.86 -7.36
C GLU A 192 -54.46 8.66 -7.38
N LEU A 193 -54.90 7.41 -7.42
CA LEU A 193 -56.33 7.10 -7.35
C LEU A 193 -56.78 6.88 -5.90
N GLY A 194 -55.86 7.04 -4.96
CA GLY A 194 -56.18 6.94 -3.55
C GLY A 194 -56.02 5.55 -2.98
N PHE A 195 -55.25 4.71 -3.66
CA PHE A 195 -54.95 3.38 -3.16
C PHE A 195 -53.82 3.42 -2.12
N LEU A 196 -53.88 2.51 -1.15
CA LEU A 196 -52.83 2.38 -0.16
C LEU A 196 -51.94 1.18 -0.48
N GLU A 197 -50.65 1.43 -0.66
CA GLU A 197 -49.71 0.36 -0.96
C GLU A 197 -49.46 -0.44 0.31
N ILE A 198 -49.74 -1.75 0.24
CA ILE A 198 -49.75 -2.59 1.42
C ILE A 198 -48.88 -3.83 1.25
N GLU A 199 -48.53 -4.45 2.38
CA GLU A 199 -47.81 -5.72 2.37
C GLU A 199 -48.54 -6.74 3.22
N THR A 200 -48.81 -7.90 2.61
CA THR A 200 -49.55 -8.97 3.26
C THR A 200 -48.65 -10.19 3.41
N PRO A 201 -48.97 -11.09 4.37
CA PRO A 201 -48.12 -12.27 4.61
C PRO A 201 -47.86 -13.10 3.36
N MET A 202 -46.60 -13.46 3.14
CA MET A 202 -46.23 -14.32 2.03
C MET A 202 -46.12 -15.77 2.51
N MET A 203 -46.34 -15.96 3.81
CA MET A 203 -46.40 -17.29 4.41
C MET A 203 -47.72 -17.44 5.15
N ASN A 204 -48.56 -18.35 4.69
CA ASN A 204 -49.91 -18.49 5.22
C ASN A 204 -50.16 -19.85 5.85
N ILE A 205 -51.14 -19.92 6.75
CA ILE A 205 -51.55 -21.20 7.30
C ILE A 205 -52.19 -22.03 6.20
N ILE A 206 -53.21 -21.46 5.57
CA ILE A 206 -53.89 -22.12 4.46
C ILE A 206 -53.75 -21.27 3.16
N PRO A 207 -53.17 -21.87 2.11
CA PRO A 207 -53.04 -21.14 0.84
C PRO A 207 -54.39 -20.94 0.16
N GLY A 208 -54.58 -19.79 -0.48
CA GLY A 208 -55.84 -19.49 -1.15
C GLY A 208 -55.77 -18.29 -2.07
N GLY A 209 -56.91 -17.97 -2.68
CA GLY A 209 -57.00 -16.83 -3.58
C GLY A 209 -56.76 -17.20 -5.03
N ALA A 210 -56.39 -18.45 -5.27
CA ALA A 210 -56.09 -18.91 -6.62
C ALA A 210 -56.05 -20.43 -6.73
N VAL A 211 -55.74 -20.89 -7.93
CA VAL A 211 -55.68 -22.32 -8.22
C VAL A 211 -54.27 -22.70 -8.69
N ALA A 212 -53.54 -23.45 -7.86
CA ALA A 212 -52.16 -23.83 -8.14
C ALA A 212 -51.59 -24.73 -7.04
N LYS A 213 -50.48 -25.39 -7.35
CA LYS A 213 -49.78 -26.21 -6.37
C LYS A 213 -48.82 -25.34 -5.56
N PRO A 214 -49.00 -25.33 -4.24
CA PRO A 214 -48.24 -24.47 -3.32
C PRO A 214 -46.82 -24.96 -3.02
N PHE A 215 -45.97 -24.02 -2.60
CA PHE A 215 -44.68 -24.37 -2.00
C PHE A 215 -44.90 -24.58 -0.50
N ILE A 216 -44.25 -25.59 0.07
CA ILE A 216 -44.38 -25.87 1.49
C ILE A 216 -43.03 -25.69 2.20
N THR A 217 -43.06 -25.04 3.35
CA THR A 217 -41.86 -24.81 4.14
C THR A 217 -42.13 -25.03 5.62
N TYR A 218 -41.06 -25.12 6.42
CA TYR A 218 -41.20 -25.31 7.85
C TYR A 218 -40.75 -24.07 8.63
N HIS A 219 -41.44 -23.80 9.73
CA HIS A 219 -41.15 -22.66 10.58
C HIS A 219 -40.44 -23.14 11.85
N ASN A 220 -39.31 -22.54 12.20
CA ASN A 220 -38.49 -23.04 13.30
C ASN A 220 -38.88 -22.51 14.67
N GLU A 221 -39.92 -21.67 14.72
CA GLU A 221 -40.48 -21.24 16.00
C GLU A 221 -41.73 -22.05 16.30
N LEU A 222 -42.74 -21.89 15.44
CA LEU A 222 -43.96 -22.67 15.52
C LEU A 222 -43.72 -24.05 14.93
N ASP A 223 -44.13 -25.10 15.64
CA ASP A 223 -43.88 -26.48 15.18
C ASP A 223 -44.64 -26.80 13.88
N MET A 224 -45.48 -25.86 13.46
CA MET A 224 -46.33 -26.03 12.29
C MET A 224 -45.61 -25.84 10.95
N ASN A 225 -46.14 -26.48 9.92
CA ASN A 225 -45.74 -26.20 8.55
C ASN A 225 -46.47 -24.98 8.00
N LEU A 226 -45.88 -24.32 7.00
CA LEU A 226 -46.49 -23.16 6.38
C LEU A 226 -46.43 -23.22 4.85
N TYR A 227 -47.36 -22.52 4.21
CA TYR A 227 -47.42 -22.46 2.74
C TYR A 227 -47.00 -21.10 2.22
N MET A 228 -46.34 -21.09 1.07
CA MET A 228 -46.04 -19.84 0.38
C MET A 228 -47.28 -19.40 -0.41
N ARG A 229 -47.55 -18.09 -0.41
CA ARG A 229 -48.78 -17.58 -0.98
C ARG A 229 -48.86 -17.73 -2.50
N ILE A 230 -50.03 -18.12 -2.99
CA ILE A 230 -50.28 -18.18 -4.42
C ILE A 230 -50.99 -16.93 -4.92
N ALA A 231 -51.36 -16.06 -3.98
CA ALA A 231 -52.06 -14.81 -4.29
C ALA A 231 -52.31 -14.01 -3.00
N THR A 232 -52.56 -12.71 -3.17
CA THR A 232 -52.79 -11.81 -2.04
C THR A 232 -54.26 -11.51 -1.76
N GLU A 233 -55.15 -12.16 -2.53
CA GLU A 233 -56.57 -11.81 -2.59
C GLU A 233 -57.29 -11.69 -1.24
N LEU A 234 -57.25 -12.77 -0.47
CA LEU A 234 -58.05 -12.86 0.76
C LEU A 234 -57.65 -11.81 1.78
N TYR A 235 -56.35 -11.60 1.94
CA TYR A 235 -55.85 -10.59 2.87
C TYR A 235 -56.33 -9.20 2.48
N HIS A 236 -56.23 -8.89 1.20
CA HIS A 236 -56.68 -7.61 0.68
C HIS A 236 -58.16 -7.39 0.96
N LYS A 237 -58.97 -8.39 0.64
CA LYS A 237 -60.40 -8.28 0.90
C LYS A 237 -60.69 -8.12 2.39
N MET A 238 -59.90 -8.78 3.23
CA MET A 238 -60.03 -8.62 4.68
C MET A 238 -59.70 -7.20 5.11
N LEU A 239 -58.76 -6.57 4.41
CA LEU A 239 -58.41 -5.18 4.70
C LEU A 239 -59.50 -4.23 4.24
N VAL A 240 -60.17 -4.59 3.15
CA VAL A 240 -61.32 -3.80 2.69
C VAL A 240 -62.44 -3.91 3.72
N VAL A 241 -62.60 -5.10 4.30
CA VAL A 241 -63.53 -5.31 5.40
C VAL A 241 -63.14 -4.41 6.58
N GLY A 242 -61.83 -4.26 6.77
CA GLY A 242 -61.31 -3.44 7.85
C GLY A 242 -61.58 -1.96 7.71
N GLY A 243 -62.05 -1.54 6.54
CA GLY A 243 -62.38 -0.16 6.31
C GLY A 243 -61.41 0.60 5.42
N ILE A 244 -60.40 -0.08 4.90
CA ILE A 244 -59.50 0.54 3.94
C ILE A 244 -60.06 0.27 2.55
N ASP A 245 -60.55 1.32 1.91
CA ASP A 245 -61.42 1.17 0.74
C ASP A 245 -60.68 0.81 -0.54
N ARG A 246 -59.45 1.30 -0.69
CA ARG A 246 -58.69 1.04 -1.89
C ARG A 246 -57.28 0.57 -1.54
N VAL A 247 -56.95 -0.66 -1.91
CA VAL A 247 -55.63 -1.19 -1.58
C VAL A 247 -54.97 -1.83 -2.80
N TYR A 248 -53.65 -1.87 -2.82
CA TYR A 248 -52.93 -2.58 -3.88
C TYR A 248 -51.58 -3.10 -3.41
N GLU A 249 -51.18 -4.23 -3.98
CA GLU A 249 -49.87 -4.78 -3.69
C GLU A 249 -49.21 -5.32 -4.96
N ILE A 250 -48.01 -4.81 -5.25
CA ILE A 250 -47.16 -5.35 -6.29
C ILE A 250 -46.08 -6.18 -5.61
N GLY A 251 -46.15 -7.49 -5.74
CA GLY A 251 -45.23 -8.34 -5.00
C GLY A 251 -45.05 -9.72 -5.59
N ARG A 252 -44.21 -10.52 -4.94
CA ARG A 252 -43.91 -11.86 -5.43
C ARG A 252 -44.98 -12.85 -5.02
N VAL A 253 -45.30 -13.74 -5.94
CA VAL A 253 -46.29 -14.78 -5.76
C VAL A 253 -45.67 -16.11 -6.19
N PHE A 254 -45.93 -17.16 -5.40
CA PHE A 254 -45.35 -18.47 -5.65
C PHE A 254 -46.40 -19.48 -6.08
N ARG A 255 -46.17 -20.08 -7.22
CA ARG A 255 -46.96 -21.17 -7.71
C ARG A 255 -46.05 -22.26 -8.19
N ASN A 256 -46.14 -23.44 -7.58
CA ASN A 256 -45.23 -24.51 -7.94
C ASN A 256 -45.83 -25.34 -9.06
N GLU A 257 -45.28 -25.18 -10.25
CA GLU A 257 -45.86 -25.71 -11.48
C GLU A 257 -44.79 -25.79 -12.57
N GLY A 258 -45.22 -26.09 -13.79
CA GLY A 258 -44.30 -26.21 -14.91
C GLY A 258 -43.58 -24.91 -15.24
N ILE A 259 -42.38 -25.03 -15.79
CA ILE A 259 -41.61 -23.87 -16.24
C ILE A 259 -41.60 -23.81 -17.77
N ASP A 260 -42.20 -22.76 -18.32
CA ASP A 260 -42.25 -22.59 -19.76
C ASP A 260 -42.14 -21.12 -20.14
N LEU A 261 -42.37 -20.81 -21.41
CA LEU A 261 -42.23 -19.46 -21.94
C LEU A 261 -43.05 -18.43 -21.18
N THR A 262 -44.27 -18.79 -20.79
CA THR A 262 -45.14 -17.89 -20.03
C THR A 262 -45.16 -18.15 -18.52
N HIS A 263 -44.39 -19.13 -18.05
CA HIS A 263 -44.48 -19.53 -16.64
C HIS A 263 -43.14 -19.62 -15.90
N ASN A 264 -43.14 -19.10 -14.67
CA ASN A 264 -42.01 -19.25 -13.75
C ASN A 264 -42.58 -19.53 -12.36
N PRO A 265 -41.93 -20.43 -11.59
CA PRO A 265 -42.42 -20.84 -10.28
C PRO A 265 -42.69 -19.67 -9.34
N GLU A 266 -41.80 -18.67 -9.34
CA GLU A 266 -42.07 -17.44 -8.62
C GLU A 266 -42.17 -16.29 -9.61
N PHE A 267 -43.21 -15.47 -9.48
CA PHE A 267 -43.40 -14.36 -10.41
C PHE A 267 -44.06 -13.17 -9.72
N THR A 268 -43.90 -11.99 -10.30
CA THR A 268 -44.45 -10.78 -9.69
C THR A 268 -45.85 -10.47 -10.20
N SER A 269 -46.77 -10.25 -9.28
CA SER A 269 -48.13 -9.87 -9.64
C SER A 269 -48.55 -8.59 -8.92
N CYS A 270 -49.49 -7.87 -9.53
CA CYS A 270 -50.07 -6.70 -8.89
C CYS A 270 -51.56 -6.88 -8.70
N GLU A 271 -52.02 -6.84 -7.45
CA GLU A 271 -53.44 -6.97 -7.17
C GLU A 271 -53.98 -5.73 -6.47
N PHE A 272 -55.08 -5.17 -6.99
CA PHE A 272 -55.73 -4.09 -6.24
C PHE A 272 -57.21 -4.39 -6.02
N TYR A 273 -57.72 -3.87 -4.91
CA TYR A 273 -59.11 -4.05 -4.52
C TYR A 273 -59.75 -2.71 -4.22
N MET A 274 -60.90 -2.50 -4.83
CA MET A 274 -61.57 -1.20 -4.83
C MET A 274 -63.01 -1.33 -4.34
N ALA A 275 -63.31 -0.70 -3.22
CA ALA A 275 -64.65 -0.76 -2.65
C ALA A 275 -65.63 0.03 -3.51
N TYR A 276 -66.88 -0.46 -3.55
CA TYR A 276 -67.98 0.22 -4.23
C TYR A 276 -67.84 0.19 -5.76
N ALA A 277 -66.76 -0.43 -6.23
CA ALA A 277 -66.53 -0.64 -7.66
C ALA A 277 -67.02 -2.03 -8.09
N ASP A 278 -67.51 -2.12 -9.33
CA ASP A 278 -67.80 -3.43 -9.93
C ASP A 278 -66.87 -3.69 -11.10
N TYR A 279 -67.09 -4.80 -11.80
CA TYR A 279 -66.17 -5.23 -12.85
C TYR A 279 -66.18 -4.30 -14.08
N HIS A 280 -67.26 -3.55 -14.27
CA HIS A 280 -67.30 -2.57 -15.36
C HIS A 280 -66.30 -1.45 -15.11
N ASP A 281 -66.40 -0.87 -13.91
CA ASP A 281 -65.48 0.15 -13.45
C ASP A 281 -64.04 -0.30 -13.62
N LEU A 282 -63.77 -1.53 -13.18
CA LEU A 282 -62.43 -2.09 -13.30
C LEU A 282 -62.03 -2.32 -14.74
N MET A 283 -63.01 -2.54 -15.62
CA MET A 283 -62.72 -2.70 -17.03
C MET A 283 -62.23 -1.39 -17.62
N GLU A 284 -62.91 -0.29 -17.31
CA GLU A 284 -62.47 1.00 -17.82
C GLU A 284 -61.14 1.46 -17.20
N ILE A 285 -61.01 1.27 -15.88
CA ILE A 285 -59.75 1.57 -15.19
C ILE A 285 -58.59 0.77 -15.77
N THR A 286 -58.84 -0.49 -16.09
CA THR A 286 -57.84 -1.35 -16.72
C THR A 286 -57.49 -0.80 -18.10
N GLU A 287 -58.51 -0.41 -18.85
CA GLU A 287 -58.31 0.16 -20.18
C GLU A 287 -57.35 1.35 -20.13
N LYS A 288 -57.67 2.33 -19.30
CA LYS A 288 -56.83 3.53 -19.25
C LYS A 288 -55.46 3.27 -18.64
N MET A 289 -55.38 2.36 -17.65
CA MET A 289 -54.10 2.04 -17.05
C MET A 289 -53.16 1.41 -18.07
N VAL A 290 -53.64 0.39 -18.76
CA VAL A 290 -52.82 -0.33 -19.73
C VAL A 290 -52.47 0.55 -20.93
N SER A 291 -53.47 1.20 -21.51
CA SER A 291 -53.26 2.07 -22.65
C SER A 291 -52.30 3.21 -22.32
N GLY A 292 -52.49 3.80 -21.14
CA GLY A 292 -51.66 4.89 -20.69
C GLY A 292 -50.24 4.45 -20.41
N MET A 293 -50.09 3.23 -19.89
CA MET A 293 -48.77 2.66 -19.64
C MET A 293 -48.02 2.47 -20.94
N VAL A 294 -48.67 1.78 -21.88
CA VAL A 294 -48.10 1.52 -23.19
C VAL A 294 -47.72 2.82 -23.90
N LYS A 295 -48.62 3.81 -23.83
CA LYS A 295 -48.39 5.10 -24.48
C LYS A 295 -47.25 5.87 -23.84
N HIS A 296 -47.18 5.86 -22.52
CA HIS A 296 -46.14 6.58 -21.80
C HIS A 296 -44.76 5.97 -22.04
N ILE A 297 -44.69 4.64 -21.98
CA ILE A 297 -43.42 3.95 -22.12
C ILE A 297 -42.93 3.88 -23.57
N THR A 298 -43.79 3.43 -24.48
CA THR A 298 -43.37 3.21 -25.87
C THR A 298 -43.60 4.42 -26.76
N GLY A 299 -44.29 5.44 -26.24
CA GLY A 299 -44.55 6.64 -27.00
C GLY A 299 -45.76 6.54 -27.91
N SER A 300 -46.40 5.37 -27.91
CA SER A 300 -47.53 5.12 -28.79
C SER A 300 -48.48 4.07 -28.22
N TYR A 301 -49.70 4.01 -28.77
CA TYR A 301 -50.66 3.00 -28.37
C TYR A 301 -50.41 1.65 -29.05
N LYS A 302 -49.63 1.67 -30.13
CA LYS A 302 -49.41 0.46 -30.91
C LYS A 302 -47.99 -0.07 -30.78
N VAL A 303 -47.86 -1.34 -30.43
CA VAL A 303 -46.56 -1.96 -30.20
C VAL A 303 -46.33 -3.18 -31.09
N THR A 304 -45.18 -3.24 -31.74
CA THR A 304 -44.82 -4.40 -32.54
C THR A 304 -44.33 -5.52 -31.64
N TYR A 305 -44.86 -6.73 -31.84
CA TYR A 305 -44.49 -7.87 -31.02
C TYR A 305 -44.26 -9.12 -31.86
N HIS A 306 -43.19 -9.85 -31.53
CA HIS A 306 -42.90 -11.11 -32.19
C HIS A 306 -43.18 -12.27 -31.25
N PRO A 307 -44.28 -13.00 -31.48
CA PRO A 307 -44.63 -14.17 -30.66
C PRO A 307 -43.65 -15.32 -30.85
N ASP A 308 -43.17 -15.50 -32.07
CA ASP A 308 -42.26 -16.59 -32.39
C ASP A 308 -40.80 -16.17 -32.40
N GLY A 309 -40.56 -14.90 -32.09
CA GLY A 309 -39.20 -14.37 -32.08
C GLY A 309 -38.90 -13.49 -33.28
N PRO A 310 -37.70 -12.86 -33.29
CA PRO A 310 -37.29 -11.89 -34.31
C PRO A 310 -37.28 -12.48 -35.72
N GLU A 311 -37.09 -13.78 -35.84
CA GLU A 311 -37.03 -14.42 -37.15
C GLU A 311 -38.42 -14.81 -37.63
N GLY A 312 -39.41 -14.68 -36.75
CA GLY A 312 -40.79 -15.00 -37.09
C GLY A 312 -41.58 -13.77 -37.48
N GLN A 313 -42.87 -13.95 -37.74
CA GLN A 313 -43.74 -12.84 -38.13
C GLN A 313 -44.03 -11.96 -36.92
N ALA A 314 -44.16 -10.65 -37.17
CA ALA A 314 -44.51 -9.70 -36.13
C ALA A 314 -45.95 -9.24 -36.30
N TYR A 315 -46.64 -9.07 -35.17
CA TYR A 315 -47.99 -8.49 -35.18
C TYR A 315 -47.92 -7.09 -34.59
N ASP A 316 -48.86 -6.23 -35.01
CA ASP A 316 -49.05 -4.96 -34.35
C ASP A 316 -50.17 -5.08 -33.32
N VAL A 317 -49.85 -4.81 -32.06
CA VAL A 317 -50.84 -4.82 -31.00
C VAL A 317 -51.32 -3.39 -30.75
N ASP A 318 -52.63 -3.19 -30.88
CA ASP A 318 -53.20 -1.86 -30.73
C ASP A 318 -53.85 -1.70 -29.35
N PHE A 319 -53.22 -0.89 -28.50
CA PHE A 319 -53.69 -0.69 -27.13
C PHE A 319 -54.65 0.49 -27.03
N THR A 320 -55.00 1.06 -28.18
CA THR A 320 -55.96 2.16 -28.23
C THR A 320 -57.29 1.76 -27.60
N PRO A 321 -57.72 2.50 -26.56
CA PRO A 321 -58.98 2.24 -25.87
C PRO A 321 -60.19 2.70 -26.69
N PRO A 322 -61.38 2.13 -26.44
CA PRO A 322 -61.62 1.04 -25.49
C PRO A 322 -61.21 -0.32 -26.04
N PHE A 323 -60.91 -1.26 -25.15
CA PHE A 323 -60.53 -2.60 -25.56
C PHE A 323 -61.77 -3.37 -26.01
N ARG A 324 -61.60 -4.33 -26.92
CA ARG A 324 -62.72 -5.13 -27.40
C ARG A 324 -63.27 -6.00 -26.26
N ARG A 325 -64.59 -6.01 -26.14
CA ARG A 325 -65.26 -6.80 -25.11
C ARG A 325 -65.93 -8.02 -25.71
N ILE A 326 -65.72 -9.18 -25.09
CA ILE A 326 -66.35 -10.40 -25.56
C ILE A 326 -66.94 -11.20 -24.41
N ASN A 327 -68.12 -11.77 -24.63
CA ASN A 327 -68.77 -12.63 -23.64
C ASN A 327 -68.43 -14.09 -23.92
N MET A 328 -67.97 -14.80 -22.89
CA MET A 328 -67.44 -16.15 -23.07
C MET A 328 -68.43 -17.11 -23.73
N VAL A 329 -69.50 -17.45 -23.03
CA VAL A 329 -70.46 -18.45 -23.52
C VAL A 329 -71.12 -18.02 -24.83
N GLU A 330 -71.58 -16.78 -24.86
CA GLU A 330 -72.21 -16.17 -26.04
C GLU A 330 -71.39 -16.33 -27.32
N GLU A 331 -70.22 -15.71 -27.33
CA GLU A 331 -69.37 -15.77 -28.52
C GLU A 331 -68.73 -17.13 -28.72
N LEU A 332 -68.74 -17.97 -27.69
CA LEU A 332 -68.29 -19.35 -27.86
C LEU A 332 -69.33 -20.07 -28.70
N GLU A 333 -70.60 -19.76 -28.45
CA GLU A 333 -71.69 -20.26 -29.28
C GLU A 333 -71.53 -19.73 -30.69
N LYS A 334 -71.14 -18.46 -30.82
CA LYS A 334 -70.90 -17.89 -32.14
C LYS A 334 -69.80 -18.62 -32.92
N ALA A 335 -68.70 -18.91 -32.23
CA ALA A 335 -67.52 -19.51 -32.86
C ALA A 335 -67.69 -20.99 -33.12
N LEU A 336 -68.46 -21.66 -32.28
CA LEU A 336 -68.72 -23.09 -32.44
C LEU A 336 -69.75 -23.36 -33.54
N GLY A 337 -70.63 -22.38 -33.75
CA GLY A 337 -71.73 -22.57 -34.68
C GLY A 337 -72.77 -23.50 -34.08
N MET A 338 -72.73 -23.63 -32.76
CA MET A 338 -73.65 -24.50 -32.04
C MET A 338 -74.27 -23.78 -30.86
N LYS A 339 -75.38 -24.31 -30.35
CA LYS A 339 -76.04 -23.73 -29.18
C LYS A 339 -75.64 -24.48 -27.92
N LEU A 340 -75.11 -23.75 -26.94
CA LEU A 340 -74.73 -24.33 -25.66
C LEU A 340 -75.91 -24.32 -24.69
N PRO A 341 -75.92 -25.25 -23.73
CA PRO A 341 -76.98 -25.28 -22.71
C PRO A 341 -77.09 -23.96 -21.96
N GLU A 342 -78.27 -23.63 -21.45
CA GLU A 342 -78.46 -22.40 -20.71
C GLU A 342 -77.56 -22.38 -19.48
N THR A 343 -77.11 -21.18 -19.12
CA THR A 343 -76.05 -21.01 -18.14
C THR A 343 -76.41 -21.49 -16.73
N ASN A 344 -77.69 -21.76 -16.49
CA ASN A 344 -78.14 -22.27 -15.21
C ASN A 344 -77.90 -23.78 -15.09
N LEU A 345 -77.71 -24.42 -16.23
CA LEU A 345 -77.60 -25.88 -16.31
C LEU A 345 -76.17 -26.41 -16.35
N PHE A 346 -75.19 -25.53 -16.24
CA PHE A 346 -73.79 -25.90 -16.53
C PHE A 346 -73.15 -26.94 -15.60
N GLU A 347 -73.70 -27.11 -14.40
CA GLU A 347 -73.14 -28.10 -13.47
C GLU A 347 -73.74 -29.48 -13.71
N THR A 348 -74.69 -29.56 -14.63
CA THR A 348 -75.35 -30.81 -14.95
C THR A 348 -74.43 -31.73 -15.75
N GLU A 349 -74.44 -33.02 -15.42
CA GLU A 349 -73.65 -34.01 -16.15
C GLU A 349 -74.12 -34.14 -17.59
N GLU A 350 -75.38 -33.78 -17.83
CA GLU A 350 -75.91 -33.74 -19.18
C GLU A 350 -75.18 -32.66 -20.00
N THR A 351 -75.02 -31.49 -19.39
CA THR A 351 -74.28 -30.39 -20.00
C THR A 351 -72.83 -30.78 -20.21
N ARG A 352 -72.27 -31.53 -19.26
CA ARG A 352 -70.91 -32.04 -19.35
C ARG A 352 -70.78 -32.97 -20.56
N LYS A 353 -71.78 -33.82 -20.77
CA LYS A 353 -71.78 -34.72 -21.91
C LYS A 353 -71.90 -33.95 -23.23
N ILE A 354 -72.74 -32.93 -23.22
CA ILE A 354 -72.91 -32.06 -24.39
C ILE A 354 -71.58 -31.39 -24.76
N LEU A 355 -70.92 -30.82 -23.77
CA LEU A 355 -69.62 -30.19 -23.97
C LEU A 355 -68.58 -31.21 -24.43
N ASP A 356 -68.72 -32.45 -23.96
CA ASP A 356 -67.83 -33.52 -24.36
C ASP A 356 -67.97 -33.82 -25.85
N ASP A 357 -69.22 -34.00 -26.28
CA ASP A 357 -69.51 -34.29 -27.68
C ASP A 357 -69.11 -33.14 -28.59
N ILE A 358 -69.31 -31.91 -28.11
CA ILE A 358 -68.88 -30.74 -28.87
C ILE A 358 -67.36 -30.70 -28.99
N CYS A 359 -66.68 -31.01 -27.89
CA CYS A 359 -65.22 -31.02 -27.89
C CYS A 359 -64.64 -32.07 -28.82
N VAL A 360 -65.24 -33.26 -28.84
CA VAL A 360 -64.75 -34.33 -29.70
C VAL A 360 -65.14 -34.07 -31.15
N ALA A 361 -66.22 -33.33 -31.36
CA ALA A 361 -66.67 -32.99 -32.71
C ALA A 361 -65.78 -31.92 -33.33
N LYS A 362 -65.24 -31.04 -32.50
CA LYS A 362 -64.36 -29.97 -32.97
C LYS A 362 -62.88 -30.38 -32.88
N ALA A 363 -62.64 -31.61 -32.46
CA ALA A 363 -61.29 -32.13 -32.27
C ALA A 363 -60.48 -31.28 -31.30
N VAL A 364 -61.09 -30.91 -30.19
CA VAL A 364 -60.41 -30.16 -29.13
C VAL A 364 -60.04 -31.09 -27.99
N GLU A 365 -58.75 -31.30 -27.78
CA GLU A 365 -58.26 -32.27 -26.81
C GLU A 365 -58.37 -31.76 -25.36
N CYS A 366 -58.91 -32.61 -24.50
CA CYS A 366 -59.00 -32.32 -23.07
C CYS A 366 -58.59 -33.51 -22.21
N PRO A 367 -57.30 -33.60 -21.88
CA PRO A 367 -56.76 -34.69 -21.05
C PRO A 367 -57.48 -34.84 -19.71
N PRO A 368 -57.55 -36.07 -19.18
CA PRO A 368 -58.20 -36.36 -17.90
C PRO A 368 -57.60 -35.58 -16.72
N PRO A 369 -58.41 -35.29 -15.69
CA PRO A 369 -59.83 -35.61 -15.62
C PRO A 369 -60.67 -34.71 -16.51
N ARG A 370 -61.73 -35.24 -17.08
CA ARG A 370 -62.52 -34.49 -18.03
C ARG A 370 -63.76 -33.94 -17.33
N THR A 371 -63.76 -32.63 -17.12
CA THR A 371 -64.84 -31.96 -16.40
C THR A 371 -65.42 -30.85 -17.25
N THR A 372 -66.60 -30.39 -16.88
CA THR A 372 -67.27 -29.28 -17.57
C THR A 372 -66.34 -28.07 -17.66
N ALA A 373 -65.65 -27.79 -16.56
CA ALA A 373 -64.77 -26.63 -16.48
C ALA A 373 -63.53 -26.75 -17.35
N ARG A 374 -62.94 -27.94 -17.38
CA ARG A 374 -61.73 -28.17 -18.18
C ARG A 374 -62.06 -28.18 -19.67
N LEU A 375 -63.16 -28.85 -20.02
CA LEU A 375 -63.66 -28.86 -21.39
C LEU A 375 -63.95 -27.45 -21.87
N LEU A 376 -64.62 -26.68 -21.02
CA LEU A 376 -64.97 -25.30 -21.35
C LEU A 376 -63.73 -24.43 -21.48
N ASP A 377 -62.74 -24.66 -20.61
CA ASP A 377 -61.52 -23.87 -20.63
C ASP A 377 -60.72 -24.15 -21.90
N LYS A 378 -60.59 -25.41 -22.26
CA LYS A 378 -59.86 -25.78 -23.47
C LYS A 378 -60.60 -25.29 -24.72
N LEU A 379 -61.92 -25.34 -24.66
CA LEU A 379 -62.75 -24.89 -25.77
C LEU A 379 -62.61 -23.38 -25.99
N VAL A 380 -62.67 -22.63 -24.90
CA VAL A 380 -62.49 -21.18 -24.94
C VAL A 380 -61.08 -20.84 -25.41
N GLY A 381 -60.11 -21.60 -24.93
CA GLY A 381 -58.72 -21.41 -25.32
C GLY A 381 -58.53 -21.60 -26.81
N GLU A 382 -59.25 -22.59 -27.36
CA GLU A 382 -59.15 -22.87 -28.78
C GLU A 382 -59.88 -21.85 -29.66
N PHE A 383 -61.15 -21.57 -29.35
CA PHE A 383 -61.97 -20.73 -30.21
C PHE A 383 -62.00 -19.23 -29.88
N LEU A 384 -61.52 -18.84 -28.71
CA LEU A 384 -61.65 -17.45 -28.27
C LEU A 384 -60.31 -16.76 -28.05
N GLU A 385 -59.53 -17.29 -27.11
CA GLU A 385 -58.24 -16.70 -26.74
C GLU A 385 -57.31 -16.49 -27.93
N VAL A 386 -57.45 -17.33 -28.96
CA VAL A 386 -56.61 -17.23 -30.14
C VAL A 386 -56.95 -16.00 -30.98
N THR A 387 -58.15 -15.46 -30.79
CA THR A 387 -58.60 -14.31 -31.56
C THR A 387 -58.22 -13.00 -30.87
N CYS A 388 -57.51 -13.11 -29.75
CA CYS A 388 -57.08 -11.93 -29.04
C CYS A 388 -55.63 -11.59 -29.35
N ILE A 389 -55.45 -10.54 -30.14
CA ILE A 389 -54.13 -10.02 -30.45
C ILE A 389 -54.00 -8.69 -29.73
N ASN A 390 -54.85 -7.75 -30.13
CA ASN A 390 -55.06 -6.53 -29.36
C ASN A 390 -55.61 -6.89 -27.99
N PRO A 391 -55.44 -6.01 -26.99
CA PRO A 391 -56.02 -6.26 -25.67
C PRO A 391 -57.52 -6.52 -25.76
N THR A 392 -57.98 -7.62 -25.17
CA THR A 392 -59.37 -8.03 -25.31
C THR A 392 -59.93 -8.58 -24.00
N PHE A 393 -61.14 -8.14 -23.65
CA PHE A 393 -61.81 -8.61 -22.45
C PHE A 393 -62.69 -9.83 -22.72
N ILE A 394 -62.40 -10.92 -22.02
CA ILE A 394 -63.29 -12.09 -22.04
C ILE A 394 -64.10 -12.08 -20.75
N CYS A 395 -65.42 -12.01 -20.87
CA CYS A 395 -66.26 -11.65 -19.72
C CYS A 395 -67.32 -12.69 -19.35
N ASP A 396 -67.87 -12.53 -18.15
CA ASP A 396 -69.00 -13.31 -17.67
C ASP A 396 -68.74 -14.82 -17.62
N HIS A 397 -67.65 -15.20 -16.96
CA HIS A 397 -67.32 -16.60 -16.75
C HIS A 397 -68.41 -17.31 -15.94
N PRO A 398 -68.65 -18.60 -16.23
CA PRO A 398 -69.55 -19.42 -15.42
C PRO A 398 -69.06 -19.55 -13.98
N GLN A 399 -69.97 -19.82 -13.06
CA GLN A 399 -69.65 -19.89 -11.64
C GLN A 399 -68.63 -21.00 -11.33
N ILE A 400 -68.67 -22.07 -12.11
CA ILE A 400 -67.80 -23.22 -11.90
C ILE A 400 -66.32 -22.89 -12.15
N MET A 401 -66.07 -21.89 -12.99
CA MET A 401 -64.70 -21.49 -13.29
C MET A 401 -64.22 -20.38 -12.35
N SER A 402 -65.16 -19.85 -11.56
CA SER A 402 -64.85 -18.69 -10.72
C SER A 402 -65.49 -18.81 -9.34
N PRO A 403 -64.84 -19.56 -8.43
CA PRO A 403 -65.36 -19.78 -7.08
C PRO A 403 -65.36 -18.53 -6.20
N LEU A 404 -64.44 -17.60 -6.47
CA LEU A 404 -64.34 -16.39 -5.66
C LEU A 404 -65.07 -15.20 -6.25
N ALA A 405 -65.67 -15.38 -7.43
CA ALA A 405 -66.34 -14.28 -8.12
C ALA A 405 -67.83 -14.23 -7.78
N LYS A 406 -68.36 -13.02 -7.65
CA LYS A 406 -69.76 -12.81 -7.35
C LYS A 406 -70.64 -13.19 -8.54
N TRP A 407 -71.79 -13.80 -8.25
CA TRP A 407 -72.71 -14.25 -9.28
C TRP A 407 -73.16 -13.08 -10.15
N HIS A 408 -73.40 -13.34 -11.44
CA HIS A 408 -73.85 -12.32 -12.36
C HIS A 408 -75.23 -11.83 -11.95
N ARG A 409 -75.41 -10.51 -11.94
CA ARG A 409 -76.66 -9.93 -11.44
C ARG A 409 -77.85 -10.29 -12.35
N SER A 410 -77.68 -10.14 -13.66
CA SER A 410 -78.75 -10.45 -14.60
C SER A 410 -78.68 -11.86 -15.21
N LYS A 411 -77.57 -12.55 -15.01
CA LYS A 411 -77.37 -13.82 -15.71
C LYS A 411 -77.22 -15.01 -14.76
N GLU A 412 -78.21 -15.91 -14.82
CA GLU A 412 -78.23 -17.11 -14.00
C GLU A 412 -77.06 -18.03 -14.29
N GLY A 413 -76.33 -18.43 -13.25
CA GLY A 413 -75.27 -19.42 -13.39
C GLY A 413 -73.91 -18.84 -13.74
N LEU A 414 -73.87 -17.58 -14.15
CA LEU A 414 -72.60 -16.94 -14.48
C LEU A 414 -72.12 -16.06 -13.33
N THR A 415 -70.97 -15.43 -13.53
CA THR A 415 -70.39 -14.54 -12.53
C THR A 415 -70.01 -13.23 -13.19
N GLU A 416 -69.67 -12.23 -12.39
CA GLU A 416 -69.21 -10.98 -12.96
C GLU A 416 -67.69 -10.99 -12.89
N ARG A 417 -67.07 -11.23 -14.03
CA ARG A 417 -65.63 -11.45 -14.11
C ARG A 417 -65.13 -11.12 -15.51
N PHE A 418 -63.89 -10.67 -15.62
CA PHE A 418 -63.27 -10.55 -16.93
C PHE A 418 -61.80 -10.94 -16.88
N GLU A 419 -61.27 -11.38 -18.02
CA GLU A 419 -59.86 -11.62 -18.20
C GLU A 419 -59.35 -10.77 -19.35
N LEU A 420 -58.19 -10.15 -19.18
CA LEU A 420 -57.60 -9.36 -20.25
C LEU A 420 -56.55 -10.18 -20.99
N PHE A 421 -56.80 -10.40 -22.27
CA PHE A 421 -55.88 -11.16 -23.11
C PHE A 421 -55.14 -10.26 -24.09
N VAL A 422 -53.82 -10.40 -24.09
CA VAL A 422 -52.95 -9.79 -25.07
C VAL A 422 -52.09 -10.89 -25.69
N MET A 423 -52.03 -10.90 -27.02
CA MET A 423 -51.27 -11.92 -27.74
C MET A 423 -51.62 -13.33 -27.32
N LYS A 424 -52.93 -13.58 -27.21
CA LYS A 424 -53.46 -14.91 -26.88
C LYS A 424 -53.15 -15.34 -25.45
N LYS A 425 -52.44 -14.49 -24.71
CA LYS A 425 -52.08 -14.82 -23.32
C LYS A 425 -52.81 -13.93 -22.32
N GLU A 426 -53.06 -14.47 -21.12
CA GLU A 426 -53.83 -13.76 -20.11
C GLU A 426 -52.94 -12.93 -19.18
N ILE A 427 -53.03 -11.61 -19.30
CA ILE A 427 -52.24 -10.74 -18.41
C ILE A 427 -52.99 -10.26 -17.18
N CYS A 428 -54.31 -10.46 -17.17
CA CYS A 428 -55.15 -9.91 -16.10
C CYS A 428 -56.33 -10.79 -15.74
N ASN A 429 -56.64 -10.83 -14.45
CA ASN A 429 -57.82 -11.51 -13.94
C ASN A 429 -58.50 -10.64 -12.89
N ALA A 430 -59.77 -10.34 -13.10
CA ALA A 430 -60.48 -9.43 -12.20
C ALA A 430 -61.96 -9.75 -12.14
N TYR A 431 -62.58 -9.48 -11.00
CA TYR A 431 -64.02 -9.69 -10.87
C TYR A 431 -64.66 -8.91 -9.73
N THR A 432 -65.97 -8.74 -9.81
CA THR A 432 -66.74 -8.24 -8.68
C THR A 432 -66.64 -9.26 -7.57
N GLU A 433 -66.17 -8.82 -6.40
CA GLU A 433 -65.89 -9.75 -5.32
C GLU A 433 -67.16 -10.30 -4.68
N LEU A 434 -67.14 -11.58 -4.33
CA LEU A 434 -68.27 -12.17 -3.65
C LEU A 434 -68.21 -11.80 -2.17
N ASN A 435 -69.19 -11.01 -1.74
CA ASN A 435 -69.23 -10.55 -0.35
C ASN A 435 -70.21 -11.32 0.52
N ASP A 436 -70.89 -12.31 -0.06
CA ASP A 436 -71.86 -13.10 0.68
C ASP A 436 -71.16 -14.27 1.36
N PRO A 437 -71.06 -14.22 2.70
CA PRO A 437 -70.31 -15.20 3.49
C PRO A 437 -70.88 -16.62 3.39
N MET A 438 -72.19 -16.76 3.39
CA MET A 438 -72.83 -18.07 3.30
C MET A 438 -72.55 -18.73 1.96
N ARG A 439 -72.77 -17.98 0.88
CA ARG A 439 -72.51 -18.48 -0.47
C ARG A 439 -71.04 -18.79 -0.67
N GLN A 440 -70.18 -17.95 -0.10
CA GLN A 440 -68.74 -18.14 -0.19
C GLN A 440 -68.30 -19.42 0.51
N ARG A 441 -68.82 -19.62 1.72
CA ARG A 441 -68.52 -20.82 2.49
C ARG A 441 -69.05 -22.06 1.80
N GLN A 442 -70.18 -21.92 1.11
CA GLN A 442 -70.75 -23.04 0.37
C GLN A 442 -69.87 -23.42 -0.82
N LEU A 443 -69.50 -22.42 -1.62
CA LEU A 443 -68.61 -22.65 -2.76
C LEU A 443 -67.30 -23.27 -2.27
N PHE A 444 -66.83 -22.82 -1.11
CA PHE A 444 -65.67 -23.42 -0.47
C PHE A 444 -65.92 -24.88 -0.08
N GLU A 445 -67.16 -25.19 0.29
CA GLU A 445 -67.52 -26.58 0.61
C GLU A 445 -67.45 -27.45 -0.63
N GLU A 446 -67.98 -26.95 -1.75
CA GLU A 446 -67.91 -27.67 -3.01
C GLU A 446 -66.45 -27.90 -3.41
N GLN A 447 -65.64 -26.85 -3.25
CA GLN A 447 -64.21 -26.95 -3.54
C GLN A 447 -63.53 -27.97 -2.63
N ALA A 448 -63.98 -28.07 -1.39
CA ALA A 448 -63.41 -28.98 -0.41
C ALA A 448 -63.73 -30.43 -0.75
N LYS A 449 -65.00 -30.68 -1.10
CA LYS A 449 -65.44 -32.02 -1.50
C LYS A 449 -64.72 -32.45 -2.77
N ALA A 450 -64.62 -31.52 -3.73
CA ALA A 450 -63.93 -31.78 -4.98
C ALA A 450 -62.44 -31.98 -4.75
N LYS A 451 -61.92 -31.44 -3.65
CA LYS A 451 -60.52 -31.59 -3.32
C LYS A 451 -60.23 -32.97 -2.72
N ALA A 452 -61.16 -33.46 -1.90
CA ALA A 452 -60.99 -34.73 -1.19
C ALA A 452 -61.17 -35.95 -2.09
N ALA A 453 -61.62 -35.72 -3.33
CA ALA A 453 -61.87 -36.79 -4.27
C ALA A 453 -61.14 -36.52 -5.58
N GLY A 454 -61.54 -35.41 -6.19
CA GLY A 454 -61.05 -34.97 -7.48
C GLY A 454 -59.83 -34.10 -7.28
N ASP A 455 -59.81 -33.01 -8.04
CA ASP A 455 -58.71 -32.07 -8.21
C ASP A 455 -58.00 -31.68 -6.91
N ASP A 456 -56.67 -31.81 -6.93
CA ASP A 456 -55.82 -31.54 -5.78
C ASP A 456 -55.26 -30.12 -5.69
N GLU A 457 -55.39 -29.33 -6.76
CA GLU A 457 -54.98 -27.93 -6.67
C GLU A 457 -56.21 -27.09 -6.33
N ALA A 458 -57.33 -27.78 -6.10
CA ALA A 458 -58.59 -27.13 -5.73
C ALA A 458 -58.48 -26.42 -4.40
N MET A 459 -59.24 -25.35 -4.24
CA MET A 459 -59.12 -24.47 -3.09
C MET A 459 -59.53 -25.13 -1.77
N PHE A 460 -58.84 -24.73 -0.71
CA PHE A 460 -59.13 -25.19 0.64
C PHE A 460 -60.01 -24.15 1.33
N ILE A 461 -60.94 -24.61 2.17
CA ILE A 461 -61.81 -23.69 2.89
C ILE A 461 -61.04 -22.82 3.87
N ASP A 462 -61.24 -21.52 3.78
CA ASP A 462 -60.63 -20.59 4.72
C ASP A 462 -61.71 -20.03 5.65
N GLU A 463 -61.66 -20.45 6.91
CA GLU A 463 -62.68 -20.06 7.88
C GLU A 463 -62.46 -18.64 8.41
N ASN A 464 -61.19 -18.23 8.49
CA ASN A 464 -60.87 -16.88 8.93
C ASN A 464 -61.41 -15.84 7.96
N PHE A 465 -61.30 -16.14 6.68
CA PHE A 465 -61.76 -15.23 5.62
C PHE A 465 -63.29 -15.12 5.60
N CYS A 466 -63.97 -16.25 5.78
CA CYS A 466 -65.42 -16.25 5.84
C CYS A 466 -65.90 -15.51 7.08
N THR A 467 -65.20 -15.72 8.19
CA THR A 467 -65.47 -15.01 9.43
C THR A 467 -65.31 -13.50 9.21
N ALA A 468 -64.30 -13.12 8.44
CA ALA A 468 -64.08 -11.72 8.09
C ALA A 468 -65.24 -11.21 7.25
N LEU A 469 -65.75 -12.06 6.36
CA LEU A 469 -66.89 -11.70 5.51
C LEU A 469 -68.16 -11.54 6.34
N GLU A 470 -68.21 -12.19 7.51
CA GLU A 470 -69.38 -12.11 8.37
C GLU A 470 -69.51 -10.76 9.07
N TYR A 471 -68.38 -10.05 9.22
CA TYR A 471 -68.42 -8.68 9.74
C TYR A 471 -68.81 -7.74 8.60
N GLY A 472 -68.83 -8.31 7.40
CA GLY A 472 -69.34 -7.68 6.21
C GLY A 472 -68.26 -7.09 5.34
N LEU A 473 -68.44 -7.25 4.03
CA LEU A 473 -67.57 -6.69 3.02
C LEU A 473 -68.39 -5.78 2.12
N PRO A 474 -68.08 -4.49 2.09
CA PRO A 474 -68.77 -3.58 1.17
C PRO A 474 -68.66 -4.09 -0.25
N PRO A 475 -69.64 -3.77 -1.12
CA PRO A 475 -69.51 -4.19 -2.51
C PRO A 475 -68.17 -3.74 -3.05
N THR A 476 -67.42 -4.65 -3.64
CA THR A 476 -66.01 -4.40 -3.94
C THR A 476 -65.60 -5.17 -5.18
N ALA A 477 -64.74 -4.57 -5.99
CA ALA A 477 -64.20 -5.26 -7.16
C ALA A 477 -62.70 -5.47 -7.01
N GLY A 478 -62.28 -6.72 -7.20
CA GLY A 478 -60.88 -7.07 -7.19
C GLY A 478 -60.27 -7.21 -8.57
N TRP A 479 -58.95 -7.07 -8.62
CA TRP A 479 -58.22 -7.04 -9.87
C TRP A 479 -56.79 -7.55 -9.67
N GLY A 480 -56.24 -8.20 -10.68
CA GLY A 480 -54.87 -8.66 -10.62
C GLY A 480 -54.24 -8.76 -12.00
N MET A 481 -52.91 -8.61 -12.03
CA MET A 481 -52.17 -8.61 -13.28
C MET A 481 -50.81 -9.28 -13.13
N GLY A 482 -50.48 -10.16 -14.05
CA GLY A 482 -49.12 -10.66 -14.15
C GLY A 482 -48.21 -9.54 -14.62
N ILE A 483 -47.20 -9.21 -13.83
CA ILE A 483 -46.28 -8.14 -14.18
C ILE A 483 -45.29 -8.60 -15.24
N ASP A 484 -44.83 -9.84 -15.08
CA ASP A 484 -43.80 -10.41 -15.95
C ASP A 484 -44.28 -10.53 -17.39
N ARG A 485 -45.55 -10.89 -17.58
CA ARG A 485 -46.10 -11.05 -18.92
C ARG A 485 -46.26 -9.71 -19.63
N VAL A 486 -46.76 -8.71 -18.89
CA VAL A 486 -46.85 -7.36 -19.40
C VAL A 486 -45.46 -6.87 -19.80
N ALA A 487 -44.48 -7.19 -18.97
CA ALA A 487 -43.08 -6.87 -19.25
C ALA A 487 -42.62 -7.54 -20.56
N MET A 488 -42.99 -8.81 -20.73
CA MET A 488 -42.69 -9.55 -21.94
C MET A 488 -43.22 -8.82 -23.17
N PHE A 489 -44.47 -8.39 -23.08
CA PHE A 489 -45.14 -7.76 -24.22
C PHE A 489 -44.59 -6.37 -24.52
N LEU A 490 -44.17 -5.65 -23.49
CA LEU A 490 -43.61 -4.31 -23.71
C LEU A 490 -42.12 -4.35 -24.03
N THR A 491 -41.46 -5.46 -23.75
CA THR A 491 -40.05 -5.64 -24.11
C THR A 491 -39.87 -6.44 -25.39
N ASP A 492 -40.99 -6.83 -26.00
CA ASP A 492 -40.99 -7.70 -27.18
C ASP A 492 -40.24 -9.01 -26.89
N SER A 493 -40.65 -9.70 -25.83
CA SER A 493 -40.05 -10.97 -25.46
C SER A 493 -41.05 -12.12 -25.49
N ASN A 494 -40.67 -13.22 -26.13
CA ASN A 494 -41.52 -14.41 -26.18
C ASN A 494 -41.19 -15.39 -25.07
N ASN A 495 -40.20 -15.04 -24.26
CA ASN A 495 -39.76 -15.88 -23.15
C ASN A 495 -39.75 -15.07 -21.86
N ILE A 496 -40.38 -15.61 -20.81
CA ILE A 496 -40.49 -14.90 -19.55
C ILE A 496 -39.11 -14.75 -18.89
N LYS A 497 -38.20 -15.67 -19.20
CA LYS A 497 -36.85 -15.64 -18.67
C LYS A 497 -36.13 -14.35 -19.07
N GLU A 498 -36.60 -13.74 -20.15
CA GLU A 498 -36.03 -12.48 -20.62
C GLU A 498 -36.31 -11.33 -19.66
N VAL A 499 -37.49 -11.34 -19.02
CA VAL A 499 -37.85 -10.25 -18.12
C VAL A 499 -37.54 -10.57 -16.66
N LEU A 500 -36.94 -11.73 -16.42
CA LEU A 500 -36.49 -12.11 -15.08
C LEU A 500 -34.98 -12.06 -14.98
N LEU A 501 -34.47 -11.30 -14.01
CA LEU A 501 -33.04 -11.09 -13.84
C LEU A 501 -32.28 -12.41 -13.65
N PHE A 502 -32.76 -13.23 -12.73
CA PHE A 502 -32.16 -14.54 -12.49
C PHE A 502 -33.23 -15.62 -12.49
N PRO A 503 -33.67 -16.04 -13.68
CA PRO A 503 -34.75 -17.01 -13.83
C PRO A 503 -34.39 -18.39 -13.29
N ALA A 504 -35.39 -19.17 -12.92
CA ALA A 504 -35.17 -20.53 -12.44
C ALA A 504 -34.68 -21.40 -13.60
N MET A 505 -33.55 -22.07 -13.37
CA MET A 505 -32.93 -22.89 -14.41
C MET A 505 -32.75 -24.32 -13.95
N LYS A 506 -32.94 -25.26 -14.86
CA LYS A 506 -32.69 -26.66 -14.56
C LYS A 506 -31.20 -26.96 -14.65
N PRO A 507 -30.66 -27.66 -13.64
CA PRO A 507 -29.31 -28.22 -13.52
C PRO A 507 -28.69 -28.64 -14.86
N ASP B 4 -74.69 -14.06 24.69
CA ASP B 4 -75.55 -13.07 24.08
C ASP B 4 -75.05 -12.59 22.70
N PRO B 5 -73.74 -12.31 22.56
CA PRO B 5 -73.28 -11.99 21.20
C PRO B 5 -73.39 -13.17 20.24
N ASN B 6 -73.27 -14.38 20.77
CA ASN B 6 -73.45 -15.61 19.99
C ASN B 6 -74.89 -15.71 19.48
N GLN B 7 -75.83 -15.53 20.41
CA GLN B 7 -77.26 -15.46 20.15
C GLN B 7 -77.56 -14.37 19.11
N TYR B 8 -76.85 -13.25 19.23
CA TYR B 8 -76.95 -12.14 18.28
C TYR B 8 -76.53 -12.59 16.88
N TYR B 9 -75.41 -13.30 16.80
CA TYR B 9 -74.90 -13.81 15.53
C TYR B 9 -75.91 -14.74 14.88
N LYS B 10 -76.45 -15.67 15.67
CA LYS B 10 -77.44 -16.61 15.18
C LYS B 10 -78.67 -15.89 14.64
N ILE B 11 -79.24 -15.00 15.45
CA ILE B 11 -80.43 -14.25 15.06
C ILE B 11 -80.21 -13.43 13.78
N ARG B 12 -79.13 -12.66 13.74
CA ARG B 12 -78.85 -11.81 12.59
C ARG B 12 -78.60 -12.65 11.34
N SER B 13 -77.91 -13.78 11.51
CA SER B 13 -77.66 -14.69 10.40
C SER B 13 -78.96 -15.21 9.81
N GLN B 14 -79.85 -15.69 10.69
CA GLN B 14 -81.17 -16.14 10.30
C GLN B 14 -81.93 -15.06 9.54
N ALA B 15 -81.89 -13.84 10.09
CA ALA B 15 -82.61 -12.71 9.52
C ALA B 15 -82.12 -12.35 8.12
N ILE B 16 -80.80 -12.27 7.95
CA ILE B 16 -80.22 -11.93 6.66
C ILE B 16 -80.49 -13.03 5.64
N HIS B 17 -80.35 -14.29 6.07
CA HIS B 17 -80.67 -15.42 5.21
C HIS B 17 -82.11 -15.34 4.72
N GLN B 18 -83.02 -14.97 5.63
CA GLN B 18 -84.41 -14.84 5.25
C GLN B 18 -84.65 -13.62 4.37
N LEU B 19 -83.80 -12.61 4.49
CA LEU B 19 -83.83 -11.48 3.57
C LEU B 19 -83.48 -11.98 2.17
N LYS B 20 -82.55 -12.91 2.10
CA LYS B 20 -82.18 -13.54 0.83
C LYS B 20 -83.33 -14.36 0.26
N VAL B 21 -83.94 -15.17 1.12
CA VAL B 21 -85.07 -16.01 0.71
C VAL B 21 -86.22 -15.14 0.20
N ASN B 22 -86.41 -14.00 0.83
CA ASN B 22 -87.49 -13.08 0.47
C ASN B 22 -87.13 -12.22 -0.74
N GLY B 23 -85.89 -12.31 -1.18
CA GLY B 23 -85.45 -11.67 -2.40
C GLY B 23 -85.29 -10.16 -2.33
N GLU B 24 -84.91 -9.63 -1.17
CA GLU B 24 -84.68 -8.20 -1.03
C GLU B 24 -83.21 -7.83 -1.19
N ASP B 25 -82.38 -8.83 -1.48
CA ASP B 25 -80.98 -8.60 -1.86
C ASP B 25 -80.17 -7.81 -0.82
N PRO B 26 -79.84 -8.44 0.32
CA PRO B 26 -79.04 -7.79 1.35
C PRO B 26 -77.61 -7.50 0.90
N TYR B 27 -77.17 -8.17 -0.17
CA TYR B 27 -75.84 -7.92 -0.73
C TYR B 27 -75.93 -7.47 -2.19
N PRO B 28 -76.32 -6.20 -2.41
CA PRO B 28 -76.45 -5.67 -3.78
C PRO B 28 -75.11 -5.59 -4.50
N HIS B 29 -75.14 -5.64 -5.83
CA HIS B 29 -73.92 -5.66 -6.62
C HIS B 29 -73.23 -4.31 -6.70
N LYS B 30 -73.98 -3.26 -7.02
CA LYS B 30 -73.40 -1.96 -7.30
C LYS B 30 -74.15 -0.80 -6.69
N PHE B 31 -73.43 0.02 -5.95
CA PHE B 31 -73.95 1.29 -5.46
C PHE B 31 -73.03 2.40 -5.96
N HIS B 32 -73.62 3.45 -6.53
CA HIS B 32 -72.82 4.52 -7.11
C HIS B 32 -72.57 5.60 -6.07
N VAL B 33 -71.31 5.74 -5.66
CA VAL B 33 -70.93 6.78 -4.73
C VAL B 33 -70.53 8.04 -5.50
N ASP B 34 -71.23 9.14 -5.24
CA ASP B 34 -70.95 10.40 -5.92
C ASP B 34 -69.74 11.10 -5.33
N ILE B 35 -69.61 11.04 -4.02
CA ILE B 35 -68.59 11.81 -3.32
C ILE B 35 -68.09 11.07 -2.08
N SER B 36 -66.80 11.21 -1.79
CA SER B 36 -66.21 10.60 -0.61
C SER B 36 -66.66 11.34 0.65
N LEU B 37 -66.57 10.66 1.79
CA LEU B 37 -66.96 11.27 3.07
C LEU B 37 -66.08 12.47 3.40
N THR B 38 -64.79 12.36 3.09
CA THR B 38 -63.84 13.44 3.31
C THR B 38 -64.23 14.69 2.52
N ASP B 39 -64.39 14.51 1.21
CA ASP B 39 -64.79 15.59 0.32
C ASP B 39 -66.13 16.20 0.73
N PHE B 40 -67.06 15.35 1.14
CA PHE B 40 -68.36 15.82 1.63
C PHE B 40 -68.15 16.74 2.84
N ILE B 41 -67.39 16.24 3.81
CA ILE B 41 -67.13 16.98 5.04
C ILE B 41 -66.52 18.34 4.76
N GLN B 42 -65.42 18.38 4.01
CA GLN B 42 -64.74 19.65 3.80
C GLN B 42 -65.47 20.59 2.83
N LYS B 43 -66.27 20.03 1.94
CA LYS B 43 -67.05 20.86 1.03
C LYS B 43 -68.19 21.54 1.76
N TYR B 44 -68.94 20.76 2.54
CA TYR B 44 -70.15 21.29 3.19
C TYR B 44 -69.98 21.71 4.65
N SER B 45 -68.75 21.71 5.16
CA SER B 45 -68.49 22.15 6.53
C SER B 45 -68.85 23.62 6.77
N HIS B 46 -69.00 24.38 5.70
CA HIS B 46 -69.28 25.81 5.80
C HIS B 46 -70.74 26.10 6.15
N LEU B 47 -71.57 25.05 6.14
CA LEU B 47 -72.99 25.19 6.42
C LEU B 47 -73.26 25.69 7.84
N GLN B 48 -74.30 26.49 7.99
CA GLN B 48 -74.77 26.93 9.30
C GLN B 48 -75.77 25.92 9.85
N PRO B 49 -75.87 25.83 11.18
CA PRO B 49 -76.83 24.91 11.82
C PRO B 49 -78.26 25.17 11.36
N GLY B 50 -78.97 24.11 10.98
CA GLY B 50 -80.35 24.22 10.54
C GLY B 50 -80.49 24.17 9.03
N ASP B 51 -79.37 24.35 8.33
CA ASP B 51 -79.37 24.34 6.87
C ASP B 51 -79.77 22.99 6.31
N HIS B 52 -80.66 23.01 5.31
CA HIS B 52 -81.01 21.82 4.55
C HIS B 52 -81.00 22.19 3.07
N LEU B 53 -80.08 21.61 2.31
CA LEU B 53 -80.01 21.94 0.89
C LEU B 53 -80.81 20.91 0.08
N THR B 54 -81.96 21.34 -0.43
CA THR B 54 -82.86 20.43 -1.12
C THR B 54 -82.50 20.30 -2.60
N ASP B 55 -81.70 21.24 -3.08
CA ASP B 55 -81.29 21.23 -4.49
C ASP B 55 -80.16 20.24 -4.72
N ILE B 56 -79.42 19.91 -3.67
CA ILE B 56 -78.26 19.03 -3.79
C ILE B 56 -78.56 17.62 -3.29
N THR B 57 -78.42 16.64 -4.17
CA THR B 57 -78.59 15.24 -3.81
C THR B 57 -77.31 14.46 -4.09
N LEU B 58 -76.81 13.78 -3.06
CA LEU B 58 -75.56 13.04 -3.17
C LEU B 58 -75.71 11.61 -2.64
N LYS B 59 -74.81 10.75 -3.12
CA LYS B 59 -74.74 9.38 -2.63
C LYS B 59 -73.39 9.12 -1.97
N VAL B 60 -73.42 8.64 -0.74
CA VAL B 60 -72.21 8.35 0.02
C VAL B 60 -72.33 6.95 0.60
N ALA B 61 -71.25 6.41 1.14
CA ALA B 61 -71.31 5.07 1.72
C ALA B 61 -70.37 4.91 2.91
N GLY B 62 -70.68 3.97 3.79
CA GLY B 62 -69.81 3.73 4.93
C GLY B 62 -70.29 2.66 5.90
N ARG B 63 -69.62 2.56 7.04
CA ARG B 63 -69.98 1.58 8.06
C ARG B 63 -70.59 2.26 9.28
N ILE B 64 -71.69 1.71 9.78
CA ILE B 64 -72.37 2.30 10.93
C ILE B 64 -71.68 1.93 12.24
N HIS B 65 -71.14 2.93 12.93
CA HIS B 65 -70.55 2.69 14.25
C HIS B 65 -71.52 2.97 15.39
N ALA B 66 -72.63 3.63 15.09
CA ALA B 66 -73.63 3.92 16.11
C ALA B 66 -75.03 4.10 15.53
N LYS B 67 -76.02 3.67 16.29
CA LYS B 67 -77.42 3.89 15.92
C LYS B 67 -78.18 4.41 17.14
N ARG B 68 -78.63 5.65 17.07
CA ARG B 68 -79.36 6.25 18.17
C ARG B 68 -80.67 6.84 17.70
N ALA B 69 -81.75 6.51 18.40
CA ALA B 69 -83.08 6.93 17.99
C ALA B 69 -83.70 7.92 18.97
N SER B 70 -84.32 8.96 18.42
CA SER B 70 -85.27 9.77 19.18
C SER B 70 -86.50 8.90 19.33
N GLY B 71 -86.62 7.99 18.37
CA GLY B 71 -87.35 6.74 18.50
C GLY B 71 -88.71 6.58 17.87
N GLY B 72 -89.49 7.65 17.71
CA GLY B 72 -90.62 7.54 16.82
C GLY B 72 -90.32 7.71 15.33
N LYS B 73 -90.02 8.96 14.97
CA LYS B 73 -89.76 9.33 13.58
C LYS B 73 -88.31 9.66 13.24
N LEU B 74 -87.42 9.63 14.23
CA LEU B 74 -86.07 10.15 14.03
C LEU B 74 -84.99 9.19 14.50
N ILE B 75 -84.05 8.90 13.60
CA ILE B 75 -82.94 8.01 13.91
C ILE B 75 -81.62 8.58 13.40
N PHE B 76 -80.62 8.59 14.28
CA PHE B 76 -79.30 9.07 13.92
C PHE B 76 -78.32 7.90 13.71
N TYR B 77 -77.62 7.92 12.59
CA TYR B 77 -76.57 6.94 12.33
C TYR B 77 -75.21 7.62 12.34
N ASP B 78 -74.24 7.02 13.03
CA ASP B 78 -72.88 7.52 12.95
C ASP B 78 -72.19 6.74 11.85
N LEU B 79 -71.91 7.41 10.73
CA LEU B 79 -71.39 6.73 9.56
C LEU B 79 -69.91 7.00 9.38
N ARG B 80 -69.09 5.96 9.45
CA ARG B 80 -67.65 6.15 9.41
C ARG B 80 -67.00 5.51 8.19
N GLY B 81 -65.92 6.14 7.75
CA GLY B 81 -65.11 5.64 6.65
C GLY B 81 -64.00 6.62 6.35
N GLU B 82 -62.94 6.15 5.69
CA GLU B 82 -61.80 6.99 5.31
C GLU B 82 -61.15 7.68 6.52
N GLY B 83 -61.32 7.09 7.70
CA GLY B 83 -60.77 7.67 8.92
C GLY B 83 -61.54 8.86 9.43
N VAL B 84 -62.69 9.15 8.81
CA VAL B 84 -63.55 10.24 9.25
C VAL B 84 -64.98 9.77 9.48
N LYS B 85 -65.82 10.69 9.94
CA LYS B 85 -67.21 10.38 10.28
C LYS B 85 -68.18 11.42 9.75
N LEU B 86 -69.39 10.97 9.46
CA LEU B 86 -70.48 11.81 8.99
C LEU B 86 -71.78 11.33 9.60
N GLN B 87 -72.60 12.26 10.08
CA GLN B 87 -73.86 11.88 10.69
C GLN B 87 -74.95 11.73 9.65
N VAL B 88 -75.73 10.66 9.78
CA VAL B 88 -76.92 10.48 8.97
C VAL B 88 -78.14 10.76 9.84
N MET B 89 -78.82 11.86 9.57
CA MET B 89 -80.01 12.20 10.33
C MET B 89 -81.24 11.81 9.52
N ALA B 90 -81.92 10.77 9.96
CA ALA B 90 -83.04 10.23 9.20
C ALA B 90 -84.36 10.48 9.90
N ASN B 91 -85.17 11.37 9.31
CA ASN B 91 -86.53 11.58 9.76
C ASN B 91 -87.49 11.20 8.63
N SER B 92 -88.60 10.57 9.00
CA SER B 92 -89.54 10.04 8.02
C SER B 92 -90.10 11.12 7.10
N ARG B 93 -90.11 12.36 7.57
CA ARG B 93 -90.62 13.47 6.77
C ARG B 93 -89.78 13.70 5.52
N ASN B 94 -88.47 13.57 5.66
CA ASN B 94 -87.55 13.79 4.53
C ASN B 94 -87.23 12.53 3.75
N TYR B 95 -87.63 11.37 4.26
CA TYR B 95 -87.42 10.10 3.59
C TYR B 95 -88.35 9.96 2.39
N LYS B 96 -88.04 9.01 1.51
CA LYS B 96 -88.87 8.71 0.34
C LYS B 96 -90.34 8.63 0.70
N SER B 97 -90.63 7.82 1.71
CA SER B 97 -91.94 7.75 2.33
C SER B 97 -91.77 7.18 3.73
N GLU B 98 -92.76 7.39 4.59
CA GLU B 98 -92.68 6.94 5.97
C GLU B 98 -92.54 5.42 6.09
N GLU B 99 -93.24 4.71 5.20
CA GLU B 99 -93.25 3.25 5.20
C GLU B 99 -91.84 2.69 4.94
N GLU B 100 -91.21 3.22 3.89
CA GLU B 100 -89.84 2.83 3.55
C GLU B 100 -88.89 3.15 4.70
N PHE B 101 -89.10 4.31 5.32
CA PHE B 101 -88.34 4.73 6.49
C PHE B 101 -88.40 3.67 7.58
N ILE B 102 -89.61 3.27 7.94
CA ILE B 102 -89.83 2.23 8.94
C ILE B 102 -89.14 0.92 8.58
N HIS B 103 -89.37 0.46 7.35
CA HIS B 103 -88.80 -0.80 6.89
C HIS B 103 -87.27 -0.81 6.96
N ILE B 104 -86.65 0.16 6.31
CA ILE B 104 -85.19 0.21 6.22
C ILE B 104 -84.56 0.43 7.58
N ASN B 105 -85.24 1.17 8.47
CA ASN B 105 -84.69 1.38 9.80
C ASN B 105 -84.79 0.13 10.66
N ASN B 106 -85.85 -0.64 10.45
CA ASN B 106 -85.98 -1.93 11.15
C ASN B 106 -84.97 -2.93 10.62
N LYS B 107 -84.53 -2.74 9.38
CA LYS B 107 -83.56 -3.65 8.78
C LYS B 107 -82.13 -3.43 9.30
N LEU B 108 -81.74 -2.17 9.50
CA LEU B 108 -80.35 -1.82 9.77
C LEU B 108 -79.89 -2.07 11.21
N ARG B 109 -78.61 -2.39 11.34
CA ARG B 109 -77.96 -2.58 12.64
C ARG B 109 -76.60 -1.90 12.68
N ARG B 110 -76.02 -1.79 13.88
CA ARG B 110 -74.68 -1.26 14.02
C ARG B 110 -73.64 -2.18 13.39
N GLY B 111 -72.76 -1.60 12.58
CA GLY B 111 -71.72 -2.36 11.92
C GLY B 111 -72.01 -2.60 10.45
N ASP B 112 -73.25 -2.35 10.05
CA ASP B 112 -73.67 -2.59 8.67
C ASP B 112 -73.08 -1.57 7.70
N ILE B 113 -72.68 -2.05 6.53
CA ILE B 113 -72.24 -1.21 5.43
C ILE B 113 -73.44 -0.72 4.64
N ILE B 114 -73.63 0.59 4.60
CA ILE B 114 -74.78 1.18 3.93
C ILE B 114 -74.40 2.29 2.95
N GLY B 115 -75.18 2.39 1.89
CA GLY B 115 -75.17 3.55 1.02
C GLY B 115 -76.28 4.50 1.46
N VAL B 116 -76.09 5.79 1.20
CA VAL B 116 -77.04 6.81 1.59
C VAL B 116 -77.21 7.83 0.47
N GLN B 117 -78.45 8.00 0.02
CA GLN B 117 -78.77 9.05 -0.94
C GLN B 117 -79.57 10.13 -0.24
N GLY B 118 -79.05 11.35 -0.23
CA GLY B 118 -79.69 12.41 0.51
C GLY B 118 -79.11 13.79 0.29
N ASN B 119 -79.41 14.71 1.19
CA ASN B 119 -79.01 16.10 1.03
C ASN B 119 -78.06 16.57 2.12
N PRO B 120 -77.12 17.46 1.76
CA PRO B 120 -76.24 18.07 2.77
C PRO B 120 -77.03 18.92 3.75
N GLY B 121 -76.65 18.89 5.01
CA GLY B 121 -77.34 19.68 6.03
C GLY B 121 -76.56 19.79 7.33
N LYS B 122 -77.10 20.54 8.28
CA LYS B 122 -76.49 20.64 9.60
C LYS B 122 -77.56 20.71 10.68
N THR B 123 -77.39 19.90 11.72
CA THR B 123 -78.36 19.82 12.81
C THR B 123 -78.32 21.06 13.69
N LYS B 124 -79.38 21.26 14.47
CA LYS B 124 -79.45 22.36 15.44
C LYS B 124 -78.27 22.34 16.40
N LYS B 125 -77.74 21.15 16.66
CA LYS B 125 -76.57 20.99 17.52
C LYS B 125 -75.30 21.43 16.80
N GLY B 126 -75.39 21.57 15.48
CA GLY B 126 -74.26 22.07 14.70
C GLY B 126 -73.41 20.97 14.07
N GLU B 127 -73.93 19.75 14.06
CA GLU B 127 -73.22 18.63 13.48
C GLU B 127 -73.55 18.47 12.01
N LEU B 128 -72.52 18.47 11.16
CA LEU B 128 -72.70 18.26 9.73
C LEU B 128 -73.31 16.88 9.48
N SER B 129 -74.39 16.86 8.69
CA SER B 129 -75.12 15.62 8.46
C SER B 129 -75.62 15.50 7.03
N ILE B 130 -76.00 14.29 6.66
CA ILE B 130 -76.69 14.06 5.39
C ILE B 130 -78.09 13.51 5.69
N ILE B 131 -79.09 14.13 5.09
CA ILE B 131 -80.48 13.76 5.32
C ILE B 131 -80.99 12.92 4.16
N PRO B 132 -81.17 11.61 4.41
CA PRO B 132 -81.40 10.62 3.36
C PRO B 132 -82.76 10.70 2.67
N TYR B 133 -82.74 10.63 1.34
CA TYR B 133 -83.94 10.36 0.57
C TYR B 133 -84.20 8.87 0.62
N GLU B 134 -83.12 8.08 0.54
CA GLU B 134 -83.19 6.63 0.69
C GLU B 134 -81.90 6.07 1.29
N ILE B 135 -82.04 5.05 2.13
CA ILE B 135 -80.90 4.32 2.66
C ILE B 135 -80.91 2.89 2.12
N THR B 136 -79.77 2.43 1.64
CA THR B 136 -79.66 1.07 1.10
C THR B 136 -78.64 0.26 1.89
N LEU B 137 -79.00 -0.97 2.25
CA LEU B 137 -78.06 -1.84 2.93
C LEU B 137 -77.13 -2.45 1.89
N LEU B 138 -75.85 -2.10 1.98
CA LEU B 138 -74.85 -2.62 1.05
C LEU B 138 -74.36 -3.99 1.47
N SER B 139 -74.27 -4.20 2.79
CA SER B 139 -73.91 -5.51 3.34
C SER B 139 -74.01 -5.49 4.87
N PRO B 140 -74.63 -6.52 5.43
CA PRO B 140 -74.87 -6.62 6.88
C PRO B 140 -73.66 -7.09 7.69
N CYS B 141 -73.62 -6.70 8.95
CA CYS B 141 -72.64 -7.22 9.90
C CYS B 141 -73.31 -8.23 10.81
N LEU B 142 -72.92 -9.49 10.68
CA LEU B 142 -73.59 -10.58 11.39
C LEU B 142 -73.13 -10.70 12.85
N HIS B 143 -72.07 -9.99 13.19
CA HIS B 143 -71.50 -10.08 14.53
C HIS B 143 -71.73 -8.80 15.33
N MET B 144 -71.80 -8.94 16.66
CA MET B 144 -71.88 -7.79 17.54
C MET B 144 -70.50 -7.19 17.74
N LEU B 145 -70.36 -5.91 17.39
CA LEU B 145 -69.08 -5.22 17.53
C LEU B 145 -68.83 -4.81 18.98
N PRO B 146 -67.57 -4.87 19.41
CA PRO B 146 -67.16 -4.43 20.76
C PRO B 146 -67.62 -3.00 21.05
N HIS B 147 -68.08 -2.75 22.27
CA HIS B 147 -68.77 -1.50 22.60
C HIS B 147 -67.91 -0.21 22.44
N LEU B 148 -66.73 -0.10 23.07
CA LEU B 148 -66.11 -1.09 23.96
C LEU B 148 -66.06 -0.56 25.38
N LEU B 152 -61.55 -3.24 22.19
CA LEU B 152 -60.62 -4.08 21.47
C LEU B 152 -59.19 -3.73 21.86
N LYS B 153 -58.93 -3.74 23.16
CA LYS B 153 -57.62 -3.37 23.70
C LYS B 153 -56.60 -4.51 23.63
N ASP B 154 -57.05 -5.74 23.83
CA ASP B 154 -56.16 -6.89 23.85
C ASP B 154 -55.41 -7.03 22.53
N LYS B 155 -54.08 -7.08 22.63
CA LYS B 155 -53.22 -7.04 21.45
C LYS B 155 -53.36 -8.28 20.58
N GLU B 156 -53.52 -9.44 21.22
CA GLU B 156 -53.65 -10.70 20.49
C GLU B 156 -54.88 -10.67 19.59
N THR B 157 -55.99 -10.16 20.11
CA THR B 157 -57.23 -10.06 19.35
C THR B 157 -57.08 -9.05 18.21
N ARG B 158 -56.36 -7.97 18.48
CA ARG B 158 -56.11 -6.95 17.47
C ARG B 158 -55.30 -7.50 16.31
N TYR B 159 -54.30 -8.30 16.62
CA TYR B 159 -53.39 -8.83 15.61
C TYR B 159 -53.98 -10.01 14.85
N ARG B 160 -54.78 -10.82 15.53
CA ARG B 160 -55.36 -12.00 14.89
C ARG B 160 -56.51 -11.61 13.95
N GLN B 161 -57.36 -10.69 14.39
CA GLN B 161 -58.31 -10.07 13.49
C GLN B 161 -57.92 -8.62 13.29
N ARG B 162 -57.35 -8.33 12.12
CA ARG B 162 -56.86 -6.99 11.83
C ARG B 162 -57.99 -6.08 11.36
N TYR B 163 -59.00 -6.68 10.73
CA TYR B 163 -60.12 -5.90 10.22
C TYR B 163 -60.90 -5.24 11.35
N LEU B 164 -61.06 -5.96 12.45
CA LEU B 164 -61.69 -5.41 13.65
C LEU B 164 -60.90 -4.22 14.18
N ASP B 165 -59.58 -4.39 14.23
CA ASP B 165 -58.69 -3.36 14.74
C ASP B 165 -58.76 -2.10 13.87
N LEU B 166 -58.83 -2.31 12.56
CA LEU B 166 -58.89 -1.21 11.61
C LEU B 166 -60.24 -0.49 11.68
N ILE B 167 -61.31 -1.25 11.90
CA ILE B 167 -62.63 -0.67 12.02
C ILE B 167 -62.75 0.15 13.30
N LEU B 168 -62.40 -0.44 14.43
CA LEU B 168 -62.60 0.19 15.73
C LEU B 168 -61.53 1.22 16.11
N ASN B 169 -60.28 0.97 15.73
CA ASN B 169 -59.18 1.83 16.12
C ASN B 169 -58.64 2.68 14.96
N ASP B 170 -58.75 4.00 15.10
CA ASP B 170 -58.42 4.92 14.02
C ASP B 170 -56.91 5.10 13.81
N PHE B 171 -56.13 4.87 14.86
CA PHE B 171 -54.69 5.14 14.80
C PHE B 171 -53.93 4.09 13.98
N VAL B 172 -54.50 2.90 13.89
CA VAL B 172 -53.90 1.80 13.12
C VAL B 172 -53.72 2.19 11.66
N ARG B 173 -54.79 2.72 11.07
CA ARG B 173 -54.78 3.22 9.71
C ARG B 173 -53.64 4.20 9.51
N GLN B 174 -53.51 5.14 10.45
CA GLN B 174 -52.46 6.14 10.37
C GLN B 174 -51.07 5.51 10.46
N LYS B 175 -50.94 4.46 11.26
CA LYS B 175 -49.67 3.74 11.35
C LYS B 175 -49.26 3.16 10.00
N PHE B 176 -50.19 2.43 9.37
CA PHE B 176 -49.85 1.79 8.11
C PHE B 176 -49.72 2.79 6.95
N ILE B 177 -50.44 3.91 7.07
CA ILE B 177 -50.27 5.02 6.15
C ILE B 177 -48.84 5.56 6.25
N ILE B 178 -48.38 5.72 7.49
CA ILE B 178 -47.01 6.18 7.73
C ILE B 178 -46.00 5.20 7.15
N ARG B 179 -46.22 3.91 7.35
CA ARG B 179 -45.36 2.88 6.76
C ARG B 179 -45.27 3.02 5.24
N SER B 180 -46.43 3.10 4.60
CA SER B 180 -46.50 3.28 3.16
C SER B 180 -45.75 4.53 2.71
N LYS B 181 -45.92 5.62 3.48
CA LYS B 181 -45.23 6.86 3.20
C LYS B 181 -43.72 6.70 3.27
N ILE B 182 -43.26 5.91 4.24
CA ILE B 182 -41.83 5.62 4.38
C ILE B 182 -41.30 4.91 3.14
N ILE B 183 -41.95 3.80 2.78
CA ILE B 183 -41.51 3.02 1.62
C ILE B 183 -41.51 3.86 0.35
N THR B 184 -42.61 4.57 0.10
CA THR B 184 -42.73 5.42 -1.08
C THR B 184 -41.67 6.52 -1.09
N TYR B 185 -41.36 7.06 0.09
CA TYR B 185 -40.34 8.09 0.20
C TYR B 185 -38.98 7.54 -0.19
N ILE B 186 -38.64 6.37 0.33
CA ILE B 186 -37.37 5.74 0.01
C ILE B 186 -37.28 5.49 -1.50
N ARG B 187 -38.38 5.00 -2.08
CA ARG B 187 -38.43 4.78 -3.52
C ARG B 187 -38.18 6.06 -4.31
N SER B 188 -38.85 7.14 -3.93
CA SER B 188 -38.68 8.42 -4.59
C SER B 188 -37.23 8.89 -4.51
N PHE B 189 -36.66 8.76 -3.31
CA PHE B 189 -35.28 9.17 -3.04
C PHE B 189 -34.29 8.44 -3.96
N LEU B 190 -34.33 7.11 -3.91
CA LEU B 190 -33.39 6.31 -4.68
C LEU B 190 -33.61 6.44 -6.18
N ASP B 191 -34.87 6.47 -6.61
CA ASP B 191 -35.21 6.68 -8.02
C ASP B 191 -34.64 8.00 -8.51
N GLU B 192 -34.78 9.04 -7.69
CA GLU B 192 -34.30 10.36 -8.06
C GLU B 192 -32.77 10.42 -8.05
N LEU B 193 -32.14 9.52 -7.29
CA LEU B 193 -30.68 9.45 -7.28
C LEU B 193 -30.14 8.61 -8.43
N GLY B 194 -31.03 8.10 -9.28
CA GLY B 194 -30.62 7.36 -10.46
C GLY B 194 -30.47 5.87 -10.23
N PHE B 195 -31.11 5.38 -9.18
CA PHE B 195 -31.12 3.94 -8.90
C PHE B 195 -32.17 3.23 -9.72
N LEU B 196 -31.89 1.96 -10.05
CA LEU B 196 -32.85 1.13 -10.75
C LEU B 196 -33.52 0.15 -9.79
N GLU B 197 -34.85 0.19 -9.71
CA GLU B 197 -35.58 -0.71 -8.84
C GLU B 197 -35.67 -2.08 -9.49
N ILE B 198 -35.16 -3.09 -8.79
CA ILE B 198 -35.01 -4.42 -9.35
C ILE B 198 -35.66 -5.50 -8.49
N GLU B 199 -35.88 -6.67 -9.08
CA GLU B 199 -36.37 -7.82 -8.33
C GLU B 199 -35.45 -9.02 -8.53
N THR B 200 -34.99 -9.57 -7.41
CA THR B 200 -34.07 -10.71 -7.41
C THR B 200 -34.74 -11.91 -6.76
N PRO B 201 -34.29 -13.13 -7.09
CA PRO B 201 -34.95 -14.35 -6.60
C PRO B 201 -35.16 -14.41 -5.09
N MET B 202 -36.36 -14.79 -4.67
CA MET B 202 -36.64 -15.01 -3.25
C MET B 202 -36.40 -16.47 -2.88
N MET B 203 -36.16 -17.29 -3.89
CA MET B 203 -35.82 -18.69 -3.68
C MET B 203 -34.41 -18.97 -4.19
N ASN B 204 -33.52 -19.36 -3.29
CA ASN B 204 -32.13 -19.58 -3.64
C ASN B 204 -31.68 -21.02 -3.42
N ILE B 205 -30.69 -21.45 -4.19
CA ILE B 205 -30.08 -22.75 -3.99
C ILE B 205 -29.24 -22.69 -2.72
N ILE B 206 -28.40 -21.66 -2.62
CA ILE B 206 -27.60 -21.40 -1.43
C ILE B 206 -27.95 -20.07 -0.79
N PRO B 207 -28.44 -20.11 0.46
CA PRO B 207 -28.78 -18.87 1.18
C PRO B 207 -27.52 -18.08 1.57
N GLY B 208 -27.58 -16.76 1.47
CA GLY B 208 -26.44 -15.93 1.81
C GLY B 208 -26.77 -14.45 1.91
N GLY B 209 -25.76 -13.65 2.20
CA GLY B 209 -25.94 -12.21 2.31
C GLY B 209 -26.07 -11.75 3.76
N ALA B 210 -26.29 -12.69 4.66
CA ALA B 210 -26.44 -12.38 6.09
C ALA B 210 -26.23 -13.63 6.94
N VAL B 211 -26.35 -13.46 8.26
CA VAL B 211 -26.26 -14.58 9.17
C VAL B 211 -27.62 -14.83 9.83
N ALA B 212 -28.29 -15.90 9.40
CA ALA B 212 -29.60 -16.25 9.94
C ALA B 212 -29.93 -17.71 9.68
N LYS B 213 -30.90 -18.25 10.42
CA LYS B 213 -31.41 -19.58 10.16
C LYS B 213 -32.50 -19.50 9.08
N PRO B 214 -32.29 -20.19 7.96
CA PRO B 214 -33.13 -20.11 6.75
C PRO B 214 -34.42 -20.92 6.80
N PHE B 215 -35.38 -20.53 5.96
CA PHE B 215 -36.55 -21.37 5.66
C PHE B 215 -36.21 -22.32 4.52
N ILE B 216 -36.70 -23.55 4.60
CA ILE B 216 -36.41 -24.55 3.56
C ILE B 216 -37.70 -25.02 2.88
N THR B 217 -37.69 -25.05 1.55
CA THR B 217 -38.85 -25.49 0.79
C THR B 217 -38.43 -26.42 -0.35
N TYR B 218 -39.39 -27.07 -1.00
CA TYR B 218 -39.09 -28.00 -2.07
C TYR B 218 -39.67 -27.55 -3.42
N HIS B 219 -38.86 -27.66 -4.46
CA HIS B 219 -39.32 -27.33 -5.82
C HIS B 219 -39.67 -28.61 -6.58
N ASN B 220 -40.91 -28.70 -7.03
CA ASN B 220 -41.42 -29.94 -7.63
C ASN B 220 -40.75 -30.35 -8.95
N GLU B 221 -40.79 -29.45 -9.93
CA GLU B 221 -40.33 -29.78 -11.28
C GLU B 221 -38.82 -29.98 -11.33
N LEU B 222 -38.09 -29.27 -10.48
CA LEU B 222 -36.64 -29.31 -10.48
C LEU B 222 -36.12 -30.40 -9.55
N ASP B 223 -37.03 -30.99 -8.78
CA ASP B 223 -36.73 -32.04 -7.80
C ASP B 223 -35.51 -31.71 -6.95
N MET B 224 -35.60 -30.61 -6.21
CA MET B 224 -34.55 -30.25 -5.26
C MET B 224 -35.08 -29.26 -4.22
N ASN B 225 -34.34 -29.16 -3.11
CA ASN B 225 -34.66 -28.19 -2.07
C ASN B 225 -34.10 -26.82 -2.39
N LEU B 226 -34.86 -25.79 -2.04
CA LEU B 226 -34.43 -24.40 -2.19
C LEU B 226 -34.63 -23.65 -0.88
N TYR B 227 -33.82 -22.61 -0.68
CA TYR B 227 -33.91 -21.80 0.53
C TYR B 227 -34.57 -20.46 0.24
N MET B 228 -35.36 -19.98 1.20
CA MET B 228 -35.91 -18.63 1.11
C MET B 228 -34.81 -17.64 1.46
N ARG B 229 -34.77 -16.53 0.74
CA ARG B 229 -33.66 -15.58 0.88
C ARG B 229 -33.62 -14.90 2.25
N ILE B 230 -32.42 -14.79 2.80
CA ILE B 230 -32.22 -14.04 4.04
C ILE B 230 -31.73 -12.61 3.75
N ALA B 231 -31.47 -12.34 2.47
CA ALA B 231 -31.02 -11.04 1.99
C ALA B 231 -30.84 -11.03 0.48
N THR B 232 -30.84 -9.84 -0.12
CA THR B 232 -30.71 -9.68 -1.55
C THR B 232 -29.28 -9.32 -2.01
N GLU B 233 -28.35 -9.27 -1.06
CA GLU B 233 -27.01 -8.69 -1.27
C GLU B 233 -26.24 -9.21 -2.49
N LEU B 234 -26.06 -10.52 -2.56
CA LEU B 234 -25.18 -11.13 -3.56
C LEU B 234 -25.68 -10.90 -4.99
N TYR B 235 -26.98 -11.07 -5.21
CA TYR B 235 -27.58 -10.83 -6.51
C TYR B 235 -27.36 -9.40 -6.96
N HIS B 236 -27.59 -8.47 -6.04
CA HIS B 236 -27.38 -7.05 -6.31
C HIS B 236 -25.95 -6.77 -6.74
N LYS B 237 -24.99 -7.30 -5.99
CA LYS B 237 -23.59 -7.07 -6.33
C LYS B 237 -23.25 -7.70 -7.69
N MET B 238 -23.84 -8.85 -7.98
CA MET B 238 -23.65 -9.49 -9.28
C MET B 238 -24.22 -8.63 -10.40
N LEU B 239 -25.27 -7.88 -10.09
CA LEU B 239 -25.87 -6.99 -11.08
C LEU B 239 -25.03 -5.73 -11.24
N VAL B 240 -24.32 -5.34 -10.19
CA VAL B 240 -23.35 -4.25 -10.29
C VAL B 240 -22.19 -4.68 -11.19
N VAL B 241 -21.79 -5.95 -11.05
CA VAL B 241 -20.80 -6.54 -11.95
C VAL B 241 -21.29 -6.46 -13.39
N GLY B 242 -22.58 -6.68 -13.59
CA GLY B 242 -23.18 -6.67 -14.91
C GLY B 242 -23.17 -5.31 -15.59
N GLY B 243 -22.81 -4.28 -14.83
CA GLY B 243 -22.71 -2.95 -15.39
C GLY B 243 -23.86 -2.03 -15.01
N ILE B 244 -24.74 -2.48 -14.13
CA ILE B 244 -25.78 -1.61 -13.60
C ILE B 244 -25.23 -1.01 -12.32
N ASP B 245 -24.94 0.29 -12.37
CA ASP B 245 -24.11 0.93 -11.36
C ASP B 245 -24.84 1.20 -10.05
N ARG B 246 -26.12 1.51 -10.13
CA ARG B 246 -26.91 1.81 -8.94
C ARG B 246 -28.21 1.03 -8.93
N VAL B 247 -28.37 0.16 -7.94
CA VAL B 247 -29.57 -0.66 -7.85
C VAL B 247 -30.16 -0.64 -6.45
N TYR B 248 -31.46 -0.88 -6.35
CA TYR B 248 -32.09 -1.02 -5.03
C TYR B 248 -33.30 -1.94 -5.08
N GLU B 249 -33.55 -2.62 -3.98
CA GLU B 249 -34.74 -3.45 -3.86
C GLU B 249 -35.37 -3.32 -2.47
N ILE B 250 -36.65 -2.99 -2.46
CA ILE B 250 -37.45 -3.03 -1.25
C ILE B 250 -38.33 -4.25 -1.31
N GLY B 251 -38.03 -5.25 -0.49
CA GLY B 251 -38.74 -6.52 -0.61
C GLY B 251 -38.75 -7.34 0.65
N ARG B 252 -39.40 -8.50 0.58
CA ARG B 252 -39.52 -9.37 1.74
C ARG B 252 -38.30 -10.27 1.89
N VAL B 253 -37.84 -10.38 3.12
CA VAL B 253 -36.72 -11.21 3.47
C VAL B 253 -37.15 -12.18 4.57
N PHE B 254 -36.74 -13.44 4.42
CA PHE B 254 -37.16 -14.49 5.33
C PHE B 254 -35.99 -14.98 6.19
N ARG B 255 -36.11 -14.81 7.49
CA ARG B 255 -35.13 -15.34 8.43
C ARG B 255 -35.88 -16.10 9.51
N ASN B 256 -35.59 -17.39 9.62
CA ASN B 256 -36.36 -18.25 10.50
C ASN B 256 -35.72 -18.26 11.87
N GLU B 257 -36.38 -17.58 12.81
CA GLU B 257 -35.80 -17.27 14.12
C GLU B 257 -36.91 -16.94 15.10
N GLY B 258 -36.51 -16.50 16.29
CA GLY B 258 -37.47 -16.15 17.32
C GLY B 258 -38.32 -14.94 17.00
N ILE B 259 -39.55 -14.94 17.52
CA ILE B 259 -40.46 -13.83 17.34
C ILE B 259 -40.52 -12.96 18.60
N ASP B 260 -40.14 -11.69 18.46
CA ASP B 260 -40.21 -10.76 19.57
C ASP B 260 -40.55 -9.35 19.10
N LEU B 261 -40.42 -8.38 20.00
CA LEU B 261 -40.78 -7.00 19.71
C LEU B 261 -40.06 -6.43 18.49
N THR B 262 -38.79 -6.76 18.32
CA THR B 262 -38.02 -6.29 17.17
C THR B 262 -37.88 -7.29 16.02
N HIS B 263 -38.46 -8.48 16.14
CA HIS B 263 -38.25 -9.51 15.12
C HIS B 263 -39.52 -10.19 14.61
N ASN B 264 -39.55 -10.42 13.30
CA ASN B 264 -40.58 -11.23 12.67
C ASN B 264 -39.92 -12.13 11.63
N PRO B 265 -40.36 -13.40 11.54
CA PRO B 265 -39.75 -14.39 10.63
C PRO B 265 -39.62 -13.89 9.19
N GLU B 266 -40.67 -13.23 8.69
CA GLU B 266 -40.59 -12.55 7.41
C GLU B 266 -40.72 -11.04 7.66
N PHE B 267 -39.79 -10.27 7.12
CA PHE B 267 -39.82 -8.83 7.31
C PHE B 267 -39.32 -8.10 6.07
N THR B 268 -39.74 -6.85 5.90
CA THR B 268 -39.37 -6.09 4.70
C THR B 268 -38.06 -5.33 4.90
N SER B 269 -37.14 -5.51 3.95
CA SER B 269 -35.87 -4.79 3.99
C SER B 269 -35.65 -4.04 2.68
N CYS B 270 -34.87 -2.97 2.75
CA CYS B 270 -34.47 -2.25 1.55
C CYS B 270 -32.96 -2.26 1.41
N GLU B 271 -32.46 -2.86 0.33
CA GLU B 271 -31.02 -2.89 0.09
C GLU B 271 -30.66 -2.15 -1.19
N PHE B 272 -29.70 -1.24 -1.11
CA PHE B 272 -29.20 -0.64 -2.34
C PHE B 272 -27.68 -0.74 -2.46
N TYR B 273 -27.21 -0.74 -3.70
CA TYR B 273 -25.80 -0.84 -4.01
C TYR B 273 -25.41 0.22 -5.03
N MET B 274 -24.31 0.90 -4.71
CA MET B 274 -23.87 2.07 -5.45
C MET B 274 -22.40 1.93 -5.84
N ALA B 275 -22.14 1.98 -7.13
CA ALA B 275 -20.78 1.82 -7.65
C ALA B 275 -19.95 3.07 -7.41
N TYR B 276 -18.65 2.88 -7.22
CA TYR B 276 -17.69 3.96 -7.03
C TYR B 276 -18.00 4.80 -5.79
N ALA B 277 -18.62 4.15 -4.81
CA ALA B 277 -18.90 4.78 -3.52
C ALA B 277 -18.29 3.95 -2.39
N ASP B 278 -18.01 4.61 -1.27
CA ASP B 278 -17.57 3.91 -0.07
C ASP B 278 -18.55 4.16 1.08
N TYR B 279 -18.22 3.64 2.25
CA TYR B 279 -19.14 3.72 3.40
C TYR B 279 -19.32 5.15 3.92
N HIS B 280 -18.38 6.03 3.62
CA HIS B 280 -18.51 7.44 3.98
C HIS B 280 -19.66 8.08 3.20
N ASP B 281 -19.60 7.92 1.88
CA ASP B 281 -20.64 8.41 0.99
C ASP B 281 -22.00 7.89 1.41
N LEU B 282 -22.07 6.61 1.73
CA LEU B 282 -23.32 5.99 2.16
C LEU B 282 -23.75 6.50 3.53
N MET B 283 -22.78 6.94 4.34
CA MET B 283 -23.12 7.56 5.62
C MET B 283 -23.81 8.89 5.38
N GLU B 284 -23.26 9.70 4.48
CA GLU B 284 -23.88 10.98 4.14
C GLU B 284 -25.27 10.79 3.54
N ILE B 285 -25.36 9.86 2.58
CA ILE B 285 -26.63 9.54 1.93
C ILE B 285 -27.66 9.04 2.95
N THR B 286 -27.21 8.25 3.91
CA THR B 286 -28.09 7.75 4.95
C THR B 286 -28.60 8.90 5.82
N GLU B 287 -27.70 9.80 6.18
CA GLU B 287 -28.07 10.99 6.93
C GLU B 287 -29.18 11.75 6.21
N LYS B 288 -28.94 12.09 4.95
CA LYS B 288 -29.91 12.87 4.17
C LYS B 288 -31.25 12.14 4.00
N MET B 289 -31.18 10.85 3.70
CA MET B 289 -32.38 10.05 3.46
C MET B 289 -33.24 9.94 4.72
N VAL B 290 -32.62 9.55 5.83
CA VAL B 290 -33.34 9.35 7.08
C VAL B 290 -33.88 10.66 7.63
N SER B 291 -33.02 11.67 7.71
CA SER B 291 -33.44 12.98 8.23
C SER B 291 -34.53 13.58 7.36
N GLY B 292 -34.36 13.50 6.04
CA GLY B 292 -35.34 14.00 5.11
C GLY B 292 -36.66 13.28 5.22
N MET B 293 -36.59 11.97 5.44
CA MET B 293 -37.78 11.14 5.61
C MET B 293 -38.56 11.54 6.86
N VAL B 294 -37.86 11.59 7.98
CA VAL B 294 -38.47 11.97 9.26
C VAL B 294 -39.08 13.37 9.19
N LYS B 295 -38.36 14.30 8.58
CA LYS B 295 -38.86 15.68 8.48
C LYS B 295 -40.07 15.77 7.56
N HIS B 296 -40.01 15.07 6.43
CA HIS B 296 -41.09 15.11 5.46
C HIS B 296 -42.37 14.50 6.02
N ILE B 297 -42.24 13.36 6.67
CA ILE B 297 -43.40 12.65 7.20
C ILE B 297 -43.95 13.24 8.49
N THR B 298 -43.08 13.49 9.47
CA THR B 298 -43.52 13.95 10.79
C THR B 298 -43.54 15.47 10.95
N GLY B 299 -42.98 16.19 9.99
CA GLY B 299 -42.98 17.65 10.03
C GLY B 299 -41.70 18.28 10.55
N SER B 300 -40.89 17.51 11.28
CA SER B 300 -39.65 18.04 11.83
C SER B 300 -38.58 16.97 11.99
N TYR B 301 -37.41 17.38 12.45
CA TYR B 301 -36.29 16.47 12.67
C TYR B 301 -36.41 15.75 14.01
N LYS B 302 -37.20 16.31 14.92
CA LYS B 302 -37.37 15.72 16.24
C LYS B 302 -38.68 14.95 16.34
N VAL B 303 -38.60 13.70 16.80
CA VAL B 303 -39.80 12.89 16.98
C VAL B 303 -39.83 12.24 18.37
N THR B 304 -41.01 12.22 18.97
CA THR B 304 -41.18 11.65 20.30
C THR B 304 -41.40 10.13 20.19
N TYR B 305 -40.71 9.37 21.04
CA TYR B 305 -40.87 7.92 21.02
C TYR B 305 -40.97 7.32 22.42
N HIS B 306 -41.91 6.40 22.58
CA HIS B 306 -42.06 5.68 23.85
C HIS B 306 -41.55 4.25 23.71
N PRO B 307 -40.37 3.96 24.28
CA PRO B 307 -39.79 2.61 24.19
C PRO B 307 -40.57 1.58 25.01
N ASP B 308 -41.09 1.99 26.16
CA ASP B 308 -41.83 1.10 27.04
C ASP B 308 -43.34 1.22 26.84
N GLY B 309 -43.74 2.07 25.91
CA GLY B 309 -45.16 2.30 25.65
C GLY B 309 -45.63 3.61 26.24
N PRO B 310 -46.92 3.95 26.01
CA PRO B 310 -47.51 5.20 26.47
C PRO B 310 -47.44 5.38 27.98
N GLU B 311 -47.45 4.27 28.71
CA GLU B 311 -47.41 4.31 30.18
C GLU B 311 -46.03 4.71 30.70
N GLY B 312 -45.01 4.52 29.87
CA GLY B 312 -43.65 4.79 30.27
C GLY B 312 -43.14 6.15 29.83
N GLN B 313 -41.85 6.39 30.06
CA GLN B 313 -41.23 7.66 29.71
C GLN B 313 -41.04 7.78 28.19
N ALA B 314 -41.16 9.00 27.69
CA ALA B 314 -40.92 9.28 26.28
C ALA B 314 -39.59 9.99 26.09
N TYR B 315 -38.86 9.62 25.05
CA TYR B 315 -37.62 10.31 24.73
C TYR B 315 -37.78 11.07 23.42
N ASP B 316 -37.04 12.17 23.29
CA ASP B 316 -36.99 12.93 22.05
C ASP B 316 -35.84 12.46 21.18
N VAL B 317 -36.16 11.93 20.01
CA VAL B 317 -35.14 11.51 19.06
C VAL B 317 -34.88 12.65 18.07
N ASP B 318 -33.63 13.08 18.00
CA ASP B 318 -33.25 14.18 17.12
C ASP B 318 -32.58 13.64 15.86
N PHE B 319 -33.28 13.76 14.73
CA PHE B 319 -32.77 13.26 13.46
C PHE B 319 -32.03 14.33 12.68
N THR B 320 -31.84 15.49 13.32
CA THR B 320 -31.07 16.58 12.72
C THR B 320 -29.66 16.11 12.36
N PRO B 321 -29.31 16.22 11.07
CA PRO B 321 -27.98 15.84 10.58
C PRO B 321 -26.91 16.85 10.98
N PRO B 322 -25.64 16.43 11.06
CA PRO B 322 -25.17 15.06 10.83
C PRO B 322 -25.40 14.15 12.04
N PHE B 323 -25.48 12.85 11.81
CA PHE B 323 -25.63 11.89 12.90
C PHE B 323 -24.28 11.70 13.60
N ARG B 324 -24.32 11.41 14.89
CA ARG B 324 -23.10 11.21 15.66
C ARG B 324 -22.40 9.93 15.21
N ARG B 325 -21.07 9.99 15.11
CA ARG B 325 -20.28 8.84 14.68
C ARG B 325 -19.38 8.34 15.80
N ILE B 326 -19.36 7.04 16.01
CA ILE B 326 -18.44 6.43 16.97
C ILE B 326 -17.73 5.23 16.35
N ASN B 327 -16.45 5.09 16.66
CA ASN B 327 -15.70 3.92 16.24
C ASN B 327 -15.86 2.83 17.29
N MET B 328 -16.15 1.61 16.84
CA MET B 328 -16.49 0.52 17.74
C MET B 328 -15.38 0.25 18.76
N VAL B 329 -14.19 -0.08 18.27
CA VAL B 329 -13.10 -0.50 19.15
C VAL B 329 -12.62 0.63 20.07
N GLU B 330 -12.38 1.81 19.49
CA GLU B 330 -11.89 2.96 20.25
C GLU B 330 -12.81 3.35 21.40
N GLU B 331 -14.07 3.61 21.08
CA GLU B 331 -15.02 4.03 22.09
C GLU B 331 -15.46 2.88 22.98
N LEU B 332 -15.22 1.65 22.55
CA LEU B 332 -15.42 0.52 23.45
C LEU B 332 -14.34 0.55 24.51
N GLU B 333 -13.12 0.87 24.08
CA GLU B 333 -12.00 1.02 24.99
C GLU B 333 -12.26 2.15 25.96
N LYS B 334 -12.82 3.24 25.46
CA LYS B 334 -13.10 4.41 26.29
C LYS B 334 -14.26 4.17 27.25
N ALA B 335 -15.22 3.35 26.83
CA ALA B 335 -16.37 3.03 27.67
C ALA B 335 -16.02 2.01 28.74
N LEU B 336 -15.11 1.10 28.41
CA LEU B 336 -14.66 0.08 29.35
C LEU B 336 -13.65 0.65 30.34
N GLY B 337 -12.97 1.73 29.95
CA GLY B 337 -11.89 2.27 30.75
C GLY B 337 -10.69 1.34 30.68
N MET B 338 -10.66 0.55 29.61
CA MET B 338 -9.62 -0.45 29.40
C MET B 338 -9.12 -0.39 27.97
N LYS B 339 -7.84 -0.60 27.75
CA LYS B 339 -7.34 -0.68 26.39
C LYS B 339 -7.48 -2.11 25.87
N LEU B 340 -8.05 -2.25 24.68
CA LEU B 340 -8.22 -3.56 24.07
C LEU B 340 -6.97 -3.92 23.28
N PRO B 341 -6.89 -5.15 22.76
CA PRO B 341 -5.73 -5.50 21.93
C PRO B 341 -5.73 -4.76 20.59
N GLU B 342 -4.57 -4.73 19.94
CA GLU B 342 -4.48 -4.15 18.61
C GLU B 342 -5.38 -4.91 17.64
N THR B 343 -6.01 -4.20 16.72
CA THR B 343 -7.06 -4.76 15.87
C THR B 343 -6.56 -5.87 14.94
N ASN B 344 -5.25 -5.94 14.73
CA ASN B 344 -4.69 -6.98 13.87
C ASN B 344 -4.52 -8.31 14.62
N LEU B 345 -4.67 -8.26 15.94
CA LEU B 345 -4.53 -9.45 16.77
C LEU B 345 -5.86 -10.10 17.12
N PHE B 346 -6.96 -9.56 16.60
CA PHE B 346 -8.30 -9.94 17.06
C PHE B 346 -8.70 -11.40 16.81
N GLU B 347 -7.99 -12.10 15.94
CA GLU B 347 -8.36 -13.48 15.63
C GLU B 347 -7.56 -14.53 16.40
N THR B 348 -6.61 -14.09 17.24
CA THR B 348 -5.88 -15.04 18.06
C THR B 348 -6.69 -15.45 19.29
N GLU B 349 -6.40 -16.64 19.82
CA GLU B 349 -7.08 -17.18 20.99
C GLU B 349 -6.82 -16.31 22.23
N GLU B 350 -5.64 -15.70 22.25
CA GLU B 350 -5.18 -14.85 23.34
C GLU B 350 -6.12 -13.67 23.63
N THR B 351 -6.35 -12.86 22.60
CA THR B 351 -7.20 -11.69 22.72
C THR B 351 -8.62 -12.08 23.10
N ARG B 352 -9.07 -13.22 22.56
CA ARG B 352 -10.37 -13.78 22.92
C ARG B 352 -10.43 -14.06 24.42
N LYS B 353 -9.36 -14.66 24.96
CA LYS B 353 -9.29 -14.92 26.39
C LYS B 353 -9.36 -13.61 27.18
N ILE B 354 -8.63 -12.61 26.71
CA ILE B 354 -8.66 -11.28 27.32
C ILE B 354 -10.09 -10.74 27.39
N LEU B 355 -10.81 -10.86 26.29
CA LEU B 355 -12.19 -10.39 26.20
C LEU B 355 -13.12 -11.21 27.09
N ASP B 356 -12.77 -12.47 27.29
CA ASP B 356 -13.50 -13.33 28.22
C ASP B 356 -13.37 -12.74 29.62
N ASP B 357 -12.14 -12.42 29.99
CA ASP B 357 -11.85 -11.82 31.29
C ASP B 357 -12.55 -10.48 31.47
N ILE B 358 -12.58 -9.68 30.40
CA ILE B 358 -13.24 -8.38 30.46
C ILE B 358 -14.75 -8.55 30.63
N CYS B 359 -15.31 -9.52 29.92
CA CYS B 359 -16.74 -9.79 30.01
C CYS B 359 -17.15 -10.27 31.40
N VAL B 360 -16.32 -11.11 32.01
CA VAL B 360 -16.64 -11.59 33.35
C VAL B 360 -16.36 -10.50 34.40
N ALA B 361 -15.47 -9.57 34.06
CA ALA B 361 -15.15 -8.46 34.96
C ALA B 361 -16.21 -7.37 34.95
N LYS B 362 -16.84 -7.18 33.79
CA LYS B 362 -17.87 -6.16 33.64
C LYS B 362 -19.27 -6.73 33.84
N ALA B 363 -19.33 -8.02 34.19
CA ALA B 363 -20.58 -8.73 34.38
C ALA B 363 -21.46 -8.70 33.12
N VAL B 364 -20.82 -8.85 31.97
CA VAL B 364 -21.54 -8.96 30.70
C VAL B 364 -21.68 -10.42 30.31
N GLU B 365 -22.92 -10.88 30.21
CA GLU B 365 -23.19 -12.30 29.98
C GLU B 365 -23.12 -12.69 28.50
N CYS B 366 -22.39 -13.76 28.23
CA CYS B 366 -22.29 -14.30 26.88
C CYS B 366 -22.45 -15.82 26.86
N PRO B 367 -23.69 -16.30 26.69
CA PRO B 367 -23.96 -17.74 26.65
C PRO B 367 -23.15 -18.45 25.56
N PRO B 368 -22.75 -19.71 25.82
CA PRO B 368 -21.96 -20.51 24.87
C PRO B 368 -22.58 -20.60 23.48
N PRO B 369 -21.74 -20.69 22.43
CA PRO B 369 -20.28 -20.66 22.54
C PRO B 369 -19.74 -19.26 22.82
N ARG B 370 -18.71 -19.17 23.65
CA ARG B 370 -18.09 -17.88 23.88
C ARG B 370 -16.94 -17.75 22.89
N THR B 371 -17.15 -16.89 21.89
CA THR B 371 -16.17 -16.66 20.85
C THR B 371 -15.90 -15.16 20.84
N THR B 372 -14.80 -14.77 20.22
CA THR B 372 -14.44 -13.35 20.19
C THR B 372 -15.59 -12.51 19.62
N ALA B 373 -16.12 -12.90 18.46
CA ALA B 373 -17.18 -12.16 17.79
C ALA B 373 -18.39 -11.90 18.69
N ARG B 374 -18.84 -12.93 19.39
CA ARG B 374 -20.05 -12.82 20.22
C ARG B 374 -19.78 -12.04 21.51
N LEU B 375 -18.57 -12.18 22.06
CA LEU B 375 -18.16 -11.39 23.20
C LEU B 375 -18.13 -9.91 22.85
N LEU B 376 -17.51 -9.61 21.71
CA LEU B 376 -17.52 -8.26 21.13
C LEU B 376 -18.93 -7.75 20.96
N ASP B 377 -19.82 -8.60 20.46
CA ASP B 377 -21.20 -8.22 20.22
C ASP B 377 -21.91 -7.88 21.53
N LYS B 378 -21.64 -8.65 22.57
CA LYS B 378 -22.27 -8.42 23.87
C LYS B 378 -21.72 -7.15 24.55
N LEU B 379 -20.42 -6.93 24.41
CA LEU B 379 -19.78 -5.76 25.02
C LEU B 379 -20.19 -4.48 24.32
N VAL B 380 -20.24 -4.52 22.99
CA VAL B 380 -20.70 -3.38 22.21
C VAL B 380 -22.17 -3.12 22.48
N GLY B 381 -22.95 -4.21 22.56
CA GLY B 381 -24.36 -4.11 22.87
C GLY B 381 -24.60 -3.45 24.22
N GLU B 382 -23.79 -3.82 25.20
CA GLU B 382 -23.95 -3.28 26.55
C GLU B 382 -23.45 -1.85 26.71
N PHE B 383 -22.22 -1.60 26.28
CA PHE B 383 -21.58 -0.29 26.50
C PHE B 383 -21.78 0.75 25.40
N LEU B 384 -22.23 0.31 24.23
CA LEU B 384 -22.30 1.20 23.07
C LEU B 384 -23.72 1.37 22.52
N GLU B 385 -24.33 0.26 22.10
CA GLU B 385 -25.68 0.32 21.52
C GLU B 385 -26.68 1.05 22.41
N VAL B 386 -26.52 0.95 23.73
CA VAL B 386 -27.41 1.64 24.67
C VAL B 386 -27.15 3.14 24.67
N THR B 387 -25.99 3.55 24.15
CA THR B 387 -25.61 4.95 24.11
C THR B 387 -26.37 5.68 22.99
N CYS B 388 -26.89 4.90 22.04
CA CYS B 388 -27.55 5.49 20.89
C CYS B 388 -29.04 5.69 21.13
N ILE B 389 -29.44 6.96 21.22
CA ILE B 389 -30.84 7.34 21.30
C ILE B 389 -31.21 8.04 20.00
N ASN B 390 -30.56 9.18 19.77
CA ASN B 390 -30.57 9.82 18.46
C ASN B 390 -29.91 8.88 17.46
N PRO B 391 -30.19 9.06 16.16
CA PRO B 391 -29.51 8.24 15.15
C PRO B 391 -27.99 8.33 15.28
N THR B 392 -27.33 7.18 15.32
CA THR B 392 -25.90 7.13 15.59
C THR B 392 -25.19 6.08 14.74
N PHE B 393 -24.07 6.47 14.14
CA PHE B 393 -23.27 5.56 13.35
C PHE B 393 -22.22 4.82 14.20
N ILE B 394 -22.30 3.49 14.23
CA ILE B 394 -21.24 2.69 14.83
C ILE B 394 -20.38 2.13 13.70
N CYS B 395 -19.10 2.47 13.70
CA CYS B 395 -18.27 2.27 12.51
C CYS B 395 -17.03 1.41 12.74
N ASP B 396 -16.44 0.97 11.62
CA ASP B 396 -15.16 0.26 11.62
C ASP B 396 -15.19 -1.04 12.42
N HIS B 397 -16.16 -1.89 12.11
CA HIS B 397 -16.26 -3.22 12.72
C HIS B 397 -15.04 -4.06 12.38
N PRO B 398 -14.60 -4.91 13.33
CA PRO B 398 -13.55 -5.89 13.06
C PRO B 398 -13.93 -6.85 11.93
N GLN B 399 -12.92 -7.37 11.23
CA GLN B 399 -13.15 -8.25 10.08
C GLN B 399 -13.91 -9.51 10.48
N ILE B 400 -13.68 -9.98 11.71
CA ILE B 400 -14.30 -11.20 12.20
C ILE B 400 -15.82 -11.08 12.30
N MET B 401 -16.31 -9.85 12.43
CA MET B 401 -17.75 -9.61 12.50
C MET B 401 -18.31 -9.24 11.13
N SER B 402 -17.44 -9.12 10.14
CA SER B 402 -17.86 -8.64 8.82
C SER B 402 -17.17 -9.40 7.68
N PRO B 403 -17.65 -10.61 7.39
CA PRO B 403 -17.07 -11.45 6.34
C PRO B 403 -17.31 -10.90 4.93
N LEU B 404 -18.38 -10.12 4.76
CA LEU B 404 -18.72 -9.57 3.46
C LEU B 404 -18.19 -8.15 3.25
N ALA B 405 -17.56 -7.58 4.27
CA ALA B 405 -17.11 -6.20 4.21
C ALA B 405 -15.64 -6.10 3.80
N LYS B 406 -15.33 -5.08 3.00
CA LYS B 406 -13.96 -4.84 2.55
C LYS B 406 -13.09 -4.38 3.70
N TRP B 407 -11.84 -4.83 3.71
CA TRP B 407 -10.90 -4.50 4.77
C TRP B 407 -10.72 -2.98 4.89
N HIS B 408 -10.56 -2.50 6.12
CA HIS B 408 -10.37 -1.07 6.36
C HIS B 408 -9.05 -0.62 5.77
N ARG B 409 -9.07 0.47 5.02
CA ARG B 409 -7.89 0.93 4.30
C ARG B 409 -6.78 1.37 5.26
N SER B 410 -7.12 2.17 6.28
CA SER B 410 -6.14 2.67 7.23
C SER B 410 -5.99 1.84 8.50
N LYS B 411 -6.91 0.90 8.71
CA LYS B 411 -6.93 0.13 9.95
C LYS B 411 -6.89 -1.37 9.72
N GLU B 412 -5.80 -2.00 10.14
CA GLU B 412 -5.63 -3.42 9.91
C GLU B 412 -6.41 -4.24 10.92
N GLY B 413 -7.20 -5.20 10.44
CA GLY B 413 -8.02 -6.04 11.28
C GLY B 413 -9.46 -5.59 11.29
N LEU B 414 -9.69 -4.33 10.90
CA LEU B 414 -11.03 -3.80 10.84
C LEU B 414 -11.53 -3.78 9.40
N THR B 415 -12.77 -3.35 9.23
CA THR B 415 -13.38 -3.24 7.90
C THR B 415 -13.99 -1.86 7.75
N GLU B 416 -14.34 -1.48 6.53
CA GLU B 416 -15.09 -0.25 6.37
C GLU B 416 -16.56 -0.62 6.39
N ARG B 417 -17.21 -0.30 7.51
CA ARG B 417 -18.59 -0.72 7.75
C ARG B 417 -19.24 0.22 8.76
N PHE B 418 -20.55 0.41 8.66
CA PHE B 418 -21.27 1.11 9.72
C PHE B 418 -22.66 0.54 9.94
N GLU B 419 -23.12 0.63 11.18
CA GLU B 419 -24.51 0.33 11.53
C GLU B 419 -25.17 1.60 12.04
N LEU B 420 -26.42 1.83 11.63
CA LEU B 420 -27.16 2.98 12.14
C LEU B 420 -28.11 2.55 13.25
N PHE B 421 -27.92 3.13 14.42
CA PHE B 421 -28.73 2.82 15.58
C PHE B 421 -29.65 3.96 15.97
N VAL B 422 -30.93 3.65 16.11
CA VAL B 422 -31.91 4.56 16.66
C VAL B 422 -32.59 3.87 17.84
N MET B 423 -32.68 4.57 18.96
CA MET B 423 -33.30 4.03 20.17
C MET B 423 -32.74 2.67 20.55
N LYS B 424 -31.42 2.57 20.57
CA LYS B 424 -30.71 1.35 20.98
C LYS B 424 -30.90 0.18 20.01
N LYS B 425 -31.68 0.39 18.95
CA LYS B 425 -31.95 -0.66 17.98
C LYS B 425 -31.30 -0.38 16.62
N GLU B 426 -30.94 -1.44 15.90
CA GLU B 426 -30.23 -1.29 14.63
C GLU B 426 -31.19 -1.25 13.44
N ILE B 427 -31.31 -0.09 12.80
CA ILE B 427 -32.18 0.02 11.63
C ILE B 427 -31.45 -0.13 10.29
N CYS B 428 -30.13 -0.09 10.32
CA CYS B 428 -29.34 -0.06 9.08
C CYS B 428 -28.01 -0.78 9.20
N ASN B 429 -27.62 -1.47 8.13
CA ASN B 429 -26.31 -2.11 8.05
C ASN B 429 -25.71 -1.85 6.67
N ALA B 430 -24.50 -1.31 6.63
CA ALA B 430 -23.89 -0.94 5.37
C ALA B 430 -22.37 -1.01 5.41
N TYR B 431 -21.76 -1.30 4.27
CA TYR B 431 -20.30 -1.30 4.18
C TYR B 431 -19.78 -1.14 2.76
N THR B 432 -18.51 -0.77 2.65
CA THR B 432 -17.83 -0.80 1.37
C THR B 432 -17.69 -2.27 0.98
N GLU B 433 -18.18 -2.62 -0.20
CA GLU B 433 -18.24 -4.01 -0.61
C GLU B 433 -16.86 -4.59 -0.90
N LEU B 434 -16.64 -5.83 -0.48
CA LEU B 434 -15.38 -6.50 -0.79
C LEU B 434 -15.44 -7.03 -2.22
N ASN B 435 -14.59 -6.49 -3.08
CA ASN B 435 -14.57 -6.86 -4.49
C ASN B 435 -13.46 -7.84 -4.87
N ASP B 436 -12.64 -8.23 -3.90
CA ASP B 436 -11.54 -9.14 -4.16
C ASP B 436 -12.02 -10.60 -4.04
N PRO B 437 -12.06 -11.31 -5.18
CA PRO B 437 -12.61 -12.67 -5.24
C PRO B 437 -11.82 -13.69 -4.42
N MET B 438 -10.49 -13.59 -4.45
CA MET B 438 -9.65 -14.53 -3.70
C MET B 438 -9.85 -14.40 -2.20
N ARG B 439 -9.76 -13.18 -1.70
CA ARG B 439 -9.93 -12.91 -0.28
C ARG B 439 -11.34 -13.25 0.19
N GLN B 440 -12.33 -12.94 -0.65
CA GLN B 440 -13.73 -13.25 -0.37
C GLN B 440 -13.95 -14.75 -0.24
N ARG B 441 -13.47 -15.50 -1.24
CA ARG B 441 -13.57 -16.95 -1.24
C ARG B 441 -12.81 -17.52 -0.05
N GLN B 442 -11.74 -16.85 0.36
CA GLN B 442 -10.96 -17.28 1.50
C GLN B 442 -11.78 -17.18 2.78
N LEU B 443 -12.35 -16.00 3.04
CA LEU B 443 -13.19 -15.81 4.22
C LEU B 443 -14.37 -16.79 4.23
N PHE B 444 -15.05 -16.89 3.09
CA PHE B 444 -16.12 -17.85 2.89
C PHE B 444 -15.69 -19.25 3.29
N GLU B 445 -14.46 -19.61 2.91
CA GLU B 445 -13.94 -20.95 3.17
C GLU B 445 -13.55 -21.14 4.63
N GLU B 446 -13.16 -20.05 5.30
CA GLU B 446 -12.88 -20.10 6.72
C GLU B 446 -14.16 -20.44 7.47
N GLN B 447 -15.23 -19.71 7.15
CA GLN B 447 -16.46 -19.92 7.88
C GLN B 447 -17.15 -21.23 7.47
N ALA B 448 -16.88 -21.69 6.25
CA ALA B 448 -17.32 -23.01 5.82
C ALA B 448 -16.57 -24.07 6.62
N LYS B 449 -15.30 -23.79 6.91
CA LYS B 449 -14.49 -24.66 7.73
C LYS B 449 -14.99 -24.66 9.18
N ALA B 450 -15.68 -23.59 9.57
CA ALA B 450 -16.34 -23.54 10.88
C ALA B 450 -17.62 -24.39 10.87
N LYS B 451 -18.38 -24.28 9.78
CA LYS B 451 -19.56 -25.12 9.60
C LYS B 451 -19.17 -26.60 9.65
N ALA B 452 -17.99 -26.90 9.11
CA ALA B 452 -17.43 -28.24 9.22
C ALA B 452 -16.82 -28.47 10.61
N ALA B 453 -16.58 -27.37 11.32
CA ALA B 453 -16.05 -27.43 12.68
C ALA B 453 -17.18 -27.62 13.68
N GLY B 454 -18.40 -27.80 13.15
CA GLY B 454 -19.45 -28.41 13.94
C GLY B 454 -20.66 -27.67 14.51
N ASP B 455 -20.95 -26.47 13.99
CA ASP B 455 -22.23 -25.84 14.29
C ASP B 455 -22.74 -25.10 13.06
N ASP B 456 -24.05 -24.91 12.96
CA ASP B 456 -24.56 -24.11 11.85
C ASP B 456 -25.02 -22.75 12.33
N GLU B 457 -24.15 -21.78 12.09
CA GLU B 457 -24.42 -20.35 12.22
C GLU B 457 -23.84 -19.73 10.95
N ALA B 458 -22.57 -20.04 10.74
CA ALA B 458 -21.74 -19.51 9.66
C ALA B 458 -22.33 -19.67 8.27
N MET B 459 -22.00 -18.71 7.40
CA MET B 459 -22.49 -18.67 6.03
C MET B 459 -22.01 -19.83 5.18
N PHE B 460 -22.82 -20.21 4.20
CA PHE B 460 -22.43 -21.16 3.16
C PHE B 460 -21.65 -20.45 2.06
N ILE B 461 -20.73 -21.18 1.41
CA ILE B 461 -19.97 -20.64 0.30
C ILE B 461 -20.81 -20.57 -0.98
N ASP B 462 -20.84 -19.39 -1.61
CA ASP B 462 -21.45 -19.25 -2.92
C ASP B 462 -20.34 -19.17 -3.97
N GLU B 463 -20.25 -20.21 -4.80
CA GLU B 463 -19.21 -20.28 -5.82
C GLU B 463 -19.54 -19.37 -7.00
N ASN B 464 -20.83 -19.26 -7.31
CA ASN B 464 -21.30 -18.42 -8.40
C ASN B 464 -21.01 -16.95 -8.16
N PHE B 465 -21.13 -16.53 -6.90
CA PHE B 465 -20.89 -15.15 -6.52
C PHE B 465 -19.41 -14.78 -6.65
N CYS B 466 -18.55 -15.68 -6.19
CA CYS B 466 -17.11 -15.48 -6.31
C CYS B 466 -16.69 -15.48 -7.78
N THR B 467 -17.29 -16.39 -8.55
CA THR B 467 -17.06 -16.47 -9.98
C THR B 467 -17.45 -15.15 -10.64
N ALA B 468 -18.56 -14.57 -10.20
CA ALA B 468 -18.99 -13.27 -10.68
C ALA B 468 -17.97 -12.19 -10.29
N LEU B 469 -17.41 -12.32 -9.10
CA LEU B 469 -16.39 -11.38 -8.63
C LEU B 469 -15.11 -11.50 -9.45
N GLU B 470 -14.91 -12.65 -10.09
CA GLU B 470 -13.71 -12.86 -10.89
C GLU B 470 -13.76 -12.11 -12.22
N TYR B 471 -14.96 -11.75 -12.66
CA TYR B 471 -15.11 -10.88 -13.83
C TYR B 471 -14.90 -9.43 -13.39
N GLY B 472 -14.81 -9.28 -12.08
CA GLY B 472 -14.49 -8.03 -11.42
C GLY B 472 -15.72 -7.29 -10.95
N LEU B 473 -15.58 -6.68 -9.78
CA LEU B 473 -16.61 -5.82 -9.20
C LEU B 473 -16.02 -4.44 -9.01
N PRO B 474 -16.57 -3.44 -9.70
CA PRO B 474 -16.10 -2.06 -9.50
C PRO B 474 -16.18 -1.68 -8.03
N PRO B 475 -15.33 -0.74 -7.58
CA PRO B 475 -15.44 -0.32 -6.18
C PRO B 475 -16.87 0.09 -5.88
N THR B 476 -17.43 -0.49 -4.84
CA THR B 476 -18.87 -0.40 -4.61
C THR B 476 -19.17 -0.36 -3.13
N ALA B 477 -20.15 0.45 -2.76
CA ALA B 477 -20.64 0.46 -1.39
C ALA B 477 -22.05 -0.07 -1.39
N GLY B 478 -22.48 -0.61 -0.26
CA GLY B 478 -23.78 -1.26 -0.20
C GLY B 478 -24.41 -1.06 1.16
N TRP B 479 -25.73 -1.18 1.17
CA TRP B 479 -26.53 -0.64 2.25
C TRP B 479 -27.82 -1.43 2.40
N GLY B 480 -28.31 -1.53 3.63
CA GLY B 480 -29.58 -2.17 3.86
C GLY B 480 -30.26 -1.61 5.10
N MET B 481 -31.58 -1.68 5.10
CA MET B 481 -32.37 -1.10 6.17
C MET B 481 -33.59 -1.95 6.48
N GLY B 482 -33.81 -2.22 7.77
CA GLY B 482 -35.06 -2.80 8.19
C GLY B 482 -36.15 -1.76 8.00
N ILE B 483 -37.16 -2.10 7.20
CA ILE B 483 -38.26 -1.17 6.96
C ILE B 483 -39.21 -1.17 8.13
N ASP B 484 -39.40 -2.36 8.70
CA ASP B 484 -40.34 -2.56 9.80
C ASP B 484 -39.95 -1.78 11.06
N ARG B 485 -38.66 -1.77 11.36
CA ARG B 485 -38.16 -1.06 12.55
C ARG B 485 -38.27 0.46 12.39
N VAL B 486 -37.92 0.96 11.21
CA VAL B 486 -38.08 2.37 10.89
C VAL B 486 -39.54 2.76 11.04
N ALA B 487 -40.42 1.90 10.52
CA ALA B 487 -41.85 2.09 10.66
C ALA B 487 -42.25 2.14 12.14
N MET B 488 -41.65 1.26 12.94
CA MET B 488 -41.90 1.25 14.38
C MET B 488 -41.57 2.60 15.02
N PHE B 489 -40.40 3.13 14.67
CA PHE B 489 -39.93 4.37 15.28
C PHE B 489 -40.72 5.59 14.80
N LEU B 490 -41.18 5.57 13.55
CA LEU B 490 -41.95 6.71 13.04
C LEU B 490 -43.43 6.63 13.39
N THR B 491 -43.89 5.45 13.78
CA THR B 491 -45.27 5.27 14.26
C THR B 491 -45.37 5.27 15.77
N ASP B 492 -44.24 5.44 16.44
CA ASP B 492 -44.16 5.34 17.90
C ASP B 492 -44.67 3.99 18.40
N SER B 493 -44.11 2.92 17.85
CA SER B 493 -44.49 1.56 18.25
C SER B 493 -43.31 0.81 18.85
N ASN B 494 -43.54 0.18 20.00
CA ASN B 494 -42.52 -0.63 20.64
C ASN B 494 -42.66 -2.11 20.28
N ASN B 495 -43.65 -2.41 19.45
CA ASN B 495 -43.89 -3.77 18.99
C ASN B 495 -43.96 -3.80 17.46
N ILE B 496 -43.23 -4.73 16.85
CA ILE B 496 -43.18 -4.82 15.39
C ILE B 496 -44.53 -5.27 14.83
N LYS B 497 -45.28 -6.01 15.64
CA LYS B 497 -46.60 -6.48 15.23
C LYS B 497 -47.54 -5.32 14.90
N GLU B 498 -47.22 -4.15 15.44
CA GLU B 498 -47.99 -2.95 15.17
C GLU B 498 -47.83 -2.46 13.73
N VAL B 499 -46.64 -2.62 13.16
CA VAL B 499 -46.39 -2.14 11.81
C VAL B 499 -46.57 -3.23 10.75
N LEU B 500 -46.97 -4.41 11.20
CA LEU B 500 -47.29 -5.51 10.27
C LEU B 500 -48.80 -5.76 10.26
N LEU B 501 -49.38 -5.77 9.06
CA LEU B 501 -50.83 -5.91 8.90
C LEU B 501 -51.35 -7.21 9.52
N PHE B 502 -50.76 -8.33 9.13
CA PHE B 502 -51.12 -9.62 9.70
C PHE B 502 -49.88 -10.32 10.25
N PRO B 503 -49.45 -9.90 11.46
CA PRO B 503 -48.21 -10.42 12.06
C PRO B 503 -48.28 -11.91 12.40
N ALA B 504 -47.13 -12.55 12.48
CA ALA B 504 -47.05 -13.95 12.85
C ALA B 504 -47.44 -14.13 14.31
N MET B 505 -48.29 -15.11 14.60
CA MET B 505 -48.81 -15.30 15.95
C MET B 505 -48.53 -16.69 16.49
N LYS B 506 -48.14 -16.75 17.76
CA LYS B 506 -47.93 -18.01 18.45
C LYS B 506 -48.99 -18.21 19.53
N PRO B 507 -49.91 -19.16 19.32
CA PRO B 507 -50.97 -19.42 20.29
C PRO B 507 -50.52 -20.34 21.41
N PRO C 2 -20.25 13.96 -1.59
CA PRO C 2 -21.37 13.79 -2.52
C PRO C 2 -21.00 13.03 -3.79
N MET C 3 -21.77 11.99 -4.10
CA MET C 3 -21.51 11.18 -5.29
C MET C 3 -21.97 11.89 -6.56
N TYR C 4 -21.37 11.50 -7.69
CA TYR C 4 -21.70 12.11 -8.97
C TYR C 4 -23.14 11.79 -9.38
N GLN C 5 -23.74 12.69 -10.16
CA GLN C 5 -25.15 12.58 -10.49
C GLN C 5 -25.41 11.67 -11.67
N VAL C 6 -26.38 10.78 -11.52
CA VAL C 6 -26.84 9.91 -12.60
C VAL C 6 -28.34 10.12 -12.83
N LYS C 7 -28.70 10.39 -14.09
CA LYS C 7 -30.08 10.67 -14.46
C LYS C 7 -31.02 9.52 -14.09
N PRO C 8 -32.20 9.84 -13.56
CA PRO C 8 -33.21 8.85 -13.18
C PRO C 8 -33.67 8.02 -14.37
N TYR C 9 -33.88 6.72 -14.14
CA TYR C 9 -34.38 5.84 -15.19
C TYR C 9 -35.82 6.17 -15.54
N HIS C 10 -36.47 6.94 -14.67
CA HIS C 10 -37.87 7.30 -14.87
C HIS C 10 -38.01 8.78 -15.26
N PRO D 2 -66.89 5.81 -14.28
CA PRO D 2 -65.84 6.43 -13.49
C PRO D 2 -66.14 6.43 -11.98
N MET D 3 -65.19 5.93 -11.20
CA MET D 3 -65.35 5.86 -9.75
C MET D 3 -65.12 7.20 -9.07
N TYR D 4 -65.70 7.37 -7.87
CA TYR D 4 -65.57 8.61 -7.13
C TYR D 4 -64.12 8.85 -6.69
N GLN D 5 -63.78 10.11 -6.46
CA GLN D 5 -62.40 10.51 -6.23
C GLN D 5 -62.01 10.46 -4.75
N VAL D 6 -60.86 9.87 -4.48
CA VAL D 6 -60.29 9.81 -3.13
C VAL D 6 -58.88 10.37 -3.14
N LYS D 7 -58.60 11.27 -2.20
CA LYS D 7 -57.29 11.91 -2.12
C LYS D 7 -56.17 10.91 -1.88
N PRO D 8 -55.06 11.05 -2.62
CA PRO D 8 -53.89 10.18 -2.50
C PRO D 8 -53.30 10.18 -1.09
N TYR D 9 -52.80 9.03 -0.66
CA TYR D 9 -52.21 8.91 0.68
C TYR D 9 -50.87 9.63 0.78
N HIS D 10 -50.24 9.87 -0.38
CA HIS D 10 -48.93 10.50 -0.40
C HIS D 10 -49.03 11.93 -0.91
N ASP E 4 52.96 30.71 37.28
CA ASP E 4 53.62 29.53 37.85
C ASP E 4 53.85 28.41 36.83
N PRO E 5 52.85 28.10 35.98
CA PRO E 5 53.16 27.14 34.91
C PRO E 5 54.20 27.68 33.94
N ASN E 6 54.13 28.98 33.64
CA ASN E 6 55.11 29.62 32.78
C ASN E 6 56.48 29.68 33.45
N GLN E 7 56.47 29.86 34.78
CA GLN E 7 57.68 29.78 35.57
C GLN E 7 58.31 28.40 35.46
N TYR E 8 57.48 27.38 35.64
CA TYR E 8 57.91 26.00 35.51
C TYR E 8 58.54 25.77 34.13
N TYR E 9 57.88 26.28 33.10
CA TYR E 9 58.37 26.15 31.74
C TYR E 9 59.74 26.80 31.56
N LYS E 10 59.87 28.04 32.02
CA LYS E 10 61.14 28.76 31.90
C LYS E 10 62.27 28.04 32.60
N ILE E 11 62.08 27.78 33.90
CA ILE E 11 63.08 27.12 34.73
C ILE E 11 63.48 25.75 34.17
N ARG E 12 62.48 24.95 33.81
CA ARG E 12 62.75 23.60 33.29
C ARG E 12 63.49 23.64 31.96
N SER E 13 63.03 24.52 31.06
CA SER E 13 63.67 24.67 29.75
C SER E 13 65.14 25.03 29.91
N GLN E 14 65.41 26.05 30.72
CA GLN E 14 66.78 26.49 30.94
C GLN E 14 67.62 25.40 31.61
N ALA E 15 67.00 24.65 32.51
CA ALA E 15 67.68 23.55 33.20
C ALA E 15 68.11 22.47 32.21
N ILE E 16 67.20 22.12 31.31
CA ILE E 16 67.47 21.11 30.28
C ILE E 16 68.58 21.59 29.34
N HIS E 17 68.51 22.87 28.97
CA HIS E 17 69.58 23.48 28.16
C HIS E 17 70.92 23.30 28.86
N GLN E 18 70.95 23.64 30.15
CA GLN E 18 72.16 23.46 30.97
C GLN E 18 72.60 22.00 30.98
N LEU E 19 71.64 21.08 30.94
CA LEU E 19 71.96 19.67 30.87
C LEU E 19 72.67 19.33 29.57
N LYS E 20 72.30 20.01 28.48
CA LYS E 20 72.97 19.76 27.19
C LYS E 20 74.37 20.37 27.14
N VAL E 21 74.54 21.58 27.66
CA VAL E 21 75.85 22.22 27.57
C VAL E 21 76.91 21.49 28.41
N ASN E 22 76.47 20.86 29.52
CA ASN E 22 77.35 20.00 30.30
C ASN E 22 77.52 18.64 29.64
N GLY E 23 76.71 18.39 28.61
CA GLY E 23 76.85 17.19 27.80
C GLY E 23 76.29 15.92 28.39
N GLU E 24 75.18 16.03 29.11
CA GLU E 24 74.57 14.86 29.74
C GLU E 24 73.52 14.20 28.84
N ASP E 25 73.16 14.90 27.78
CA ASP E 25 72.29 14.37 26.73
C ASP E 25 70.97 13.75 27.20
N PRO E 26 70.05 14.57 27.76
CA PRO E 26 68.65 14.14 27.90
C PRO E 26 67.87 13.88 26.60
N TYR E 27 68.40 14.26 25.44
CA TYR E 27 67.77 13.85 24.18
C TYR E 27 68.69 12.91 23.39
N PRO E 28 68.85 11.66 23.85
CA PRO E 28 69.77 10.74 23.18
C PRO E 28 69.19 10.15 21.91
N HIS E 29 70.04 9.70 21.00
CA HIS E 29 69.59 9.18 19.72
C HIS E 29 68.92 7.82 19.84
N LYS E 30 69.60 6.88 20.50
CA LYS E 30 69.06 5.52 20.56
C LYS E 30 69.17 4.90 21.95
N PHE E 31 68.05 4.39 22.43
CA PHE E 31 67.98 3.64 23.67
C PHE E 31 67.35 2.30 23.34
N HIS E 32 68.09 1.21 23.58
CA HIS E 32 67.56 -0.10 23.26
C HIS E 32 66.54 -0.55 24.29
N VAL E 33 65.33 -0.83 23.84
CA VAL E 33 64.32 -1.42 24.71
C VAL E 33 64.15 -2.90 24.40
N ASP E 34 64.63 -3.74 25.32
CA ASP E 34 64.52 -5.19 25.19
C ASP E 34 63.08 -5.69 25.26
N ILE E 35 62.33 -5.11 26.19
CA ILE E 35 61.00 -5.58 26.49
C ILE E 35 60.05 -4.40 26.73
N SER E 36 58.87 -4.46 26.13
CA SER E 36 57.83 -3.47 26.34
C SER E 36 57.32 -3.59 27.79
N LEU E 37 56.58 -2.61 28.27
CA LEU E 37 55.95 -2.72 29.61
C LEU E 37 55.03 -3.95 29.61
N THR E 38 54.64 -4.23 28.37
CA THR E 38 54.08 -5.47 27.85
C THR E 38 52.86 -5.84 28.62
N ASP E 39 52.80 -7.09 28.97
CA ASP E 39 52.67 -7.31 30.36
C ASP E 39 53.97 -8.04 30.74
N PHE E 40 54.95 -7.21 31.10
CA PHE E 40 56.14 -7.67 31.76
C PHE E 40 55.71 -7.32 33.13
N ILE E 41 54.60 -6.58 33.18
CA ILE E 41 53.81 -6.70 34.39
C ILE E 41 53.36 -8.17 34.59
N GLN E 42 52.53 -8.80 33.73
CA GLN E 42 52.01 -10.12 34.21
C GLN E 42 52.92 -11.27 33.76
N LYS E 43 53.96 -11.00 32.98
CA LYS E 43 54.98 -12.03 32.73
C LYS E 43 55.67 -12.23 34.07
N TYR E 44 55.87 -11.12 34.76
CA TYR E 44 56.44 -11.10 36.10
C TYR E 44 55.47 -10.93 37.29
N SER E 45 54.15 -10.85 37.06
CA SER E 45 53.27 -10.55 38.20
C SER E 45 53.10 -11.77 39.09
N HIS E 46 53.58 -12.92 38.63
CA HIS E 46 53.51 -14.13 39.44
C HIS E 46 54.47 -14.04 40.62
N LEU E 47 55.36 -13.05 40.57
CA LEU E 47 56.29 -12.81 41.65
C LEU E 47 55.56 -12.38 42.92
N GLN E 48 55.95 -12.98 44.04
CA GLN E 48 55.38 -12.64 45.35
C GLN E 48 56.20 -11.52 45.99
N PRO E 49 55.60 -10.77 46.93
CA PRO E 49 56.26 -9.64 47.59
C PRO E 49 57.64 -9.97 48.19
N GLY E 50 58.63 -9.14 47.87
CA GLY E 50 59.97 -9.31 48.42
C GLY E 50 60.96 -9.94 47.46
N ASP E 51 60.48 -10.44 46.34
CA ASP E 51 61.33 -11.16 45.39
C ASP E 51 62.27 -10.25 44.61
N HIS E 52 63.49 -10.60 44.33
CA HIS E 52 64.20 -9.79 43.37
C HIS E 52 65.12 -10.75 42.69
N LEU E 53 65.22 -10.68 41.37
CA LEU E 53 66.12 -11.58 40.68
C LEU E 53 67.31 -10.77 40.30
N THR E 54 68.43 -11.05 40.92
CA THR E 54 69.59 -10.24 40.71
C THR E 54 69.99 -10.30 39.27
N ASP E 55 69.90 -11.49 38.70
CA ASP E 55 70.62 -11.83 37.50
C ASP E 55 69.82 -11.65 36.23
N ILE E 56 68.61 -11.13 36.35
CA ILE E 56 67.84 -10.82 35.16
C ILE E 56 67.77 -9.31 34.99
N THR E 57 68.36 -8.78 33.91
CA THR E 57 68.33 -7.35 33.66
C THR E 57 67.74 -6.99 32.32
N LEU E 58 66.72 -6.15 32.35
CA LEU E 58 65.98 -5.76 31.15
C LEU E 58 65.85 -4.24 31.04
N LYS E 59 65.49 -3.77 29.86
CA LYS E 59 65.31 -2.35 29.62
C LYS E 59 63.88 -2.01 29.20
N VAL E 60 63.31 -0.99 29.84
CA VAL E 60 61.94 -0.55 29.54
C VAL E 60 61.93 0.95 29.37
N ALA E 61 60.82 1.52 28.90
CA ALA E 61 60.74 2.97 28.75
C ALA E 61 59.30 3.48 28.84
N GLY E 62 59.13 4.73 29.28
CA GLY E 62 57.79 5.29 29.40
C GLY E 62 57.73 6.71 29.92
N ARG E 63 56.53 7.14 30.30
CA ARG E 63 56.35 8.50 30.80
C ARG E 63 56.06 8.52 32.29
N ILE E 64 56.75 9.39 33.03
CA ILE E 64 56.53 9.49 34.46
C ILE E 64 55.32 10.37 34.75
N HIS E 65 54.25 9.78 35.29
CA HIS E 65 53.10 10.56 35.74
C HIS E 65 53.35 11.03 37.17
N ALA E 66 54.07 10.25 37.97
CA ALA E 66 54.25 10.64 39.36
C ALA E 66 55.64 10.38 39.94
N LYS E 67 56.01 11.24 40.89
CA LYS E 67 57.28 11.14 41.59
C LYS E 67 57.04 11.09 43.09
N ARG E 68 57.55 10.05 43.74
CA ARG E 68 57.34 9.89 45.17
C ARG E 68 58.64 9.55 45.90
N ALA E 69 59.05 10.45 46.78
CA ALA E 69 60.23 10.24 47.62
C ALA E 69 59.85 9.52 48.91
N SER E 70 60.73 8.63 49.37
CA SER E 70 60.47 7.86 50.59
C SER E 70 61.33 8.37 51.72
N GLY E 71 62.60 8.00 51.66
CA GLY E 71 63.65 8.61 52.47
C GLY E 71 64.51 9.41 51.52
N GLY E 72 65.77 9.62 51.88
CA GLY E 72 66.72 10.20 50.96
C GLY E 72 67.37 9.13 50.10
N LYS E 73 67.24 7.87 50.54
CA LYS E 73 67.92 6.76 49.89
C LYS E 73 67.07 5.99 48.88
N LEU E 74 65.80 6.37 48.76
CA LEU E 74 64.87 5.65 47.89
C LEU E 74 63.82 6.60 47.31
N ILE E 75 63.47 6.40 46.03
CA ILE E 75 62.49 7.20 45.32
C ILE E 75 61.63 6.33 44.41
N PHE E 76 60.32 6.54 44.44
CA PHE E 76 59.41 5.80 43.57
C PHE E 76 58.94 6.65 42.40
N TYR E 77 59.10 6.13 41.19
CA TYR E 77 58.55 6.77 40.00
C TYR E 77 57.34 5.99 39.50
N ASP E 78 56.26 6.70 39.19
CA ASP E 78 55.10 6.05 38.60
C ASP E 78 55.23 6.15 37.09
N LEU E 79 55.49 5.01 36.46
CA LEU E 79 55.81 4.98 35.04
C LEU E 79 54.65 4.42 34.25
N ARG E 80 54.02 5.24 33.42
CA ARG E 80 52.88 4.77 32.65
C ARG E 80 53.11 4.86 31.14
N GLY E 81 52.38 3.99 30.43
CA GLY E 81 52.40 3.93 28.98
C GLY E 81 51.62 2.74 28.48
N GLU E 82 51.25 2.76 27.20
CA GLU E 82 50.51 1.67 26.57
C GLU E 82 49.21 1.32 27.31
N GLY E 83 48.61 2.32 27.96
CA GLY E 83 47.36 2.12 28.66
C GLY E 83 47.53 1.41 29.99
N VAL E 84 48.77 1.07 30.34
CA VAL E 84 49.04 0.40 31.61
C VAL E 84 50.08 1.16 32.44
N LYS E 85 50.32 0.65 33.64
CA LYS E 85 51.23 1.29 34.57
C LYS E 85 52.22 0.29 35.18
N LEU E 86 53.40 0.79 35.48
CA LEU E 86 54.46 0.02 36.10
C LEU E 86 55.19 0.90 37.10
N GLN E 87 55.47 0.34 38.27
CA GLN E 87 56.17 1.07 39.31
C GLN E 87 57.68 0.94 39.12
N VAL E 88 58.38 2.05 39.21
CA VAL E 88 59.83 2.05 39.21
C VAL E 88 60.32 2.32 40.62
N MET E 89 60.97 1.33 41.23
CA MET E 89 61.51 1.52 42.56
C MET E 89 63.00 1.79 42.46
N ALA E 90 63.38 3.06 42.68
CA ALA E 90 64.74 3.54 42.50
C ALA E 90 65.37 3.83 43.86
N ASN E 91 66.68 3.64 43.98
CA ASN E 91 67.28 3.42 45.29
C ASN E 91 68.78 3.79 45.24
N SER E 92 69.45 3.92 46.38
CA SER E 92 70.91 4.15 46.44
C SER E 92 71.83 2.90 46.39
N ARG E 93 71.40 1.80 47.03
CA ARG E 93 72.22 0.58 47.15
C ARG E 93 72.16 -0.31 45.91
N ASN E 94 70.94 -0.31 45.35
CA ASN E 94 70.54 -0.99 44.11
C ASN E 94 71.43 -0.68 42.94
N TYR E 95 71.94 0.54 42.95
CA TYR E 95 72.22 1.30 41.76
C TYR E 95 73.69 1.29 41.41
N LYS E 96 73.97 1.90 40.28
CA LYS E 96 75.31 2.01 39.80
C LYS E 96 76.17 2.71 40.84
N SER E 97 75.69 3.85 41.34
CA SER E 97 76.47 4.64 42.29
C SER E 97 75.62 5.59 43.14
N GLU E 98 76.20 6.04 44.24
CA GLU E 98 75.59 7.05 45.11
C GLU E 98 75.32 8.35 44.34
N GLU E 99 76.40 8.99 43.92
CA GLU E 99 76.36 10.28 43.25
C GLU E 99 75.47 10.25 42.02
N GLU E 100 75.50 9.14 41.29
CA GLU E 100 74.70 9.00 40.08
C GLU E 100 73.22 8.84 40.41
N PHE E 101 72.92 8.23 41.55
CA PHE E 101 71.55 8.11 42.03
C PHE E 101 70.99 9.49 42.38
N ILE E 102 71.73 10.20 43.23
CA ILE E 102 71.37 11.57 43.58
C ILE E 102 71.14 12.43 42.33
N HIS E 103 72.10 12.35 41.42
CA HIS E 103 72.09 13.11 40.18
C HIS E 103 70.86 12.82 39.33
N ILE E 104 70.67 11.55 38.99
CA ILE E 104 69.56 11.17 38.11
C ILE E 104 68.21 11.48 38.76
N ASN E 105 68.14 11.42 40.09
CA ASN E 105 66.89 11.73 40.77
C ASN E 105 66.54 13.19 40.76
N ASN E 106 67.51 14.04 41.09
CA ASN E 106 67.22 15.46 41.10
C ASN E 106 67.10 15.99 39.69
N LYS E 107 67.55 15.20 38.72
CA LYS E 107 67.39 15.56 37.32
C LYS E 107 65.97 15.30 36.81
N LEU E 108 65.38 14.19 37.22
CA LEU E 108 64.08 13.78 36.71
C LEU E 108 62.91 14.53 37.34
N ARG E 109 61.95 14.89 36.49
CA ARG E 109 60.72 15.53 36.94
C ARG E 109 59.51 14.80 36.36
N ARG E 110 58.35 15.09 36.92
CA ARG E 110 57.09 14.52 36.43
C ARG E 110 56.84 14.87 34.97
N GLY E 111 56.53 13.85 34.16
CA GLY E 111 56.23 14.07 32.75
C GLY E 111 57.34 13.62 31.84
N ASP E 112 58.51 13.36 32.42
CA ASP E 112 59.68 12.99 31.63
C ASP E 112 59.58 11.59 31.03
N ILE E 113 60.00 11.47 29.77
CA ILE E 113 60.14 10.20 29.09
C ILE E 113 61.51 9.59 29.43
N ILE E 114 61.49 8.44 30.09
CA ILE E 114 62.74 7.82 30.54
C ILE E 114 62.85 6.35 30.17
N GLY E 115 64.09 5.91 29.99
CA GLY E 115 64.43 4.51 29.92
C GLY E 115 64.89 4.01 31.27
N VAL E 116 64.72 2.71 31.51
CA VAL E 116 65.06 2.08 32.78
C VAL E 116 65.78 0.76 32.53
N GLN E 117 66.95 0.61 33.13
CA GLN E 117 67.72 -0.62 33.01
C GLN E 117 67.81 -1.31 34.36
N GLY E 118 67.12 -2.44 34.52
CA GLY E 118 67.09 -3.11 35.81
C GLY E 118 66.41 -4.45 35.95
N ASN E 119 66.31 -4.90 37.20
CA ASN E 119 65.74 -6.19 37.57
C ASN E 119 64.25 -6.16 37.86
N PRO E 120 63.56 -7.30 37.67
CA PRO E 120 62.16 -7.44 38.11
C PRO E 120 62.06 -7.64 39.62
N GLY E 121 60.94 -7.24 40.23
CA GLY E 121 60.74 -7.48 41.65
C GLY E 121 59.42 -6.98 42.19
N LYS E 122 59.10 -7.32 43.44
CA LYS E 122 57.91 -6.81 44.11
C LYS E 122 58.29 -6.45 45.55
N THR E 123 57.80 -5.34 46.06
CA THR E 123 58.35 -4.87 47.34
C THR E 123 57.72 -5.54 48.57
N LYS E 124 56.57 -5.04 49.01
CA LYS E 124 55.75 -5.79 49.97
C LYS E 124 54.28 -5.63 49.62
N LYS E 125 53.78 -4.44 49.88
CA LYS E 125 52.45 -4.00 49.47
C LYS E 125 52.59 -3.25 48.16
N GLY E 126 51.54 -2.57 47.74
CA GLY E 126 51.57 -1.85 46.48
C GLY E 126 51.56 -2.82 45.31
N GLU E 127 52.52 -2.68 44.40
CA GLU E 127 52.53 -3.50 43.21
C GLU E 127 53.93 -3.85 42.70
N LEU E 128 53.95 -4.46 41.51
CA LEU E 128 55.17 -4.88 40.86
C LEU E 128 56.08 -3.70 40.51
N SER E 129 57.39 -3.92 40.60
CA SER E 129 58.38 -2.88 40.41
C SER E 129 59.63 -3.35 39.66
N ILE E 130 60.33 -2.40 39.07
CA ILE E 130 61.64 -2.66 38.47
C ILE E 130 62.72 -1.89 39.23
N ILE E 131 63.81 -2.57 39.55
CA ILE E 131 64.91 -1.99 40.30
C ILE E 131 66.07 -1.66 39.36
N PRO E 132 66.26 -0.37 39.07
CA PRO E 132 67.23 0.12 38.09
C PRO E 132 68.70 0.01 38.50
N TYR E 133 69.52 -0.46 37.57
CA TYR E 133 70.96 -0.31 37.69
C TYR E 133 71.34 1.09 37.21
N GLU E 134 70.70 1.52 36.13
CA GLU E 134 70.92 2.84 35.56
C GLU E 134 69.64 3.38 34.92
N ILE E 135 69.40 4.68 35.09
CA ILE E 135 68.27 5.35 34.46
C ILE E 135 68.78 6.43 33.51
N THR E 136 68.27 6.42 32.28
CA THR E 136 68.66 7.42 31.29
C THR E 136 67.46 8.25 30.87
N LEU E 137 67.64 9.57 30.85
CA LEU E 137 66.56 10.45 30.44
C LEU E 137 66.48 10.48 28.92
N LEU E 138 65.36 9.98 28.39
CA LEU E 138 65.17 9.87 26.95
C LEU E 138 64.67 11.16 26.32
N SER E 139 63.85 11.90 27.07
CA SER E 139 63.41 13.24 26.69
C SER E 139 62.56 13.86 27.78
N PRO E 140 62.87 15.12 28.14
CA PRO E 140 62.19 15.83 29.23
C PRO E 140 60.86 16.45 28.84
N CYS E 141 59.99 16.64 29.83
CA CYS E 141 58.77 17.41 29.67
C CYS E 141 58.98 18.82 30.22
N LEU E 142 58.90 19.81 29.35
CA LEU E 142 59.22 21.19 29.73
C LEU E 142 58.01 21.92 30.31
N HIS E 143 56.85 21.27 30.29
CA HIS E 143 55.62 21.89 30.76
C HIS E 143 55.07 21.20 32.00
N MET E 144 54.28 21.93 32.78
CA MET E 144 53.63 21.39 33.95
C MET E 144 52.39 20.58 33.57
N LEU E 145 52.33 19.33 34.02
CA LEU E 145 51.18 18.48 33.74
C LEU E 145 50.05 18.74 34.73
N PRO E 146 48.81 18.84 34.22
CA PRO E 146 47.61 19.32 34.91
C PRO E 146 47.14 18.50 36.12
N HIS E 147 46.27 19.12 36.91
CA HIS E 147 45.71 18.58 38.15
C HIS E 147 44.97 17.25 37.95
N LEU E 148 43.85 17.29 37.25
CA LEU E 148 43.15 16.06 36.85
C LEU E 148 43.14 15.89 35.33
N ASP E 154 35.78 20.56 30.01
CA ASP E 154 37.19 20.51 29.67
C ASP E 154 37.40 20.06 28.23
N LYS E 155 36.32 20.04 27.46
CA LYS E 155 36.33 19.50 26.10
C LYS E 155 37.19 20.28 25.12
N GLU E 156 37.13 21.61 25.22
CA GLU E 156 37.82 22.49 24.27
C GLU E 156 39.30 22.17 24.14
N THR E 157 40.05 22.44 25.21
CA THR E 157 41.49 22.21 25.22
C THR E 157 41.83 20.72 25.05
N ARG E 158 40.89 19.85 25.40
CA ARG E 158 41.05 18.42 25.15
C ARG E 158 41.16 18.15 23.65
N TYR E 159 40.29 18.81 22.88
CA TYR E 159 40.29 18.64 21.43
C TYR E 159 41.42 19.42 20.76
N ARG E 160 41.79 20.56 21.34
CA ARG E 160 42.83 21.40 20.76
C ARG E 160 44.21 20.78 20.96
N GLN E 161 44.47 20.26 22.16
CA GLN E 161 45.66 19.42 22.36
C GLN E 161 45.20 17.99 22.64
N ARG E 162 45.35 17.12 21.63
CA ARG E 162 44.91 15.74 21.76
C ARG E 162 45.95 14.88 22.47
N TYR E 163 47.22 15.27 22.37
CA TYR E 163 48.30 14.50 22.98
C TYR E 163 48.21 14.54 24.50
N LEU E 164 47.82 15.69 25.06
CA LEU E 164 47.58 15.81 26.48
C LEU E 164 46.44 14.91 26.90
N ASP E 165 45.41 14.85 26.06
CA ASP E 165 44.23 14.03 26.31
C ASP E 165 44.61 12.55 26.32
N LEU E 166 45.50 12.17 25.42
CA LEU E 166 45.94 10.79 25.30
C LEU E 166 46.86 10.40 26.46
N ILE E 167 47.67 11.35 26.92
CA ILE E 167 48.56 11.09 28.04
C ILE E 167 47.77 10.94 29.34
N LEU E 168 46.89 11.91 29.60
CA LEU E 168 46.15 11.94 30.86
C LEU E 168 44.93 11.01 30.91
N ASN E 169 44.32 10.77 29.75
CA ASN E 169 43.11 9.94 29.70
C ASN E 169 43.28 8.71 28.83
N ASP E 170 43.09 7.53 29.44
CA ASP E 170 43.25 6.26 28.73
C ASP E 170 42.05 5.91 27.85
N PHE E 171 40.89 6.49 28.16
CA PHE E 171 39.67 6.17 27.43
C PHE E 171 39.70 6.77 26.02
N VAL E 172 40.65 7.66 25.78
CA VAL E 172 40.86 8.21 24.45
C VAL E 172 41.51 7.12 23.59
N ARG E 173 42.56 6.51 24.14
CA ARG E 173 43.21 5.35 23.53
C ARG E 173 42.17 4.25 23.30
N GLN E 174 41.30 4.07 24.30
CA GLN E 174 40.12 3.21 24.17
C GLN E 174 39.43 3.47 22.83
N LYS E 175 38.85 4.66 22.75
CA LYS E 175 37.99 5.05 21.64
C LYS E 175 38.67 4.89 20.29
N PHE E 176 39.91 5.36 20.18
CA PHE E 176 40.56 5.33 18.86
C PHE E 176 41.03 3.93 18.46
N ILE E 177 41.34 3.09 19.45
CA ILE E 177 41.58 1.67 19.15
C ILE E 177 40.32 1.05 18.57
N ILE E 178 39.21 1.28 19.28
CA ILE E 178 37.90 0.81 18.84
C ILE E 178 37.62 1.21 17.39
N ARG E 179 37.74 2.50 17.11
CA ARG E 179 37.56 3.03 15.75
C ARG E 179 38.46 2.33 14.73
N SER E 180 39.74 2.27 15.05
CA SER E 180 40.73 1.69 14.15
C SER E 180 40.32 0.30 13.68
N LYS E 181 39.97 -0.57 14.62
CA LYS E 181 39.68 -1.89 14.12
C LYS E 181 38.18 -2.15 13.88
N ILE E 182 37.38 -1.12 14.05
CA ILE E 182 36.10 -1.02 13.33
C ILE E 182 36.43 -0.98 11.85
N ILE E 183 37.33 -0.07 11.49
CA ILE E 183 37.72 0.07 10.08
C ILE E 183 38.34 -1.22 9.53
N THR E 184 39.31 -1.79 10.22
CA THR E 184 39.87 -3.04 9.69
C THR E 184 38.85 -4.17 9.72
N TYR E 185 37.87 -4.10 10.63
CA TYR E 185 36.79 -5.09 10.61
C TYR E 185 36.02 -4.99 9.30
N ILE E 186 35.66 -3.78 8.90
CA ILE E 186 34.94 -3.57 7.65
C ILE E 186 35.78 -4.06 6.47
N ARG E 187 37.08 -3.77 6.50
CA ARG E 187 37.97 -4.23 5.44
C ARG E 187 38.00 -5.76 5.36
N SER E 188 38.10 -6.43 6.50
CA SER E 188 38.13 -7.88 6.53
C SER E 188 36.82 -8.47 6.02
N PHE E 189 35.71 -7.89 6.46
CA PHE E 189 34.38 -8.33 6.08
C PHE E 189 34.16 -8.23 4.58
N LEU E 190 34.47 -7.07 4.01
CA LEU E 190 34.27 -6.84 2.58
C LEU E 190 35.26 -7.63 1.72
N ASP E 191 36.49 -7.76 2.21
CA ASP E 191 37.48 -8.58 1.51
C ASP E 191 37.04 -10.04 1.45
N GLU E 192 36.49 -10.52 2.55
CA GLU E 192 36.03 -11.91 2.65
C GLU E 192 34.87 -12.18 1.70
N LEU E 193 34.13 -11.12 1.35
CA LEU E 193 33.01 -11.25 0.42
C LEU E 193 33.46 -11.04 -1.03
N GLY E 194 34.77 -10.87 -1.21
CA GLY E 194 35.33 -10.77 -2.55
C GLY E 194 35.30 -9.37 -3.15
N PHE E 195 35.33 -8.36 -2.29
CA PHE E 195 35.39 -6.97 -2.75
C PHE E 195 36.84 -6.53 -2.98
N LEU E 196 37.04 -5.72 -4.01
CA LEU E 196 38.36 -5.16 -4.29
C LEU E 196 38.50 -3.77 -3.70
N GLU E 197 39.53 -3.57 -2.88
CA GLU E 197 39.78 -2.27 -2.28
C GLU E 197 40.37 -1.31 -3.30
N ILE E 198 39.72 -0.17 -3.47
CA ILE E 198 40.07 0.77 -4.52
C ILE E 198 40.32 2.18 -4.01
N GLU E 199 40.99 2.98 -4.83
CA GLU E 199 41.19 4.40 -4.54
C GLU E 199 40.74 5.25 -5.72
N THR E 200 39.86 6.21 -5.45
CA THR E 200 39.29 7.06 -6.48
C THR E 200 39.68 8.52 -6.20
N PRO E 201 39.67 9.39 -7.23
CA PRO E 201 40.08 10.78 -7.07
C PRO E 201 39.35 11.53 -5.96
N MET E 202 40.09 12.24 -5.13
CA MET E 202 39.50 13.12 -4.13
C MET E 202 39.33 14.53 -4.69
N MET E 203 39.88 14.75 -5.88
CA MET E 203 39.73 16.02 -6.57
C MET E 203 39.06 15.79 -7.93
N ASN E 204 37.85 16.35 -8.07
CA ASN E 204 37.07 16.12 -9.28
C ASN E 204 36.70 17.41 -9.99
N ILE E 205 36.40 17.30 -11.27
CA ILE E 205 35.89 18.43 -12.04
C ILE E 205 34.47 18.75 -11.59
N ILE E 206 33.63 17.72 -11.57
CA ILE E 206 32.25 17.84 -11.09
C ILE E 206 32.00 16.94 -9.88
N PRO E 207 31.68 17.56 -8.72
CA PRO E 207 31.33 16.77 -7.54
C PRO E 207 29.99 16.06 -7.69
N GLY E 208 29.90 14.82 -7.22
CA GLY E 208 28.67 14.05 -7.36
C GLY E 208 28.59 12.89 -6.40
N GLY E 209 27.50 12.13 -6.49
CA GLY E 209 27.31 10.96 -5.66
C GLY E 209 26.60 11.26 -4.36
N ALA E 210 26.37 12.55 -4.08
CA ALA E 210 25.71 12.96 -2.85
C ALA E 210 25.15 14.38 -2.97
N VAL E 211 24.53 14.84 -1.90
CA VAL E 211 23.97 16.19 -1.85
C VAL E 211 24.62 16.99 -0.73
N ALA E 212 25.40 18.01 -1.11
CA ALA E 212 26.16 18.82 -0.16
C ALA E 212 26.92 19.94 -0.87
N LYS E 213 27.38 20.92 -0.09
CA LYS E 213 28.19 22.01 -0.61
C LYS E 213 29.67 21.62 -0.60
N PRO E 214 30.31 21.63 -1.78
CA PRO E 214 31.68 21.17 -1.98
C PRO E 214 32.74 22.16 -1.53
N PHE E 215 33.95 21.65 -1.28
CA PHE E 215 35.13 22.50 -1.14
C PHE E 215 35.72 22.76 -2.52
N ILE E 216 36.18 23.99 -2.75
CA ILE E 216 36.78 24.32 -4.04
C ILE E 216 38.25 24.70 -3.85
N THR E 217 39.10 24.19 -4.73
CA THR E 217 40.53 24.46 -4.69
C THR E 217 41.05 24.70 -6.09
N TYR E 218 42.27 25.23 -6.20
CA TYR E 218 42.84 25.54 -7.51
C TYR E 218 44.00 24.62 -7.87
N HIS E 219 43.94 24.07 -9.07
CA HIS E 219 45.01 23.21 -9.58
C HIS E 219 45.89 23.99 -10.55
N ASN E 220 47.16 24.11 -10.18
CA ASN E 220 48.15 24.92 -10.89
C ASN E 220 48.57 24.38 -12.25
N GLU E 221 48.95 23.11 -12.29
CA GLU E 221 49.44 22.50 -13.53
C GLU E 221 48.35 22.48 -14.61
N LEU E 222 47.15 22.07 -14.21
CA LEU E 222 46.04 21.98 -15.15
C LEU E 222 45.40 23.35 -15.35
N ASP E 223 45.80 24.31 -14.53
CA ASP E 223 45.30 25.69 -14.60
C ASP E 223 43.78 25.72 -14.51
N MET E 224 43.22 25.00 -13.53
CA MET E 224 41.77 25.00 -13.38
C MET E 224 41.32 24.65 -11.97
N ASN E 225 40.12 25.08 -11.61
CA ASN E 225 39.57 24.77 -10.30
C ASN E 225 39.02 23.36 -10.23
N LEU E 226 39.20 22.72 -9.08
CA LEU E 226 38.69 21.39 -8.84
C LEU E 226 37.96 21.33 -7.50
N TYR E 227 37.04 20.38 -7.37
CA TYR E 227 36.27 20.23 -6.15
C TYR E 227 36.76 19.01 -5.35
N MET E 228 36.77 19.14 -4.03
CA MET E 228 37.00 17.99 -3.17
C MET E 228 35.76 17.12 -3.21
N ARG E 229 35.96 15.81 -3.28
CA ARG E 229 34.84 14.87 -3.47
C ARG E 229 33.87 14.90 -2.30
N ILE E 230 32.58 14.87 -2.62
CA ILE E 230 31.55 14.75 -1.60
C ILE E 230 31.10 13.29 -1.46
N ALA E 231 31.64 12.43 -2.32
CA ALA E 231 31.34 11.00 -2.33
C ALA E 231 32.15 10.28 -3.40
N THR E 232 32.28 8.96 -3.26
CA THR E 232 33.01 8.14 -4.22
C THR E 232 32.11 7.42 -5.23
N GLU E 233 30.81 7.67 -5.14
CA GLU E 233 29.79 6.86 -5.82
C GLU E 233 29.99 6.63 -7.32
N LEU E 234 30.12 7.72 -8.07
CA LEU E 234 30.13 7.66 -9.52
C LEU E 234 31.34 6.90 -10.06
N TYR E 235 32.50 7.14 -9.46
CA TYR E 235 33.71 6.42 -9.84
C TYR E 235 33.55 4.92 -9.63
N HIS E 236 33.00 4.56 -8.48
CA HIS E 236 32.75 3.16 -8.14
C HIS E 236 31.85 2.50 -9.16
N LYS E 237 30.71 3.12 -9.46
CA LYS E 237 29.79 2.55 -10.44
C LYS E 237 30.44 2.44 -11.82
N MET E 238 31.28 3.42 -12.16
CA MET E 238 32.02 3.37 -13.41
C MET E 238 32.99 2.19 -13.42
N LEU E 239 33.52 1.84 -12.25
CA LEU E 239 34.42 0.70 -12.13
C LEU E 239 33.65 -0.62 -12.21
N VAL E 240 32.41 -0.62 -11.75
CA VAL E 240 31.55 -1.79 -11.89
C VAL E 240 31.22 -1.99 -13.36
N VAL E 241 31.02 -0.87 -14.07
CA VAL E 241 30.85 -0.92 -15.52
C VAL E 241 32.10 -1.51 -16.18
N GLY E 242 33.26 -1.18 -15.62
CA GLY E 242 34.54 -1.65 -16.15
C GLY E 242 34.74 -3.14 -16.03
N GLY E 243 33.87 -3.80 -15.28
CA GLY E 243 33.95 -5.25 -15.14
C GLY E 243 34.45 -5.74 -13.80
N ILE E 244 34.71 -4.81 -12.87
CA ILE E 244 35.04 -5.21 -11.52
C ILE E 244 33.73 -5.26 -10.73
N ASP E 245 33.31 -6.47 -10.37
CA ASP E 245 31.94 -6.72 -9.96
C ASP E 245 31.64 -6.27 -8.53
N ARG E 246 32.63 -6.35 -7.66
CA ARG E 246 32.43 -5.93 -6.27
C ARG E 246 33.58 -5.02 -5.81
N VAL E 247 33.24 -3.79 -5.45
CA VAL E 247 34.28 -2.84 -5.04
C VAL E 247 33.93 -2.17 -3.73
N TYR E 248 34.94 -1.69 -3.02
CA TYR E 248 34.72 -0.91 -1.81
C TYR E 248 35.85 0.06 -1.55
N GLU E 249 35.51 1.19 -0.93
CA GLU E 249 36.50 2.18 -0.54
C GLU E 249 36.17 2.75 0.83
N ILE E 250 37.14 2.70 1.74
CA ILE E 250 37.06 3.40 3.01
C ILE E 250 38.01 4.59 2.92
N GLY E 251 37.45 5.79 2.84
CA GLY E 251 38.27 6.96 2.62
C GLY E 251 37.62 8.25 3.07
N ARG E 252 38.38 9.33 2.98
CA ARG E 252 37.90 10.62 3.43
C ARG E 252 37.00 11.27 2.39
N VAL E 253 35.94 11.88 2.88
CA VAL E 253 34.97 12.60 2.06
C VAL E 253 34.80 13.99 2.66
N PHE E 254 34.77 15.00 1.80
CA PHE E 254 34.75 16.39 2.22
C PHE E 254 33.45 17.07 1.82
N ARG E 255 32.76 17.61 2.80
CA ARG E 255 31.54 18.38 2.56
C ARG E 255 31.60 19.67 3.36
N ASN E 256 31.36 20.80 2.70
CA ASN E 256 31.53 22.09 3.35
C ASN E 256 30.19 22.58 3.85
N GLU E 257 30.01 22.52 5.15
CA GLU E 257 28.71 22.72 5.80
C GLU E 257 28.90 23.06 7.26
N GLY E 258 27.80 23.10 8.01
CA GLY E 258 27.85 23.39 9.43
C GLY E 258 28.56 22.33 10.24
N ILE E 259 29.07 22.74 11.40
CA ILE E 259 29.73 21.82 12.33
C ILE E 259 28.88 21.61 13.57
N ASP E 260 28.53 20.36 13.85
CA ASP E 260 27.77 20.02 15.05
C ASP E 260 28.20 18.67 15.59
N LEU E 261 27.45 18.15 16.55
CA LEU E 261 27.80 16.91 17.22
C LEU E 261 27.91 15.73 16.26
N THR E 262 27.00 15.65 15.30
CA THR E 262 27.01 14.55 14.33
C THR E 262 27.69 14.86 13.00
N HIS E 263 28.14 16.10 12.80
CA HIS E 263 28.69 16.51 11.51
C HIS E 263 30.11 17.08 11.62
N ASN E 264 30.97 16.68 10.69
CA ASN E 264 32.29 17.28 10.54
C ASN E 264 32.61 17.49 9.06
N PRO E 265 33.21 18.63 8.71
CA PRO E 265 33.52 19.00 7.32
C PRO E 265 34.27 17.93 6.55
N GLU E 266 35.29 17.33 7.16
CA GLU E 266 35.94 16.16 6.58
C GLU E 266 35.62 14.94 7.44
N PHE E 267 35.10 13.88 6.81
CA PHE E 267 34.75 12.68 7.58
C PHE E 267 35.06 11.43 6.79
N THR E 268 35.21 10.31 7.49
CA THR E 268 35.52 9.05 6.82
C THR E 268 34.26 8.29 6.46
N SER E 269 34.19 7.80 5.23
CA SER E 269 33.05 7.01 4.79
C SER E 269 33.52 5.70 4.15
N CYS E 270 32.67 4.68 4.26
CA CYS E 270 32.92 3.43 3.56
C CYS E 270 31.80 3.13 2.58
N GLU E 271 32.14 3.10 1.29
CA GLU E 271 31.14 2.79 0.28
C GLU E 271 31.49 1.53 -0.48
N PHE E 272 30.53 0.62 -0.62
CA PHE E 272 30.77 -0.53 -1.50
C PHE E 272 29.67 -0.67 -2.53
N TYR E 273 30.03 -1.26 -3.66
CA TYR E 273 29.11 -1.49 -4.76
C TYR E 273 29.19 -2.94 -5.22
N MET E 274 28.02 -3.57 -5.29
CA MET E 274 27.91 -5.00 -5.50
C MET E 274 27.02 -5.30 -6.70
N ALA E 275 27.60 -5.89 -7.74
CA ALA E 275 26.86 -6.22 -8.94
C ALA E 275 25.86 -7.35 -8.68
N TYR E 276 24.73 -7.30 -9.38
CA TYR E 276 23.73 -8.37 -9.38
C TYR E 276 22.96 -8.49 -8.06
N ALA E 277 23.30 -7.62 -7.11
CA ALA E 277 22.59 -7.58 -5.82
C ALA E 277 21.55 -6.45 -5.82
N ASP E 278 20.45 -6.67 -5.12
CA ASP E 278 19.47 -5.60 -4.96
C ASP E 278 19.32 -5.15 -3.49
N TYR E 279 18.39 -4.23 -3.26
CA TYR E 279 18.27 -3.53 -1.98
C TYR E 279 18.09 -4.44 -0.77
N HIS E 280 17.22 -5.43 -0.89
CA HIS E 280 16.95 -6.37 0.21
C HIS E 280 18.22 -7.09 0.63
N ASP E 281 18.95 -7.60 -0.35
CA ASP E 281 20.23 -8.25 -0.12
C ASP E 281 21.16 -7.34 0.67
N LEU E 282 21.17 -6.07 0.31
CA LEU E 282 22.02 -5.10 1.00
C LEU E 282 21.54 -4.83 2.41
N MET E 283 20.23 -4.97 2.65
CA MET E 283 19.72 -4.86 4.00
C MET E 283 20.27 -5.99 4.85
N GLU E 284 20.15 -7.22 4.33
CA GLU E 284 20.65 -8.40 5.04
C GLU E 284 22.16 -8.31 5.30
N ILE E 285 22.92 -7.98 4.26
CA ILE E 285 24.38 -7.88 4.35
C ILE E 285 24.81 -6.80 5.33
N THR E 286 24.25 -5.60 5.17
CA THR E 286 24.47 -4.50 6.09
C THR E 286 24.24 -4.96 7.52
N GLU E 287 23.14 -5.69 7.71
CA GLU E 287 22.76 -6.17 9.02
C GLU E 287 23.81 -7.09 9.63
N LYS E 288 24.17 -8.15 8.89
CA LYS E 288 25.17 -9.10 9.32
C LYS E 288 26.47 -8.39 9.70
N MET E 289 26.93 -7.52 8.81
CA MET E 289 28.14 -6.73 9.04
C MET E 289 28.07 -5.94 10.34
N VAL E 290 27.00 -5.16 10.49
CA VAL E 290 26.87 -4.27 11.64
C VAL E 290 26.81 -5.04 12.97
N SER E 291 25.88 -5.99 13.08
CA SER E 291 25.73 -6.74 14.33
C SER E 291 27.00 -7.52 14.66
N GLY E 292 27.50 -8.25 13.67
CA GLY E 292 28.73 -9.02 13.81
C GLY E 292 29.88 -8.17 14.31
N MET E 293 30.03 -6.99 13.71
CA MET E 293 31.02 -6.02 14.14
C MET E 293 30.84 -5.63 15.61
N VAL E 294 29.64 -5.13 15.89
CA VAL E 294 29.28 -4.63 17.21
C VAL E 294 29.65 -5.61 18.29
N LYS E 295 29.37 -6.90 18.08
CA LYS E 295 29.72 -7.88 19.09
C LYS E 295 31.14 -8.39 19.08
N HIS E 296 31.71 -8.54 17.88
CA HIS E 296 33.10 -8.95 17.78
C HIS E 296 33.95 -7.99 18.58
N ILE E 297 33.54 -6.74 18.60
CA ILE E 297 34.21 -5.73 19.39
C ILE E 297 33.73 -5.76 20.86
N THR E 298 32.47 -5.40 21.09
CA THR E 298 31.95 -5.20 22.45
C THR E 298 31.36 -6.40 23.23
N GLY E 299 30.97 -7.47 22.56
CA GLY E 299 30.49 -8.66 23.26
C GLY E 299 29.01 -8.93 23.53
N SER E 300 28.16 -7.90 23.46
CA SER E 300 26.73 -8.14 23.66
C SER E 300 25.85 -7.33 22.71
N TYR E 301 24.66 -7.86 22.40
CA TYR E 301 23.71 -7.23 21.48
C TYR E 301 23.32 -5.87 21.97
N LYS E 302 22.88 -5.84 23.21
CA LYS E 302 22.63 -4.62 23.93
C LYS E 302 23.88 -4.29 24.73
N VAL E 303 24.52 -3.19 24.36
CA VAL E 303 25.45 -2.54 25.26
C VAL E 303 24.83 -1.16 25.42
N THR E 304 25.24 -0.47 26.48
CA THR E 304 24.58 0.76 26.89
C THR E 304 25.25 2.01 26.35
N TYR E 305 24.44 2.90 25.83
CA TYR E 305 24.86 4.25 25.49
C TYR E 305 24.04 5.25 26.29
N HIS E 306 24.62 6.39 26.57
CA HIS E 306 23.92 7.46 27.30
C HIS E 306 23.87 8.70 26.41
N PRO E 307 22.85 8.77 25.54
CA PRO E 307 22.74 9.78 24.48
C PRO E 307 22.71 11.23 24.98
N ASP E 308 22.13 11.48 26.15
CA ASP E 308 21.98 12.85 26.61
C ASP E 308 22.81 13.16 27.85
N GLY E 309 23.84 13.98 27.67
CA GLY E 309 24.65 14.46 28.78
C GLY E 309 25.67 13.48 29.32
N PRO E 310 26.69 13.99 30.03
CA PRO E 310 27.71 13.20 30.72
C PRO E 310 27.10 12.15 31.64
N GLU E 311 26.11 12.54 32.44
CA GLU E 311 25.32 11.56 33.15
C GLU E 311 24.01 11.41 32.38
N GLY E 312 23.89 10.31 31.66
CA GLY E 312 22.80 10.13 30.73
C GLY E 312 21.76 9.11 31.12
N GLN E 313 20.73 9.00 30.29
CA GLN E 313 19.79 7.90 30.38
C GLN E 313 20.43 6.67 29.73
N ALA E 314 20.54 5.59 30.50
CA ALA E 314 21.14 4.37 29.98
C ALA E 314 20.19 3.69 29.01
N TYR E 315 20.68 3.43 27.80
CA TYR E 315 19.89 2.70 26.82
C TYR E 315 20.73 1.60 26.21
N ASP E 316 20.30 0.37 26.43
CA ASP E 316 20.94 -0.75 25.76
C ASP E 316 20.39 -0.80 24.35
N VAL E 317 21.22 -0.60 23.34
CA VAL E 317 20.65 -0.58 22.00
C VAL E 317 20.83 -1.98 21.41
N ASP E 318 19.71 -2.56 20.96
CA ASP E 318 19.67 -3.99 20.68
C ASP E 318 20.01 -4.28 19.21
N PHE E 319 21.15 -4.91 19.01
CA PHE E 319 21.69 -5.15 17.67
C PHE E 319 21.28 -6.51 17.12
N THR E 320 20.43 -7.23 17.84
CA THR E 320 20.03 -8.58 17.44
C THR E 320 19.24 -8.60 16.14
N PRO E 321 19.69 -9.44 15.19
CA PRO E 321 19.08 -9.76 13.90
C PRO E 321 17.60 -10.15 13.95
N PRO E 322 16.84 -9.79 12.92
CA PRO E 322 17.08 -8.66 12.02
C PRO E 322 16.54 -7.35 12.61
N PHE E 323 17.04 -6.20 12.18
CA PHE E 323 16.53 -4.92 12.66
C PHE E 323 15.11 -4.62 12.14
N ARG E 324 14.41 -3.73 12.84
CA ARG E 324 13.09 -3.28 12.43
C ARG E 324 13.13 -2.55 11.09
N ARG E 325 12.17 -2.86 10.23
CA ARG E 325 12.06 -2.21 8.92
C ARG E 325 10.89 -1.24 8.88
N ILE E 326 11.15 -0.04 8.38
CA ILE E 326 10.13 1.01 8.32
C ILE E 326 10.11 1.66 6.94
N ASN E 327 8.92 1.79 6.37
CA ASN E 327 8.76 2.44 5.06
C ASN E 327 8.34 3.90 5.24
N MET E 328 9.01 4.79 4.50
CA MET E 328 8.98 6.22 4.76
C MET E 328 7.60 6.86 4.85
N VAL E 329 6.92 6.98 3.73
CA VAL E 329 5.64 7.67 3.69
C VAL E 329 4.54 6.76 4.22
N GLU E 330 4.82 5.46 4.25
CA GLU E 330 3.90 4.50 4.85
C GLU E 330 3.61 4.86 6.29
N GLU E 331 4.68 4.99 7.08
CA GLU E 331 4.55 5.27 8.50
C GLU E 331 4.62 6.77 8.86
N LEU E 332 5.01 7.62 7.91
CA LEU E 332 5.09 9.06 8.19
C LEU E 332 3.73 9.62 8.60
N GLU E 333 2.69 9.19 7.91
CA GLU E 333 1.33 9.59 8.25
C GLU E 333 0.78 8.80 9.42
N LYS E 334 1.34 7.62 9.65
CA LYS E 334 0.95 6.82 10.81
C LYS E 334 1.35 7.58 12.06
N ALA E 335 2.45 8.31 11.94
CA ALA E 335 2.88 9.23 12.99
C ALA E 335 2.09 10.53 12.93
N LEU E 336 1.77 10.98 11.71
CA LEU E 336 1.07 12.24 11.51
C LEU E 336 -0.44 12.11 11.75
N GLY E 337 -1.04 11.02 11.28
CA GLY E 337 -2.47 10.80 11.41
C GLY E 337 -3.30 11.55 10.39
N MET E 338 -2.78 11.65 9.17
CA MET E 338 -3.48 12.35 8.09
C MET E 338 -3.02 11.87 6.71
N LYS E 339 -3.80 12.14 5.69
CA LYS E 339 -3.51 11.62 4.35
C LYS E 339 -2.59 12.52 3.52
N LEU E 340 -1.44 11.97 3.13
CA LEU E 340 -0.54 12.63 2.20
C LEU E 340 -0.86 12.22 0.76
N PRO E 341 -0.47 13.04 -0.22
CA PRO E 341 -0.64 12.67 -1.63
C PRO E 341 0.07 11.35 -1.99
N GLU E 342 -0.48 10.61 -2.94
CA GLU E 342 0.08 9.32 -3.34
C GLU E 342 1.44 9.47 -4.05
N THR E 343 2.20 8.39 -4.10
CA THR E 343 3.60 8.35 -4.57
C THR E 343 3.76 8.85 -6.00
N ASN E 344 2.67 8.68 -6.73
CA ASN E 344 2.40 9.25 -8.03
C ASN E 344 2.69 10.74 -8.22
N LEU E 345 2.28 11.52 -7.24
CA LEU E 345 2.17 12.97 -7.34
C LEU E 345 3.21 13.80 -6.63
N PHE E 346 4.30 13.19 -6.19
CA PHE E 346 5.24 13.88 -5.33
C PHE E 346 5.97 15.04 -5.97
N GLU E 347 5.94 15.12 -7.29
CA GLU E 347 6.57 16.24 -7.97
C GLU E 347 5.65 17.44 -8.14
N THR E 348 4.41 17.32 -7.71
CA THR E 348 3.45 18.40 -7.86
C THR E 348 3.71 19.54 -6.95
N GLU E 349 3.72 20.74 -7.50
CA GLU E 349 3.76 21.89 -6.64
C GLU E 349 2.61 21.83 -5.66
N GLU E 350 1.53 21.20 -6.06
CA GLU E 350 0.41 21.06 -5.16
C GLU E 350 0.86 20.27 -3.97
N THR E 351 1.60 19.21 -4.25
CA THR E 351 2.12 18.36 -3.21
C THR E 351 3.10 19.12 -2.35
N ARG E 352 3.92 19.95 -2.97
CA ARG E 352 4.88 20.70 -2.20
C ARG E 352 4.15 21.63 -1.24
N LYS E 353 3.13 22.32 -1.72
CA LYS E 353 2.45 23.26 -0.86
C LYS E 353 1.86 22.47 0.24
N ILE E 354 1.30 21.32 -0.06
CA ILE E 354 0.59 20.57 0.96
C ILE E 354 1.52 20.11 2.06
N LEU E 355 2.69 19.65 1.66
CA LEU E 355 3.67 19.18 2.61
C LEU E 355 4.12 20.35 3.49
N ASP E 356 4.29 21.50 2.86
CA ASP E 356 4.72 22.70 3.57
C ASP E 356 3.65 23.07 4.58
N ASP E 357 2.40 22.89 4.18
CA ASP E 357 1.27 23.20 5.04
C ASP E 357 1.26 22.31 6.25
N ILE E 358 1.55 21.04 6.06
CA ILE E 358 1.67 20.13 7.19
C ILE E 358 2.82 20.52 8.09
N CYS E 359 3.86 21.04 7.47
CA CYS E 359 5.00 21.57 8.18
C CYS E 359 4.58 22.74 9.06
N VAL E 360 3.75 23.61 8.52
CA VAL E 360 3.21 24.73 9.26
C VAL E 360 2.39 24.19 10.39
N ALA E 361 1.66 23.13 10.09
CA ALA E 361 0.77 22.54 11.05
C ALA E 361 1.53 22.03 12.25
N LYS E 362 2.66 21.38 12.01
CA LYS E 362 3.36 20.79 13.14
C LYS E 362 4.42 21.73 13.65
N ALA E 363 4.46 22.94 13.08
CA ALA E 363 5.46 23.94 13.42
C ALA E 363 6.91 23.49 13.26
N VAL E 364 7.28 23.15 12.02
CA VAL E 364 8.66 22.79 11.67
C VAL E 364 9.27 23.87 10.77
N GLU E 365 10.56 24.11 10.94
CA GLU E 365 11.24 25.20 10.23
C GLU E 365 12.22 24.70 9.17
N CYS E 366 12.05 25.20 7.94
CA CYS E 366 12.87 24.78 6.80
C CYS E 366 13.38 25.95 5.96
N PRO E 367 14.62 26.40 6.25
CA PRO E 367 15.23 27.55 5.55
C PRO E 367 15.21 27.43 4.02
N PRO E 368 15.02 28.56 3.32
CA PRO E 368 14.87 28.64 1.86
C PRO E 368 16.08 28.12 1.08
N PRO E 369 15.86 27.65 -0.17
CA PRO E 369 14.53 27.46 -0.76
C PRO E 369 13.88 26.19 -0.24
N ARG E 370 12.57 26.16 -0.10
CA ARG E 370 11.95 24.94 0.39
C ARG E 370 11.32 24.15 -0.74
N THR E 371 12.06 23.14 -1.20
CA THR E 371 11.58 22.12 -2.14
C THR E 371 10.91 20.96 -1.42
N THR E 372 10.06 20.22 -2.12
CA THR E 372 9.35 19.07 -1.58
C THR E 372 10.26 18.15 -0.75
N ALA E 373 11.43 17.85 -1.30
CA ALA E 373 12.39 16.95 -0.67
C ALA E 373 12.81 17.40 0.73
N ARG E 374 13.16 18.68 0.85
CA ARG E 374 13.69 19.22 2.10
C ARG E 374 12.68 19.13 3.25
N LEU E 375 11.45 19.55 2.99
CA LEU E 375 10.42 19.48 4.02
C LEU E 375 10.02 18.04 4.30
N LEU E 376 9.98 17.22 3.24
CA LEU E 376 9.67 15.80 3.40
C LEU E 376 10.63 15.14 4.37
N ASP E 377 11.93 15.30 4.13
CA ASP E 377 12.94 14.64 4.94
C ASP E 377 13.09 15.33 6.30
N LYS E 378 12.77 16.61 6.37
CA LYS E 378 12.76 17.29 7.66
C LYS E 378 11.71 16.65 8.55
N LEU E 379 10.53 16.43 7.97
CA LEU E 379 9.44 15.78 8.69
C LEU E 379 9.77 14.34 9.07
N VAL E 380 10.20 13.54 8.10
CA VAL E 380 10.47 12.12 8.39
C VAL E 380 11.64 11.97 9.37
N GLY E 381 12.57 12.92 9.35
CA GLY E 381 13.71 12.88 10.23
C GLY E 381 13.32 13.31 11.63
N GLU E 382 12.35 14.21 11.70
CA GLU E 382 11.85 14.69 12.98
C GLU E 382 10.86 13.70 13.62
N PHE E 383 10.34 12.77 12.82
CA PHE E 383 9.25 11.93 13.30
C PHE E 383 9.55 10.42 13.23
N LEU E 384 9.72 9.90 12.01
CA LEU E 384 10.00 8.48 11.85
C LEU E 384 11.36 8.12 12.43
N GLU E 385 12.32 9.04 12.33
CA GLU E 385 13.69 8.80 12.74
C GLU E 385 13.91 8.90 14.25
N VAL E 386 13.18 9.79 14.90
CA VAL E 386 13.35 10.01 16.33
C VAL E 386 12.83 8.84 17.16
N THR E 387 11.98 8.01 16.55
CA THR E 387 11.41 6.85 17.24
C THR E 387 12.37 5.68 17.18
N CYS E 388 13.51 5.89 16.51
CA CYS E 388 14.50 4.84 16.43
C CYS E 388 15.59 5.08 17.46
N ILE E 389 15.58 4.22 18.47
CA ILE E 389 16.66 4.08 19.42
C ILE E 389 17.29 2.78 18.98
N ASN E 390 16.45 1.76 18.99
CA ASN E 390 16.70 0.51 18.29
C ASN E 390 17.09 0.79 16.86
N PRO E 391 18.09 0.07 16.36
CA PRO E 391 18.57 0.21 14.98
C PRO E 391 17.51 -0.19 13.95
N THR E 392 17.31 0.64 12.92
CA THR E 392 16.17 0.47 12.01
C THR E 392 16.47 0.79 10.54
N PHE E 393 15.79 0.10 9.63
CA PHE E 393 15.89 0.39 8.19
C PHE E 393 14.73 1.28 7.71
N ILE E 394 15.02 2.53 7.36
CA ILE E 394 14.00 3.38 6.76
C ILE E 394 14.02 3.23 5.24
N CYS E 395 12.93 2.77 4.65
CA CYS E 395 12.97 2.25 3.29
C CYS E 395 12.08 2.96 2.27
N ASP E 396 12.38 2.70 1.00
CA ASP E 396 11.55 3.10 -0.13
C ASP E 396 11.29 4.60 -0.24
N HIS E 397 12.37 5.38 -0.28
CA HIS E 397 12.29 6.82 -0.45
C HIS E 397 11.70 7.20 -1.80
N PRO E 398 11.00 8.34 -1.86
CA PRO E 398 10.58 8.93 -3.13
C PRO E 398 11.76 9.29 -4.04
N GLN E 399 11.44 9.41 -5.33
CA GLN E 399 12.39 9.54 -6.42
C GLN E 399 12.99 10.95 -6.40
N ILE E 400 12.19 11.90 -5.92
CA ILE E 400 12.58 13.31 -5.86
C ILE E 400 13.73 13.56 -4.87
N MET E 401 13.86 12.68 -3.88
CA MET E 401 14.97 12.79 -2.92
C MET E 401 16.16 11.91 -3.31
N SER E 402 15.99 11.09 -4.34
CA SER E 402 17.00 10.11 -4.71
C SER E 402 17.22 10.02 -6.21
N PRO E 403 17.93 11.00 -6.77
CA PRO E 403 18.16 11.07 -8.22
C PRO E 403 19.05 9.95 -8.76
N LEU E 404 19.91 9.39 -7.91
CA LEU E 404 20.81 8.33 -8.33
C LEU E 404 20.29 6.93 -8.02
N ALA E 405 19.14 6.86 -7.36
CA ALA E 405 18.58 5.57 -6.96
C ALA E 405 17.63 5.02 -8.03
N LYS E 406 17.73 3.72 -8.28
CA LYS E 406 16.87 3.07 -9.26
C LYS E 406 15.43 3.08 -8.80
N TRP E 407 14.51 3.26 -9.74
CA TRP E 407 13.08 3.35 -9.43
C TRP E 407 12.58 2.05 -8.80
N HIS E 408 11.62 2.19 -7.90
CA HIS E 408 11.06 1.04 -7.19
C HIS E 408 10.30 0.13 -8.15
N ARG E 409 10.57 -1.16 -8.08
CA ARG E 409 10.07 -2.13 -9.05
C ARG E 409 8.56 -2.40 -8.93
N SER E 410 7.96 -1.97 -7.83
CA SER E 410 6.54 -2.19 -7.61
C SER E 410 5.77 -0.89 -7.43
N LYS E 411 5.95 -0.25 -6.28
CA LYS E 411 5.30 1.04 -6.05
C LYS E 411 6.27 2.13 -6.48
N GLU E 412 5.95 2.81 -7.57
CA GLU E 412 6.90 3.79 -8.09
C GLU E 412 6.39 5.22 -7.93
N GLY E 413 7.23 6.17 -8.30
CA GLY E 413 7.17 7.50 -7.74
C GLY E 413 8.10 7.45 -6.54
N LEU E 414 8.37 6.22 -6.10
CA LEU E 414 9.34 5.92 -5.08
C LEU E 414 10.59 5.30 -5.70
N THR E 415 11.54 4.95 -4.84
CA THR E 415 12.75 4.24 -5.24
C THR E 415 13.02 3.09 -4.33
N GLU E 416 14.00 2.25 -4.67
CA GLU E 416 14.44 1.25 -3.73
C GLU E 416 15.67 1.80 -3.06
N ARG E 417 15.50 2.23 -1.82
CA ARG E 417 16.55 2.88 -1.04
C ARG E 417 16.27 2.67 0.43
N PHE E 418 17.33 2.56 1.24
CA PHE E 418 17.14 2.52 2.67
C PHE E 418 18.25 3.24 3.42
N GLU E 419 17.90 3.78 4.58
CA GLU E 419 18.85 4.40 5.48
C GLU E 419 18.85 3.65 6.81
N LEU E 420 20.02 3.21 7.25
CA LEU E 420 20.14 2.53 8.53
C LEU E 420 20.36 3.54 9.65
N PHE E 421 19.51 3.46 10.66
CA PHE E 421 19.55 4.38 11.77
C PHE E 421 19.94 3.69 13.07
N VAL E 422 20.94 4.24 13.74
CA VAL E 422 21.19 3.94 15.13
C VAL E 422 21.02 5.23 15.92
N MET E 423 20.36 5.14 17.06
CA MET E 423 19.94 6.30 17.82
C MET E 423 19.21 7.27 16.90
N LYS E 424 19.47 8.55 17.05
CA LYS E 424 18.82 9.54 16.22
C LYS E 424 19.59 9.83 14.93
N LYS E 425 20.68 9.09 14.70
CA LYS E 425 21.58 9.45 13.59
C LYS E 425 21.56 8.46 12.44
N GLU E 426 21.77 8.96 11.22
CA GLU E 426 21.89 8.09 10.05
C GLU E 426 23.31 7.55 9.97
N ILE E 427 23.46 6.23 10.12
CA ILE E 427 24.80 5.66 9.96
C ILE E 427 25.06 5.10 8.56
N CYS E 428 24.00 4.94 7.78
CA CYS E 428 24.11 4.26 6.48
C CYS E 428 23.11 4.77 5.45
N ASN E 429 23.54 4.79 4.19
CA ASN E 429 22.66 5.09 3.07
C ASN E 429 22.94 4.15 1.91
N ALA E 430 21.92 3.47 1.42
CA ALA E 430 22.11 2.46 0.37
C ALA E 430 20.91 2.34 -0.55
N TYR E 431 21.17 2.01 -1.81
CA TYR E 431 20.08 1.77 -2.75
C TYR E 431 20.54 0.95 -3.95
N THR E 432 19.59 0.37 -4.67
CA THR E 432 19.89 -0.24 -5.95
C THR E 432 20.23 0.87 -6.93
N GLU E 433 21.41 0.76 -7.53
CA GLU E 433 21.90 1.81 -8.41
C GLU E 433 21.09 1.87 -9.69
N LEU E 434 20.83 3.10 -10.15
CA LEU E 434 20.11 3.27 -11.40
C LEU E 434 21.07 3.07 -12.56
N ASN E 435 20.84 2.02 -13.33
CA ASN E 435 21.71 1.69 -14.46
C ASN E 435 21.13 2.14 -15.81
N ASP E 436 19.98 2.78 -15.78
CA ASP E 436 19.35 3.27 -17.01
C ASP E 436 19.91 4.64 -17.34
N PRO E 437 20.69 4.74 -18.42
CA PRO E 437 21.38 5.97 -18.82
C PRO E 437 20.43 7.10 -19.20
N MET E 438 19.35 6.77 -19.90
CA MET E 438 18.40 7.78 -20.35
C MET E 438 17.62 8.36 -19.16
N ARG E 439 17.17 7.48 -18.28
CA ARG E 439 16.44 7.89 -17.09
C ARG E 439 17.34 8.71 -16.17
N GLN E 440 18.59 8.26 -16.04
CA GLN E 440 19.58 8.94 -15.21
C GLN E 440 19.88 10.34 -15.73
N ARG E 441 20.05 10.45 -17.05
CA ARG E 441 20.31 11.74 -17.67
C ARG E 441 19.08 12.63 -17.57
N GLN E 442 17.90 12.01 -17.55
CA GLN E 442 16.64 12.73 -17.37
C GLN E 442 16.59 13.39 -16.00
N LEU E 443 16.80 12.58 -14.96
CA LEU E 443 16.84 13.08 -13.59
C LEU E 443 17.94 14.12 -13.41
N PHE E 444 19.07 13.90 -14.09
CA PHE E 444 20.17 14.86 -14.04
C PHE E 444 19.77 16.19 -14.66
N GLU E 445 19.00 16.14 -15.74
CA GLU E 445 18.48 17.34 -16.38
C GLU E 445 17.58 18.08 -15.40
N GLU E 446 16.76 17.32 -14.69
CA GLU E 446 15.90 17.90 -13.67
C GLU E 446 16.72 18.61 -12.58
N GLN E 447 17.82 17.97 -12.16
CA GLN E 447 18.69 18.54 -11.14
C GLN E 447 19.37 19.84 -11.61
N ALA E 448 19.97 19.78 -12.79
CA ALA E 448 20.64 20.93 -13.38
C ALA E 448 19.67 22.09 -13.55
N LYS E 449 18.43 21.76 -13.91
CA LYS E 449 17.38 22.77 -14.00
C LYS E 449 17.09 23.35 -12.62
N ALA E 450 17.09 22.48 -11.61
CA ALA E 450 16.83 22.90 -10.24
C ALA E 450 17.93 23.83 -9.72
N LYS E 451 19.12 23.70 -10.28
CA LYS E 451 20.24 24.56 -9.91
C LYS E 451 20.00 26.01 -10.35
N ALA E 452 19.39 26.17 -11.52
CA ALA E 452 19.12 27.50 -12.06
C ALA E 452 17.97 28.18 -11.32
N ALA E 453 17.26 27.42 -10.50
CA ALA E 453 16.19 27.96 -9.68
C ALA E 453 16.74 28.48 -8.36
N GLY E 454 18.04 28.31 -8.17
CA GLY E 454 18.70 28.77 -6.96
C GLY E 454 19.03 27.66 -5.99
N ASP E 455 18.60 26.43 -6.31
CA ASP E 455 18.87 25.30 -5.43
C ASP E 455 20.15 24.63 -5.90
N ASP E 456 21.25 24.91 -5.21
CA ASP E 456 22.54 24.37 -5.59
C ASP E 456 23.07 23.23 -4.71
N GLU E 457 22.31 22.83 -3.70
CA GLU E 457 22.62 21.60 -2.99
C GLU E 457 22.42 20.44 -3.95
N ALA E 458 21.61 20.70 -4.97
CA ALA E 458 21.31 19.73 -6.01
C ALA E 458 22.55 19.36 -6.83
N MET E 459 22.49 18.19 -7.47
CA MET E 459 23.61 17.64 -8.20
C MET E 459 23.81 18.29 -9.58
N PHE E 460 25.07 18.43 -9.98
CA PHE E 460 25.40 18.85 -11.32
C PHE E 460 25.52 17.63 -12.23
N ILE E 461 25.09 17.75 -13.47
CA ILE E 461 25.15 16.65 -14.42
C ILE E 461 26.58 16.21 -14.71
N ASP E 462 26.85 14.92 -14.53
CA ASP E 462 28.14 14.36 -14.90
C ASP E 462 27.97 13.60 -16.21
N GLU E 463 28.55 14.14 -17.29
CA GLU E 463 28.40 13.54 -18.61
C GLU E 463 29.21 12.26 -18.76
N ASN E 464 30.37 12.22 -18.11
CA ASN E 464 31.23 11.05 -18.16
C ASN E 464 30.55 9.82 -17.53
N PHE E 465 29.88 10.05 -16.42
CA PHE E 465 29.17 8.98 -15.72
C PHE E 465 28.04 8.40 -16.57
N CYS E 466 27.24 9.28 -17.16
CA CYS E 466 26.14 8.86 -18.02
C CYS E 466 26.68 8.12 -19.24
N THR E 467 27.76 8.64 -19.81
CA THR E 467 28.42 8.00 -20.94
C THR E 467 28.85 6.58 -20.55
N ALA E 468 29.37 6.44 -19.34
CA ALA E 468 29.76 5.13 -18.82
C ALA E 468 28.55 4.23 -18.69
N LEU E 469 27.44 4.79 -18.25
CA LEU E 469 26.19 4.04 -18.12
C LEU E 469 25.66 3.58 -19.47
N GLU E 470 26.05 4.29 -20.53
CA GLU E 470 25.60 3.94 -21.87
C GLU E 470 26.30 2.70 -22.41
N TYR E 471 27.50 2.42 -21.90
CA TYR E 471 28.19 1.17 -22.20
C TYR E 471 27.56 0.05 -21.37
N GLY E 472 26.75 0.47 -20.41
CA GLY E 472 25.93 -0.39 -19.59
C GLY E 472 26.51 -0.70 -18.24
N LEU E 473 25.62 -0.73 -17.25
CA LEU E 473 25.96 -1.10 -15.88
C LEU E 473 25.13 -2.31 -15.48
N PRO E 474 25.79 -3.43 -15.16
CA PRO E 474 25.05 -4.59 -14.65
C PRO E 474 24.19 -4.18 -13.46
N PRO E 475 23.03 -4.82 -13.26
CA PRO E 475 22.20 -4.45 -12.11
C PRO E 475 23.02 -4.52 -10.84
N THR E 476 23.00 -3.45 -10.05
CA THR E 476 23.99 -3.28 -9.00
C THR E 476 23.39 -2.54 -7.81
N ALA E 477 23.80 -2.92 -6.61
CA ALA E 477 23.35 -2.24 -5.40
C ALA E 477 24.53 -1.57 -4.70
N GLY E 478 24.39 -0.26 -4.46
CA GLY E 478 25.37 0.50 -3.71
C GLY E 478 25.00 0.73 -2.26
N TRP E 479 26.04 0.98 -1.46
CA TRP E 479 25.91 1.10 -0.01
C TRP E 479 26.98 2.02 0.53
N GLY E 480 26.67 2.74 1.61
CA GLY E 480 27.64 3.60 2.25
C GLY E 480 27.37 3.77 3.72
N MET E 481 28.44 4.04 4.48
CA MET E 481 28.34 4.15 5.93
C MET E 481 29.27 5.22 6.47
N GLY E 482 28.73 6.09 7.33
CA GLY E 482 29.58 6.99 8.10
C GLY E 482 30.37 6.17 9.11
N ILE E 483 31.69 6.27 9.04
CA ILE E 483 32.55 5.51 9.95
C ILE E 483 32.59 6.18 11.31
N ASP E 484 32.69 7.50 11.29
CA ASP E 484 32.80 8.29 12.50
C ASP E 484 31.60 8.10 13.41
N ARG E 485 30.41 7.99 12.83
CA ARG E 485 29.19 7.85 13.60
C ARG E 485 29.08 6.47 14.25
N VAL E 486 29.47 5.44 13.51
CA VAL E 486 29.55 4.09 14.06
C VAL E 486 30.51 4.09 15.24
N ALA E 487 31.64 4.75 15.05
CA ALA E 487 32.64 4.90 16.11
C ALA E 487 32.05 5.65 17.31
N MET E 488 31.15 6.59 17.04
CA MET E 488 30.47 7.33 18.09
C MET E 488 29.58 6.39 18.91
N PHE E 489 28.79 5.59 18.20
CA PHE E 489 27.83 4.69 18.86
C PHE E 489 28.53 3.60 19.65
N LEU E 490 29.62 3.05 19.12
CA LEU E 490 30.31 1.95 19.78
C LEU E 490 31.17 2.42 20.94
N THR E 491 31.57 3.70 20.93
CA THR E 491 32.32 4.26 22.04
C THR E 491 31.44 5.06 23.02
N ASP E 492 30.16 5.20 22.69
CA ASP E 492 29.29 6.16 23.36
C ASP E 492 29.98 7.52 23.31
N SER E 493 29.97 8.12 22.13
CA SER E 493 30.39 9.51 21.99
C SER E 493 29.20 10.32 21.51
N ASN E 494 28.80 11.32 22.29
CA ASN E 494 27.69 12.18 21.89
C ASN E 494 28.15 13.16 20.81
N ASN E 495 29.46 13.41 20.78
CA ASN E 495 30.03 14.28 19.76
C ASN E 495 31.02 13.52 18.89
N ILE E 496 31.09 13.90 17.62
CA ILE E 496 31.95 13.24 16.66
C ILE E 496 33.43 13.53 16.94
N LYS E 497 33.69 14.66 17.60
CA LYS E 497 35.05 15.09 17.90
C LYS E 497 35.78 14.09 18.80
N GLU E 498 35.02 13.25 19.48
CA GLU E 498 35.60 12.21 20.33
C GLU E 498 36.29 11.14 19.50
N VAL E 499 35.70 10.82 18.34
CA VAL E 499 36.26 9.75 17.51
C VAL E 499 37.16 10.30 16.41
N LEU E 500 37.35 11.62 16.40
CA LEU E 500 38.28 12.27 15.49
C LEU E 500 39.53 12.72 16.25
N LEU E 501 40.70 12.31 15.77
CA LEU E 501 41.96 12.60 16.44
C LEU E 501 42.20 14.09 16.59
N PHE E 502 42.05 14.84 15.51
CA PHE E 502 42.21 16.29 15.55
C PHE E 502 41.06 16.97 14.84
N PRO E 503 39.93 17.11 15.53
CA PRO E 503 38.71 17.72 14.96
C PRO E 503 38.89 19.20 14.65
N ALA E 504 38.14 19.72 13.69
CA ALA E 504 38.23 21.11 13.33
C ALA E 504 37.72 22.01 14.45
N MET E 505 38.56 22.95 14.87
CA MET E 505 38.21 23.88 15.94
C MET E 505 38.34 25.31 15.45
N LYS E 506 37.61 26.23 16.07
CA LYS E 506 37.69 27.64 15.73
C LYS E 506 38.78 28.33 16.56
N PRO E 507 39.89 28.72 15.90
CA PRO E 507 41.02 29.35 16.58
C PRO E 507 40.67 30.72 17.17
N ASP F 4 29.54 6.55 -37.98
CA ASP F 4 29.18 5.16 -37.67
C ASP F 4 29.11 4.95 -36.14
N PRO F 5 30.12 5.42 -35.37
CA PRO F 5 29.92 5.36 -33.91
C PRO F 5 28.65 6.10 -33.53
N ASN F 6 28.51 7.31 -34.07
CA ASN F 6 27.17 7.82 -34.13
C ASN F 6 26.64 7.37 -35.48
N GLN F 7 26.13 6.16 -35.45
CA GLN F 7 25.06 5.64 -36.24
C GLN F 7 24.46 4.63 -35.27
N TYR F 8 25.33 3.64 -34.99
CA TYR F 8 25.11 2.56 -34.02
C TYR F 8 24.60 3.05 -32.68
N TYR F 9 25.19 4.13 -32.14
CA TYR F 9 24.67 4.64 -30.87
C TYR F 9 23.18 4.99 -30.99
N LYS F 10 22.84 5.72 -32.05
CA LYS F 10 21.46 6.15 -32.30
C LYS F 10 20.51 4.96 -32.43
N ILE F 11 20.84 4.07 -33.37
CA ILE F 11 20.01 2.90 -33.64
C ILE F 11 19.80 2.03 -32.40
N ARG F 12 20.89 1.73 -31.70
CA ARG F 12 20.81 0.88 -30.52
C ARG F 12 20.03 1.55 -29.40
N SER F 13 20.27 2.84 -29.18
CA SER F 13 19.56 3.59 -28.15
C SER F 13 18.06 3.57 -28.39
N GLN F 14 17.67 3.88 -29.63
CA GLN F 14 16.25 3.90 -29.98
C GLN F 14 15.64 2.51 -29.91
N ALA F 15 16.42 1.49 -30.24
CA ALA F 15 15.96 0.11 -30.18
C ALA F 15 15.68 -0.31 -28.75
N ILE F 16 16.61 0.01 -27.84
CA ILE F 16 16.44 -0.30 -26.43
C ILE F 16 15.26 0.47 -25.85
N HIS F 17 15.12 1.73 -26.25
CA HIS F 17 13.97 2.54 -25.83
C HIS F 17 12.67 1.86 -26.27
N GLN F 18 12.65 1.36 -27.50
CA GLN F 18 11.50 0.63 -28.01
C GLN F 18 11.25 -0.62 -27.17
N LEU F 19 12.33 -1.27 -26.73
CA LEU F 19 12.21 -2.43 -25.85
C LEU F 19 11.55 -2.03 -24.53
N LYS F 20 11.84 -0.83 -24.06
CA LYS F 20 11.19 -0.30 -22.87
C LYS F 20 9.71 -0.09 -23.12
N VAL F 21 9.39 0.47 -24.29
CA VAL F 21 8.00 0.74 -24.66
C VAL F 21 7.20 -0.55 -24.80
N ASN F 22 7.83 -1.58 -25.37
CA ASN F 22 7.16 -2.86 -25.55
C ASN F 22 6.97 -3.62 -24.24
N GLY F 23 7.58 -3.11 -23.18
CA GLY F 23 7.45 -3.70 -21.86
C GLY F 23 8.32 -4.93 -21.68
N GLU F 24 9.43 -4.98 -22.40
CA GLU F 24 10.35 -6.11 -22.30
C GLU F 24 11.45 -5.84 -21.28
N ASP F 25 11.43 -4.64 -20.71
CA ASP F 25 12.29 -4.27 -19.58
C ASP F 25 13.77 -4.62 -19.77
N PRO F 26 14.47 -3.86 -20.62
CA PRO F 26 15.90 -4.10 -20.88
C PRO F 26 16.79 -3.84 -19.67
N TYR F 27 16.26 -3.13 -18.68
CA TYR F 27 16.99 -2.86 -17.45
C TYR F 27 16.24 -3.40 -16.23
N PRO F 28 16.22 -4.74 -16.05
CA PRO F 28 15.49 -5.34 -14.93
C PRO F 28 16.15 -5.05 -13.59
N HIS F 29 15.35 -5.04 -12.51
CA HIS F 29 15.85 -4.73 -11.18
C HIS F 29 16.75 -5.82 -10.61
N LYS F 30 16.25 -7.05 -10.59
CA LYS F 30 16.98 -8.13 -9.92
C LYS F 30 17.06 -9.41 -10.76
N PHE F 31 18.28 -9.94 -10.85
CA PHE F 31 18.52 -11.23 -11.49
C PHE F 31 19.28 -12.12 -10.51
N HIS F 32 18.64 -13.19 -10.06
CA HIS F 32 19.23 -14.07 -9.05
C HIS F 32 20.32 -14.94 -9.65
N VAL F 33 21.50 -14.89 -9.04
CA VAL F 33 22.67 -15.59 -9.55
C VAL F 33 23.09 -16.70 -8.59
N ASP F 34 22.94 -17.95 -9.01
CA ASP F 34 23.28 -19.10 -8.19
C ASP F 34 24.79 -19.25 -8.02
N ILE F 35 25.49 -19.29 -9.14
CA ILE F 35 26.93 -19.47 -9.14
C ILE F 35 27.63 -18.39 -9.95
N SER F 36 28.94 -18.42 -9.90
CA SER F 36 29.75 -17.43 -10.52
C SER F 36 30.78 -18.02 -11.42
N LEU F 37 31.25 -17.18 -12.31
CA LEU F 37 31.94 -17.68 -13.44
C LEU F 37 33.14 -18.46 -13.08
N THR F 38 33.97 -17.97 -12.17
CA THR F 38 35.26 -18.63 -11.94
C THR F 38 35.16 -20.04 -11.37
N ASP F 39 34.31 -20.13 -10.36
CA ASP F 39 34.14 -21.38 -9.69
C ASP F 39 33.58 -22.33 -10.74
N PHE F 40 32.59 -21.82 -11.47
CA PHE F 40 31.86 -22.66 -12.38
C PHE F 40 32.87 -23.20 -13.36
N ILE F 41 33.75 -22.34 -13.85
CA ILE F 41 34.61 -22.76 -14.93
C ILE F 41 35.50 -23.87 -14.50
N GLN F 42 36.24 -23.74 -13.39
CA GLN F 42 37.19 -24.86 -13.11
C GLN F 42 36.41 -26.16 -12.82
N LYS F 43 35.33 -25.94 -12.06
CA LYS F 43 34.62 -27.04 -11.50
C LYS F 43 34.09 -27.88 -12.62
N TYR F 44 33.47 -27.25 -13.59
CA TYR F 44 32.81 -28.01 -14.63
C TYR F 44 33.70 -28.23 -15.82
N SER F 45 34.88 -27.65 -15.73
CA SER F 45 36.04 -27.85 -16.54
C SER F 45 36.54 -29.26 -16.37
N HIS F 46 36.04 -29.93 -15.34
CA HIS F 46 36.24 -31.41 -15.35
C HIS F 46 35.68 -32.41 -16.46
N LEU F 47 34.80 -31.98 -17.37
CA LEU F 47 33.89 -32.67 -18.28
C LEU F 47 34.54 -33.04 -19.61
N GLN F 48 34.12 -34.15 -20.18
CA GLN F 48 34.60 -34.60 -21.48
C GLN F 48 33.77 -33.96 -22.60
N PRO F 49 34.36 -33.79 -23.79
CA PRO F 49 33.64 -33.20 -24.93
C PRO F 49 32.37 -33.96 -25.30
N GLY F 50 31.28 -33.23 -25.50
CA GLY F 50 30.02 -33.82 -25.90
C GLY F 50 29.05 -34.02 -24.73
N ASP F 51 29.50 -33.64 -23.54
CA ASP F 51 28.73 -33.85 -22.31
C ASP F 51 27.66 -32.78 -22.07
N HIS F 52 26.49 -33.18 -21.56
CA HIS F 52 25.58 -32.24 -20.89
C HIS F 52 24.83 -32.95 -19.76
N LEU F 53 24.84 -32.33 -18.58
CA LEU F 53 24.20 -32.87 -17.36
C LEU F 53 22.67 -32.97 -17.46
N THR F 54 22.06 -31.83 -17.80
CA THR F 54 20.66 -31.68 -18.16
C THR F 54 19.62 -31.71 -17.02
N ASP F 55 19.96 -32.23 -15.84
CA ASP F 55 19.01 -32.10 -14.73
C ASP F 55 19.20 -30.79 -13.92
N ILE F 56 20.45 -30.45 -13.60
CA ILE F 56 20.75 -29.23 -12.82
C ILE F 56 20.44 -27.99 -13.66
N THR F 57 20.12 -26.86 -13.02
CA THR F 57 20.01 -25.58 -13.76
C THR F 57 20.63 -24.42 -12.98
N LEU F 58 21.57 -23.73 -13.61
CA LEU F 58 22.32 -22.65 -12.95
C LEU F 58 22.15 -21.30 -13.64
N LYS F 59 22.39 -20.22 -12.90
CA LYS F 59 22.29 -18.88 -13.46
C LYS F 59 23.62 -18.12 -13.32
N VAL F 60 24.11 -17.59 -14.43
CA VAL F 60 25.37 -16.84 -14.43
C VAL F 60 25.16 -15.51 -15.16
N ALA F 61 26.13 -14.61 -15.08
CA ALA F 61 25.97 -13.31 -15.74
C ALA F 61 27.31 -12.73 -16.21
N GLY F 62 27.26 -11.85 -17.19
CA GLY F 62 28.48 -11.21 -17.66
C GLY F 62 28.33 -10.33 -18.89
N ARG F 63 29.47 -9.95 -19.47
CA ARG F 63 29.47 -9.08 -20.65
C ARG F 63 29.87 -9.87 -21.90
N ILE F 64 29.09 -9.73 -22.96
CA ILE F 64 29.32 -10.47 -24.20
C ILE F 64 30.46 -9.87 -24.99
N HIS F 65 31.55 -10.62 -25.21
CA HIS F 65 32.62 -10.01 -26.00
C HIS F 65 32.62 -10.44 -27.47
N ALA F 66 31.76 -11.40 -27.80
CA ALA F 66 31.59 -11.80 -29.20
C ALA F 66 30.22 -12.40 -29.44
N LYS F 67 29.69 -12.19 -30.64
CA LYS F 67 28.45 -12.83 -31.07
C LYS F 67 28.66 -13.46 -32.44
N ARG F 68 28.54 -14.78 -32.51
CA ARG F 68 28.79 -15.48 -33.76
C ARG F 68 27.77 -16.60 -33.98
N ALA F 69 27.31 -16.71 -35.21
CA ALA F 69 26.24 -17.64 -35.56
C ALA F 69 26.77 -18.95 -36.15
N SER F 70 26.38 -20.05 -35.52
CA SER F 70 26.62 -21.39 -36.05
C SER F 70 26.10 -21.48 -37.47
N GLY F 71 24.80 -21.27 -37.55
CA GLY F 71 23.98 -21.44 -38.73
C GLY F 71 22.66 -20.87 -38.25
N GLY F 72 21.57 -21.20 -38.90
CA GLY F 72 20.28 -20.67 -38.51
C GLY F 72 19.85 -20.85 -37.05
N LYS F 73 19.90 -22.08 -36.56
CA LYS F 73 19.23 -22.44 -35.31
C LYS F 73 20.08 -22.45 -34.02
N LEU F 74 21.36 -22.12 -34.11
CA LEU F 74 22.24 -22.19 -32.95
C LEU F 74 23.17 -20.99 -32.90
N ILE F 75 23.42 -20.45 -31.70
CA ILE F 75 24.27 -19.26 -31.58
C ILE F 75 25.21 -19.30 -30.36
N PHE F 76 26.47 -18.93 -30.58
CA PHE F 76 27.47 -18.91 -29.51
C PHE F 76 27.81 -17.48 -29.04
N TYR F 77 27.74 -17.25 -27.73
CA TYR F 77 28.23 -15.99 -27.15
C TYR F 77 29.31 -16.24 -26.12
N ASP F 78 30.57 -15.87 -26.33
CA ASP F 78 31.46 -16.05 -25.18
C ASP F 78 31.41 -14.79 -24.30
N LEU F 79 31.14 -15.10 -23.05
CA LEU F 79 30.78 -14.17 -22.00
C LEU F 79 31.96 -14.03 -21.07
N ARG F 80 32.26 -12.79 -20.69
CA ARG F 80 33.43 -12.52 -19.87
C ARG F 80 33.06 -11.71 -18.64
N GLY F 81 33.82 -11.98 -17.58
CA GLY F 81 33.73 -11.27 -16.32
C GLY F 81 34.81 -11.88 -15.43
N GLU F 82 35.22 -11.13 -14.41
CA GLU F 82 36.20 -11.61 -13.44
C GLU F 82 37.50 -12.06 -14.11
N GLY F 83 37.76 -11.53 -15.31
CA GLY F 83 38.95 -11.87 -16.05
C GLY F 83 38.99 -13.25 -16.67
N VAL F 84 37.83 -13.91 -16.75
CA VAL F 84 37.78 -15.24 -17.37
C VAL F 84 36.78 -15.29 -18.53
N LYS F 85 36.70 -16.44 -19.18
CA LYS F 85 35.83 -16.59 -20.34
C LYS F 85 34.99 -17.85 -20.23
N LEU F 86 33.75 -17.74 -20.69
CA LEU F 86 32.90 -18.90 -20.87
C LEU F 86 32.03 -18.75 -22.12
N GLN F 87 32.09 -19.71 -23.05
CA GLN F 87 31.14 -19.77 -24.17
C GLN F 87 29.71 -20.22 -23.77
N VAL F 88 28.75 -19.47 -24.29
CA VAL F 88 27.34 -19.71 -24.13
C VAL F 88 26.78 -20.36 -25.39
N MET F 89 26.31 -21.58 -25.26
CA MET F 89 25.81 -22.33 -26.40
C MET F 89 24.30 -22.33 -26.44
N ALA F 90 23.74 -21.58 -27.38
CA ALA F 90 22.29 -21.45 -27.46
C ALA F 90 21.74 -22.34 -28.57
N ASN F 91 21.10 -23.42 -28.17
CA ASN F 91 20.47 -24.36 -29.09
C ASN F 91 18.98 -24.36 -28.83
N SER F 92 18.19 -24.13 -29.88
CA SER F 92 16.75 -23.92 -29.76
C SER F 92 16.03 -25.09 -29.13
N ARG F 93 16.57 -26.30 -29.29
CA ARG F 93 15.96 -27.48 -28.70
C ARG F 93 16.09 -27.45 -27.19
N ASN F 94 17.18 -26.87 -26.70
CA ASN F 94 17.41 -26.75 -25.27
C ASN F 94 16.83 -25.46 -24.68
N TYR F 95 16.44 -24.54 -25.56
CA TYR F 95 15.84 -23.28 -25.11
C TYR F 95 14.38 -23.50 -24.72
N LYS F 96 13.85 -22.60 -23.90
CA LYS F 96 12.47 -22.66 -23.44
C LYS F 96 11.48 -22.82 -24.60
N SER F 97 11.71 -22.07 -25.67
CA SER F 97 10.89 -22.16 -26.87
C SER F 97 11.68 -21.77 -28.11
N GLU F 98 11.25 -22.26 -29.27
CA GLU F 98 11.89 -21.92 -30.53
C GLU F 98 11.59 -20.47 -30.92
N GLU F 99 10.39 -20.01 -30.56
CA GLU F 99 9.91 -18.70 -30.97
C GLU F 99 10.55 -17.55 -30.19
N GLU F 100 10.96 -17.82 -28.95
CA GLU F 100 11.60 -16.79 -28.14
C GLU F 100 13.12 -16.79 -28.33
N PHE F 101 13.61 -17.84 -28.99
CA PHE F 101 15.03 -17.98 -29.31
C PHE F 101 15.47 -16.88 -30.29
N ILE F 102 14.78 -16.82 -31.42
CA ILE F 102 15.00 -15.77 -32.41
C ILE F 102 14.91 -14.38 -31.79
N HIS F 103 13.93 -14.21 -30.91
CA HIS F 103 13.66 -12.91 -30.31
C HIS F 103 14.78 -12.47 -29.36
N ILE F 104 15.20 -13.36 -28.47
CA ILE F 104 16.23 -13.02 -27.51
C ILE F 104 17.60 -12.90 -28.19
N ASN F 105 17.80 -13.62 -29.29
CA ASN F 105 19.13 -13.69 -29.88
C ASN F 105 19.60 -12.44 -30.63
N ASN F 106 18.78 -11.88 -31.51
CA ASN F 106 19.18 -10.64 -32.17
C ASN F 106 19.01 -9.43 -31.27
N LYS F 107 18.17 -9.56 -30.24
CA LYS F 107 18.03 -8.50 -29.25
C LYS F 107 19.38 -8.23 -28.60
N LEU F 108 20.15 -9.30 -28.41
CA LEU F 108 21.49 -9.18 -27.85
C LEU F 108 22.49 -8.70 -28.90
N ARG F 109 23.34 -7.77 -28.50
CA ARG F 109 24.43 -7.29 -29.33
C ARG F 109 25.72 -7.41 -28.53
N ARG F 110 26.85 -7.29 -29.22
CA ARG F 110 28.14 -7.34 -28.55
C ARG F 110 28.28 -6.23 -27.52
N GLY F 111 28.68 -6.60 -26.30
CA GLY F 111 28.86 -5.64 -25.24
C GLY F 111 27.75 -5.67 -24.20
N ASP F 112 26.69 -6.39 -24.50
CA ASP F 112 25.53 -6.45 -23.61
C ASP F 112 25.83 -7.26 -22.35
N ILE F 113 25.27 -6.79 -21.24
CA ILE F 113 25.33 -7.49 -19.97
C ILE F 113 24.12 -8.40 -19.87
N ILE F 114 24.36 -9.70 -19.86
CA ILE F 114 23.27 -10.67 -19.82
C ILE F 114 23.40 -11.65 -18.67
N GLY F 115 22.25 -12.02 -18.12
CA GLY F 115 22.16 -13.20 -17.29
C GLY F 115 21.73 -14.35 -18.16
N VAL F 116 22.15 -15.56 -17.80
CA VAL F 116 21.77 -16.76 -18.53
C VAL F 116 21.38 -17.83 -17.51
N GLN F 117 20.22 -18.43 -17.74
CA GLN F 117 19.77 -19.57 -16.96
C GLN F 117 19.92 -20.80 -17.85
N GLY F 118 20.90 -21.64 -17.52
CA GLY F 118 21.34 -22.72 -18.38
C GLY F 118 22.25 -23.69 -17.71
N ASN F 119 22.93 -24.50 -18.51
CA ASN F 119 23.56 -25.69 -17.94
C ASN F 119 24.88 -26.15 -18.48
N PRO F 120 25.67 -26.81 -17.63
CA PRO F 120 27.02 -27.18 -18.08
C PRO F 120 27.08 -28.04 -19.36
N GLY F 121 28.26 -28.02 -19.98
CA GLY F 121 28.53 -28.85 -21.14
C GLY F 121 29.94 -28.62 -21.70
N LYS F 122 30.28 -29.42 -22.71
CA LYS F 122 31.55 -29.29 -23.40
C LYS F 122 31.25 -29.47 -24.87
N THR F 123 31.75 -28.55 -25.68
CA THR F 123 31.52 -28.61 -27.11
C THR F 123 32.26 -29.81 -27.69
N LYS F 124 31.86 -30.23 -28.89
CA LYS F 124 32.49 -31.38 -29.54
C LYS F 124 33.98 -31.13 -29.76
N LYS F 125 34.36 -29.86 -29.83
CA LYS F 125 35.76 -29.47 -30.02
C LYS F 125 36.51 -29.36 -28.69
N GLY F 126 35.80 -29.57 -27.57
CA GLY F 126 36.44 -29.62 -26.27
C GLY F 126 36.43 -28.36 -25.42
N GLU F 127 35.54 -27.42 -25.72
CA GLU F 127 35.45 -26.17 -24.97
C GLU F 127 34.29 -26.19 -23.98
N LEU F 128 34.58 -25.82 -22.73
CA LEU F 128 33.57 -25.78 -21.67
C LEU F 128 32.55 -24.68 -21.92
N SER F 129 31.28 -25.01 -21.75
CA SER F 129 30.19 -24.12 -22.12
C SER F 129 28.93 -24.29 -21.29
N ILE F 130 27.95 -23.43 -21.57
CA ILE F 130 26.67 -23.48 -20.88
C ILE F 130 25.51 -23.30 -21.87
N ILE F 131 24.51 -24.15 -21.74
CA ILE F 131 23.35 -24.16 -22.65
C ILE F 131 22.09 -23.68 -21.93
N PRO F 132 21.62 -22.48 -22.29
CA PRO F 132 20.50 -21.77 -21.66
C PRO F 132 19.11 -22.36 -21.90
N TYR F 133 18.33 -22.42 -20.82
CA TYR F 133 16.89 -22.58 -20.92
C TYR F 133 16.27 -21.23 -21.22
N GLU F 134 16.85 -20.19 -20.61
CA GLU F 134 16.39 -18.82 -20.82
C GLU F 134 17.55 -17.83 -20.71
N ILE F 135 17.55 -16.81 -21.57
CA ILE F 135 18.53 -15.73 -21.49
C ILE F 135 17.82 -14.41 -21.24
N THR F 136 18.33 -13.63 -20.29
CA THR F 136 17.73 -12.36 -19.95
C THR F 136 18.72 -11.21 -20.12
N LEU F 137 18.29 -10.13 -20.76
CA LEU F 137 19.14 -8.97 -20.92
C LEU F 137 19.15 -8.16 -19.63
N LEU F 138 20.30 -8.10 -18.98
CA LEU F 138 20.43 -7.38 -17.71
C LEU F 138 20.66 -5.89 -17.93
N SER F 139 21.41 -5.56 -18.97
CA SER F 139 21.58 -4.16 -19.40
C SER F 139 22.40 -4.08 -20.68
N PRO F 140 21.91 -3.30 -21.65
CA PRO F 140 22.52 -3.19 -22.98
C PRO F 140 23.72 -2.25 -23.06
N CYS F 141 24.60 -2.51 -24.03
CA CYS F 141 25.66 -1.57 -24.37
C CYS F 141 25.24 -0.75 -25.57
N LEU F 142 25.09 0.55 -25.38
CA LEU F 142 24.55 1.44 -26.42
C LEU F 142 25.64 1.93 -27.38
N HIS F 143 26.90 1.61 -27.08
CA HIS F 143 28.01 2.07 -27.90
C HIS F 143 28.70 0.90 -28.58
N MET F 144 29.38 1.20 -29.69
CA MET F 144 30.16 0.20 -30.41
C MET F 144 31.47 -0.08 -29.67
N LEU F 145 31.69 -1.34 -29.31
CA LEU F 145 32.87 -1.73 -28.56
C LEU F 145 34.05 -1.96 -29.50
N PRO F 146 35.18 -1.28 -29.24
CA PRO F 146 36.38 -1.28 -30.07
C PRO F 146 37.11 -2.61 -30.11
N HIS F 147 38.01 -2.76 -31.08
CA HIS F 147 38.97 -3.86 -31.10
C HIS F 147 40.19 -3.34 -31.86
N LEU F 148 41.25 -4.13 -31.95
CA LEU F 148 42.56 -3.82 -32.52
C LEU F 148 43.21 -2.63 -31.82
N ASP F 154 44.64 5.11 -28.15
CA ASP F 154 45.86 5.59 -27.53
C ASP F 154 45.81 5.40 -26.01
N LYS F 155 46.94 5.62 -25.35
CA LYS F 155 47.02 5.52 -23.89
C LYS F 155 46.14 6.58 -23.23
N GLU F 156 45.99 7.69 -23.96
CA GLU F 156 45.33 8.87 -23.45
C GLU F 156 43.83 8.57 -23.22
N THR F 157 43.21 7.99 -24.24
CA THR F 157 41.82 7.53 -24.16
C THR F 157 41.67 6.42 -23.12
N ARG F 158 42.67 5.54 -23.03
CA ARG F 158 42.71 4.51 -22.00
C ARG F 158 42.57 5.11 -20.62
N TYR F 159 43.24 6.23 -20.40
CA TYR F 159 43.22 6.89 -19.10
C TYR F 159 41.93 7.67 -18.84
N ARG F 160 41.38 8.35 -19.84
CA ARG F 160 40.13 9.07 -19.58
C ARG F 160 38.93 8.14 -19.37
N GLN F 161 38.76 7.15 -20.24
CA GLN F 161 37.78 6.12 -19.95
C GLN F 161 38.52 4.90 -19.45
N ARG F 162 38.48 4.68 -18.14
CA ARG F 162 39.17 3.55 -17.53
C ARG F 162 38.31 2.30 -17.58
N TYR F 163 37.00 2.49 -17.72
CA TYR F 163 36.07 1.36 -17.74
C TYR F 163 36.22 0.58 -19.04
N LEU F 164 36.50 1.28 -20.14
CA LEU F 164 36.77 0.63 -21.41
C LEU F 164 38.07 -0.16 -21.34
N ASP F 165 39.06 0.42 -20.66
CA ASP F 165 40.36 -0.20 -20.48
C ASP F 165 40.23 -1.47 -19.64
N LEU F 166 39.37 -1.42 -18.63
CA LEU F 166 39.14 -2.56 -17.75
C LEU F 166 38.33 -3.66 -18.46
N ILE F 167 37.39 -3.24 -19.29
CA ILE F 167 36.58 -4.20 -20.05
C ILE F 167 37.42 -4.93 -21.09
N LEU F 168 38.17 -4.17 -21.87
CA LEU F 168 38.97 -4.73 -22.96
C LEU F 168 40.29 -5.36 -22.50
N ASN F 169 40.92 -4.77 -21.48
CA ASN F 169 42.21 -5.24 -21.02
C ASN F 169 42.19 -5.75 -19.57
N ASP F 170 42.50 -7.03 -19.40
CA ASP F 170 42.51 -7.67 -18.09
C ASP F 170 43.74 -7.26 -17.29
N PHE F 171 44.87 -7.13 -17.96
CA PHE F 171 46.15 -6.86 -17.29
C PHE F 171 46.07 -5.60 -16.42
N VAL F 172 45.17 -4.69 -16.80
CA VAL F 172 44.86 -3.51 -16.00
C VAL F 172 44.28 -3.92 -14.65
N ARG F 173 43.23 -4.75 -14.71
CA ARG F 173 42.61 -5.32 -13.52
C ARG F 173 43.67 -6.01 -12.66
N GLN F 174 44.55 -6.76 -13.31
CA GLN F 174 45.64 -7.43 -12.60
C GLN F 174 46.52 -6.43 -11.88
N LYS F 175 46.84 -5.33 -12.55
CA LYS F 175 47.67 -4.29 -11.95
C LYS F 175 47.03 -3.71 -10.69
N PHE F 176 45.75 -3.36 -10.78
CA PHE F 176 45.09 -2.75 -9.63
C PHE F 176 44.84 -3.77 -8.51
N ILE F 177 44.74 -5.04 -8.89
CA ILE F 177 44.68 -6.13 -7.91
C ILE F 177 46.00 -6.17 -7.14
N ILE F 178 47.10 -6.06 -7.86
CA ILE F 178 48.43 -6.00 -7.26
C ILE F 178 48.55 -4.83 -6.29
N ARG F 179 48.07 -3.66 -6.73
CA ARG F 179 48.10 -2.46 -5.89
C ARG F 179 47.32 -2.65 -4.59
N SER F 180 46.07 -3.09 -4.73
CA SER F 180 45.22 -3.36 -3.58
C SER F 180 45.89 -4.35 -2.63
N LYS F 181 46.55 -5.34 -3.22
CA LYS F 181 47.32 -6.32 -2.46
C LYS F 181 48.41 -5.64 -1.63
N ILE F 182 49.11 -4.71 -2.28
CA ILE F 182 50.17 -3.95 -1.61
C ILE F 182 49.66 -3.19 -0.39
N ILE F 183 48.59 -2.42 -0.57
CA ILE F 183 48.03 -1.62 0.54
C ILE F 183 47.50 -2.51 1.68
N THR F 184 46.62 -3.45 1.31
CA THR F 184 46.04 -4.40 2.25
C THR F 184 47.16 -4.99 3.09
N TYR F 185 48.24 -5.34 2.41
CA TYR F 185 49.35 -5.87 3.17
C TYR F 185 49.98 -4.84 4.10
N ILE F 186 50.40 -3.68 3.61
CA ILE F 186 51.17 -2.78 4.48
C ILE F 186 50.41 -2.60 5.79
N ARG F 187 49.08 -2.57 5.67
CA ARG F 187 48.23 -2.72 6.85
C ARG F 187 48.56 -4.00 7.62
N SER F 188 48.56 -5.16 6.96
CA SER F 188 48.87 -6.42 7.67
C SER F 188 50.22 -6.42 8.42
N PHE F 189 51.29 -5.98 7.76
CA PHE F 189 52.62 -5.88 8.36
C PHE F 189 52.63 -5.03 9.59
N LEU F 190 52.20 -3.79 9.41
CA LEU F 190 52.29 -2.83 10.48
C LEU F 190 51.39 -3.27 11.64
N ASP F 191 50.30 -3.96 11.31
CA ASP F 191 49.43 -4.53 12.33
C ASP F 191 50.14 -5.62 13.11
N GLU F 192 50.88 -6.47 12.40
CA GLU F 192 51.61 -7.57 13.04
C GLU F 192 52.73 -7.03 13.94
N LEU F 193 53.23 -5.85 13.61
CA LEU F 193 54.27 -5.22 14.42
C LEU F 193 53.68 -4.28 15.46
N GLY F 194 52.34 -4.24 15.53
CA GLY F 194 51.66 -3.39 16.49
C GLY F 194 51.67 -1.91 16.13
N PHE F 195 51.27 -1.59 14.90
CA PHE F 195 51.14 -0.19 14.48
C PHE F 195 49.68 0.22 14.35
N LEU F 196 49.28 1.25 15.08
CA LEU F 196 47.88 1.65 15.12
C LEU F 196 47.49 2.45 13.90
N GLU F 197 46.50 1.95 13.17
CA GLU F 197 46.00 2.64 11.99
C GLU F 197 45.19 3.87 12.42
N ILE F 198 45.61 5.03 11.92
CA ILE F 198 45.06 6.30 12.38
C ILE F 198 44.59 7.16 11.22
N GLU F 199 43.80 8.18 11.55
CA GLU F 199 43.37 9.16 10.57
C GLU F 199 43.63 10.58 11.07
N THR F 200 44.38 11.34 10.30
CA THR F 200 44.78 12.69 10.68
C THR F 200 44.17 13.69 9.70
N PRO F 201 44.01 14.96 10.12
CA PRO F 201 43.39 15.97 9.26
C PRO F 201 44.05 16.11 7.89
N MET F 202 43.23 16.14 6.85
CA MET F 202 43.72 16.36 5.49
C MET F 202 43.59 17.83 5.11
N MET F 203 43.05 18.62 6.03
CA MET F 203 42.95 20.07 5.87
C MET F 203 43.56 20.76 7.09
N ASN F 204 44.61 21.54 6.86
CA ASN F 204 45.37 22.13 7.94
C ASN F 204 45.44 23.64 7.89
N ILE F 205 45.74 24.26 9.03
CA ILE F 205 46.06 25.68 9.08
C ILE F 205 47.38 25.91 8.36
N ILE F 206 48.40 25.19 8.80
CA ILE F 206 49.73 25.26 8.21
C ILE F 206 50.18 23.92 7.64
N PRO F 207 50.44 23.88 6.32
CA PRO F 207 50.98 22.63 5.74
C PRO F 207 52.40 22.38 6.22
N GLY F 208 52.72 21.11 6.52
CA GLY F 208 54.04 20.76 7.00
C GLY F 208 54.36 19.29 6.84
N GLY F 209 55.54 18.90 7.31
CA GLY F 209 55.95 17.51 7.26
C GLY F 209 56.65 17.14 5.98
N ALA F 210 56.66 18.04 5.00
CA ALA F 210 57.28 17.78 3.72
C ALA F 210 57.59 19.07 2.96
N VAL F 211 58.15 18.92 1.76
CA VAL F 211 58.45 20.07 0.92
C VAL F 211 57.72 19.95 -0.42
N ALA F 212 56.73 20.83 -0.63
CA ALA F 212 55.95 20.89 -1.87
C ALA F 212 54.93 22.00 -1.82
N LYS F 213 54.48 22.44 -3.00
CA LYS F 213 53.51 23.53 -3.07
C LYS F 213 52.11 23.00 -2.75
N PRO F 214 51.44 23.62 -1.76
CA PRO F 214 50.16 23.19 -1.22
C PRO F 214 48.95 23.56 -2.06
N PHE F 215 47.85 22.84 -1.89
CA PHE F 215 46.55 23.24 -2.40
C PHE F 215 45.86 24.13 -1.37
N ILE F 216 45.17 25.17 -1.83
CA ILE F 216 44.43 26.04 -0.93
C ILE F 216 42.94 25.96 -1.21
N THR F 217 42.14 25.80 -0.16
CA THR F 217 40.69 25.77 -0.30
C THR F 217 40.03 26.64 0.78
N TYR F 218 38.75 26.92 0.63
CA TYR F 218 38.05 27.78 1.58
C TYR F 218 37.06 27.01 2.45
N HIS F 219 37.16 27.22 3.76
CA HIS F 219 36.26 26.63 4.74
C HIS F 219 35.25 27.69 5.18
N ASN F 220 33.98 27.40 4.90
CA ASN F 220 32.88 28.34 5.12
C ASN F 220 32.58 28.63 6.58
N GLU F 221 32.36 27.57 7.36
CA GLU F 221 32.01 27.70 8.77
C GLU F 221 33.07 28.46 9.55
N LEU F 222 34.33 28.16 9.26
CA LEU F 222 35.43 28.78 9.98
C LEU F 222 35.76 30.16 9.41
N ASP F 223 35.29 30.43 8.19
CA ASP F 223 35.76 31.56 7.41
C ASP F 223 37.27 31.47 7.47
N MET F 224 37.82 30.41 6.87
CA MET F 224 39.27 30.30 6.84
C MET F 224 39.78 29.52 5.65
N ASN F 225 40.89 29.97 5.08
CA ASN F 225 41.55 29.20 4.04
C ASN F 225 42.37 28.10 4.69
N LEU F 226 42.26 26.90 4.14
CA LEU F 226 42.97 25.75 4.67
C LEU F 226 43.78 25.08 3.56
N TYR F 227 44.85 24.42 3.97
CA TYR F 227 45.73 23.74 3.02
C TYR F 227 45.49 22.23 3.04
N MET F 228 45.44 21.63 1.87
CA MET F 228 45.41 20.18 1.78
C MET F 228 46.79 19.66 2.21
N ARG F 229 46.79 18.61 3.03
CA ARG F 229 48.03 18.14 3.64
C ARG F 229 49.05 17.66 2.60
N ILE F 230 50.30 18.04 2.82
CA ILE F 230 51.40 17.56 1.99
C ILE F 230 52.07 16.36 2.63
N ALA F 231 51.64 16.03 3.85
CA ALA F 231 52.18 14.91 4.63
C ALA F 231 51.44 14.76 5.96
N THR F 232 51.54 13.58 6.56
CA THR F 232 50.91 13.29 7.84
C THR F 232 51.86 13.40 9.03
N GLU F 233 53.11 13.78 8.76
CA GLU F 233 54.21 13.67 9.73
C GLU F 233 53.97 14.27 11.12
N LEU F 234 53.64 15.56 11.16
CA LEU F 234 53.58 16.29 12.42
C LEU F 234 52.49 15.74 13.34
N TYR F 235 51.33 15.42 12.76
CA TYR F 235 50.23 14.84 13.52
C TYR F 235 50.63 13.51 14.14
N HIS F 236 51.30 12.68 13.35
CA HIS F 236 51.78 11.38 13.81
C HIS F 236 52.72 11.53 15.00
N LYS F 237 53.72 12.41 14.85
CA LYS F 237 54.67 12.63 15.94
C LYS F 237 53.98 13.17 17.19
N MET F 238 52.97 14.02 16.99
CA MET F 238 52.18 14.53 18.10
C MET F 238 51.41 13.40 18.78
N LEU F 239 51.03 12.39 18.00
CA LEU F 239 50.34 11.24 18.56
C LEU F 239 51.30 10.32 19.31
N VAL F 240 52.56 10.29 18.87
CA VAL F 240 53.58 9.56 19.58
C VAL F 240 53.85 10.23 20.92
N VAL F 241 53.83 11.56 20.91
CA VAL F 241 53.91 12.34 22.16
C VAL F 241 52.74 11.98 23.07
N GLY F 242 51.57 11.78 22.47
CA GLY F 242 50.37 11.43 23.21
C GLY F 242 50.44 10.09 23.91
N GLY F 243 51.45 9.29 23.57
CA GLY F 243 51.64 8.01 24.22
C GLY F 243 51.30 6.79 23.38
N ILE F 244 50.91 7.00 22.13
CA ILE F 244 50.73 5.88 21.22
C ILE F 244 52.05 5.68 20.51
N ASP F 245 52.73 4.58 20.85
CA ASP F 245 54.15 4.43 20.54
C ASP F 245 54.43 4.05 19.09
N ARG F 246 53.51 3.32 18.47
CA ARG F 246 53.69 2.93 17.08
C ARG F 246 52.43 3.24 16.28
N VAL F 247 52.54 4.14 15.32
CA VAL F 247 51.38 4.54 14.53
C VAL F 247 51.64 4.44 13.04
N TYR F 248 50.59 4.29 12.25
CA TYR F 248 50.75 4.32 10.80
C TYR F 248 49.48 4.81 10.11
N GLU F 249 49.67 5.44 8.96
CA GLU F 249 48.55 5.89 8.15
C GLU F 249 48.83 5.66 6.66
N ILE F 250 47.91 4.99 6.00
CA ILE F 250 47.93 4.87 4.55
C ILE F 250 46.82 5.76 4.01
N GLY F 251 47.19 6.87 3.37
CA GLY F 251 46.19 7.83 2.96
C GLY F 251 46.63 8.75 1.85
N ARG F 252 45.69 9.56 1.37
CA ARG F 252 45.96 10.46 0.26
C ARG F 252 46.72 11.69 0.73
N VAL F 253 47.72 12.08 -0.04
CA VAL F 253 48.50 13.28 0.20
C VAL F 253 48.49 14.12 -1.07
N PHE F 254 48.28 15.43 -0.89
CA PHE F 254 48.18 16.35 -2.00
C PHE F 254 49.37 17.30 -2.07
N ARG F 255 50.05 17.30 -3.20
CA ARG F 255 51.12 18.24 -3.46
C ARG F 255 50.88 18.85 -4.83
N ASN F 256 50.88 20.17 -4.91
CA ASN F 256 50.50 20.83 -6.15
C ASN F 256 51.75 21.21 -6.92
N GLU F 257 52.02 20.45 -7.98
CA GLU F 257 53.30 20.47 -8.66
C GLU F 257 53.16 19.94 -10.08
N GLY F 258 54.28 19.75 -10.75
CA GLY F 258 54.28 19.22 -12.10
C GLY F 258 53.80 17.79 -12.18
N ILE F 259 53.35 17.38 -13.37
CA ILE F 259 52.91 16.01 -13.60
C ILE F 259 53.94 15.25 -14.42
N ASP F 260 54.55 14.24 -13.80
CA ASP F 260 55.60 13.45 -14.44
C ASP F 260 55.14 12.01 -14.61
N LEU F 261 56.05 11.17 -15.10
CA LEU F 261 55.81 9.73 -15.13
C LEU F 261 55.78 9.20 -13.71
N THR F 262 56.62 9.78 -12.86
CA THR F 262 56.69 9.38 -11.46
C THR F 262 55.90 10.30 -10.51
N HIS F 263 55.27 11.34 -11.05
CA HIS F 263 54.57 12.32 -10.23
C HIS F 263 53.09 12.48 -10.56
N ASN F 264 52.26 12.52 -9.52
CA ASN F 264 50.87 12.92 -9.67
C ASN F 264 50.46 13.82 -8.51
N PRO F 265 49.67 14.89 -8.80
CA PRO F 265 49.26 15.90 -7.81
C PRO F 265 48.65 15.32 -6.53
N GLU F 266 47.80 14.31 -6.67
CA GLU F 266 47.29 13.59 -5.51
C GLU F 266 47.80 12.16 -5.54
N PHE F 267 48.43 11.71 -4.46
CA PHE F 267 48.98 10.36 -4.45
C PHE F 267 48.87 9.72 -3.08
N THR F 268 48.83 8.39 -3.04
CA THR F 268 48.71 7.67 -1.79
C THR F 268 50.07 7.42 -1.16
N SER F 269 50.17 7.72 0.13
CA SER F 269 51.41 7.48 0.87
C SER F 269 51.14 6.70 2.14
N CYS F 270 52.15 5.97 2.60
CA CYS F 270 52.06 5.31 3.90
C CYS F 270 53.17 5.78 4.82
N GLU F 271 52.80 6.36 5.96
CA GLU F 271 53.80 6.80 6.92
C GLU F 271 53.62 6.08 8.24
N PHE F 272 54.72 5.57 8.82
CA PHE F 272 54.63 5.04 10.17
C PHE F 272 55.71 5.65 11.07
N TYR F 273 55.39 5.71 12.36
CA TYR F 273 56.29 6.28 13.35
C TYR F 273 56.43 5.33 14.53
N MET F 274 57.69 5.08 14.90
CA MET F 274 58.04 4.02 15.84
C MET F 274 58.90 4.56 16.98
N ALA F 275 58.35 4.51 18.20
CA ALA F 275 59.05 5.00 19.37
C ALA F 275 60.21 4.09 19.76
N TYR F 276 61.29 4.70 20.26
CA TYR F 276 62.47 3.98 20.75
C TYR F 276 63.21 3.26 19.63
N ALA F 277 62.66 3.33 18.42
CA ALA F 277 63.28 2.81 17.22
C ALA F 277 64.06 3.93 16.53
N ASP F 278 65.16 3.56 15.89
CA ASP F 278 65.97 4.56 15.20
C ASP F 278 66.20 4.24 13.73
N TYR F 279 67.09 5.04 13.16
CA TYR F 279 67.51 5.03 11.78
C TYR F 279 67.80 3.64 11.18
N HIS F 280 68.65 2.88 11.87
CA HIS F 280 69.05 1.57 11.41
C HIS F 280 67.93 0.54 11.52
N ASP F 281 67.19 0.59 12.62
CA ASP F 281 66.04 -0.28 12.82
C ASP F 281 65.07 -0.15 11.65
N LEU F 282 64.83 1.09 11.25
CA LEU F 282 63.96 1.36 10.11
C LEU F 282 64.57 0.87 8.82
N MET F 283 65.90 0.93 8.69
CA MET F 283 66.53 0.31 7.53
C MET F 283 66.19 -1.19 7.45
N GLU F 284 66.38 -1.89 8.57
CA GLU F 284 66.09 -3.33 8.63
C GLU F 284 64.63 -3.65 8.29
N ILE F 285 63.72 -2.99 8.99
CA ILE F 285 62.28 -3.17 8.76
C ILE F 285 61.90 -2.90 7.31
N THR F 286 62.48 -1.83 6.76
CA THR F 286 62.27 -1.48 5.36
C THR F 286 62.66 -2.63 4.44
N GLU F 287 63.88 -3.13 4.62
CA GLU F 287 64.37 -4.25 3.84
C GLU F 287 63.41 -5.44 3.91
N LYS F 288 63.10 -5.86 5.13
CA LYS F 288 62.23 -7.02 5.37
C LYS F 288 60.89 -6.89 4.66
N MET F 289 60.19 -5.78 4.92
CA MET F 289 58.91 -5.51 4.30
C MET F 289 59.01 -5.56 2.77
N VAL F 290 59.70 -4.56 2.22
CA VAL F 290 59.83 -4.37 0.78
C VAL F 290 60.22 -5.66 0.07
N SER F 291 61.41 -6.17 0.39
CA SER F 291 61.94 -7.35 -0.27
C SER F 291 61.07 -8.57 -0.09
N GLY F 292 60.83 -8.91 1.17
CA GLY F 292 60.13 -10.13 1.51
C GLY F 292 58.83 -10.22 0.75
N MET F 293 58.22 -9.06 0.52
CA MET F 293 56.99 -9.09 -0.28
C MET F 293 57.02 -8.73 -1.76
N VAL F 294 58.16 -8.29 -2.28
CA VAL F 294 58.39 -8.46 -3.69
C VAL F 294 58.30 -9.97 -3.91
N LYS F 295 58.85 -10.72 -2.95
CA LYS F 295 58.75 -12.16 -2.96
C LYS F 295 57.33 -12.68 -2.76
N HIS F 296 56.59 -12.13 -1.80
CA HIS F 296 55.21 -12.58 -1.58
C HIS F 296 54.33 -12.35 -2.81
N ILE F 297 54.39 -11.15 -3.37
CA ILE F 297 53.53 -10.81 -4.49
C ILE F 297 53.94 -11.48 -5.79
N THR F 298 55.23 -11.40 -6.14
CA THR F 298 55.69 -11.89 -7.43
C THR F 298 56.08 -13.36 -7.41
N GLY F 299 56.13 -13.95 -6.22
CA GLY F 299 56.54 -15.34 -6.08
C GLY F 299 58.06 -15.48 -6.03
N SER F 300 58.74 -14.36 -6.24
CA SER F 300 60.20 -14.33 -6.24
C SER F 300 60.72 -12.97 -5.82
N TYR F 301 61.99 -12.92 -5.43
CA TYR F 301 62.62 -11.67 -5.05
C TYR F 301 63.12 -10.95 -6.29
N LYS F 302 62.87 -11.54 -7.45
CA LYS F 302 63.23 -10.93 -8.72
C LYS F 302 62.00 -10.58 -9.52
N VAL F 303 61.89 -9.30 -9.89
CA VAL F 303 60.88 -8.85 -10.82
C VAL F 303 61.60 -8.36 -12.07
N THR F 304 60.93 -8.39 -13.21
CA THR F 304 61.55 -7.93 -14.44
C THR F 304 60.93 -6.61 -14.89
N TYR F 305 61.79 -5.62 -15.11
CA TYR F 305 61.31 -4.27 -15.42
C TYR F 305 61.85 -3.72 -16.74
N HIS F 306 61.04 -2.87 -17.38
CA HIS F 306 61.30 -2.32 -18.70
C HIS F 306 61.30 -0.78 -18.67
N PRO F 307 62.46 -0.18 -18.33
CA PRO F 307 62.47 1.28 -18.11
C PRO F 307 62.25 2.15 -19.36
N ASP F 308 62.85 1.83 -20.51
CA ASP F 308 62.56 2.61 -21.71
C ASP F 308 61.64 1.83 -22.63
N GLY F 309 60.36 2.20 -22.65
CA GLY F 309 59.36 1.54 -23.47
C GLY F 309 59.14 0.10 -23.03
N PRO F 310 58.15 -0.57 -23.63
CA PRO F 310 58.12 -2.04 -23.59
C PRO F 310 59.16 -2.62 -24.53
N GLU F 311 59.50 -1.88 -25.58
CA GLU F 311 60.34 -2.36 -26.66
C GLU F 311 61.84 -2.14 -26.44
N GLY F 312 62.18 -1.42 -25.38
CA GLY F 312 63.58 -1.12 -25.09
C GLY F 312 64.27 -2.15 -24.23
N GLN F 313 65.38 -1.77 -23.63
CA GLN F 313 66.18 -2.67 -22.81
C GLN F 313 65.46 -3.04 -21.52
N ALA F 314 65.80 -4.20 -20.96
CA ALA F 314 65.20 -4.67 -19.72
C ALA F 314 66.25 -4.83 -18.64
N TYR F 315 65.86 -4.63 -17.40
CA TYR F 315 66.80 -4.86 -16.29
C TYR F 315 66.27 -5.91 -15.32
N ASP F 316 67.17 -6.78 -14.87
CA ASP F 316 66.86 -7.69 -13.79
C ASP F 316 67.16 -7.00 -12.47
N VAL F 317 66.21 -7.01 -11.55
CA VAL F 317 66.38 -6.29 -10.29
C VAL F 317 66.29 -7.23 -9.09
N ASP F 318 67.36 -7.26 -8.30
CA ASP F 318 67.53 -8.22 -7.22
C ASP F 318 67.15 -7.64 -5.85
N PHE F 319 66.08 -8.17 -5.26
CA PHE F 319 65.56 -7.63 -4.00
C PHE F 319 65.98 -8.37 -2.73
N THR F 320 66.69 -9.48 -2.82
CA THR F 320 67.06 -10.21 -1.58
C THR F 320 68.05 -9.41 -0.73
N PRO F 321 67.74 -9.27 0.58
CA PRO F 321 68.52 -8.48 1.52
C PRO F 321 69.92 -9.04 1.76
N PRO F 322 70.86 -8.20 2.24
CA PRO F 322 70.66 -6.76 2.49
C PRO F 322 70.74 -5.93 1.22
N PHE F 323 70.06 -4.79 1.21
CA PHE F 323 70.17 -3.85 0.09
C PHE F 323 71.41 -3.00 0.24
N ARG F 324 72.03 -2.64 -0.89
CA ARG F 324 73.24 -1.83 -0.86
C ARG F 324 73.01 -0.47 -0.21
N ARG F 325 73.93 -0.08 0.66
CA ARG F 325 73.83 1.19 1.35
C ARG F 325 74.82 2.21 0.77
N ILE F 326 74.32 3.42 0.54
CA ILE F 326 75.18 4.50 0.06
C ILE F 326 74.98 5.73 0.94
N ASN F 327 76.04 6.49 1.15
CA ASN F 327 75.98 7.69 1.97
C ASN F 327 76.28 8.91 1.12
N MET F 328 75.32 9.83 1.07
CA MET F 328 75.26 10.87 0.03
C MET F 328 76.55 11.63 -0.25
N VAL F 329 76.98 12.47 0.68
CA VAL F 329 78.14 13.32 0.47
C VAL F 329 79.40 12.48 0.25
N GLU F 330 79.50 11.38 0.99
CA GLU F 330 80.65 10.48 0.92
C GLU F 330 80.88 9.93 -0.49
N GLU F 331 79.83 9.39 -1.10
CA GLU F 331 79.97 8.75 -2.40
C GLU F 331 79.66 9.68 -3.58
N LEU F 332 79.21 10.91 -3.30
CA LEU F 332 78.88 11.84 -4.37
C LEU F 332 80.14 12.35 -5.07
N GLU F 333 81.14 12.71 -4.28
CA GLU F 333 82.39 13.23 -4.84
C GLU F 333 83.29 12.07 -5.26
N LYS F 334 82.82 10.85 -5.04
CA LYS F 334 83.47 9.67 -5.58
C LYS F 334 83.17 9.60 -7.08
N ALA F 335 82.03 10.17 -7.46
CA ALA F 335 81.63 10.23 -8.86
C ALA F 335 82.38 11.35 -9.60
N LEU F 336 82.75 12.39 -8.86
CA LEU F 336 83.47 13.51 -9.45
C LEU F 336 84.96 13.43 -9.12
N GLY F 337 85.72 14.38 -9.65
CA GLY F 337 87.16 14.45 -9.44
C GLY F 337 87.49 15.40 -8.32
N MET F 338 86.55 15.58 -7.40
CA MET F 338 86.55 16.76 -6.56
C MET F 338 86.62 16.51 -5.07
N LYS F 339 87.10 17.53 -4.36
CA LYS F 339 87.07 17.56 -2.91
C LYS F 339 86.16 18.71 -2.50
N LEU F 340 85.19 18.42 -1.64
CA LEU F 340 84.22 19.42 -1.22
C LEU F 340 84.05 19.35 0.29
N PRO F 341 83.78 20.51 0.94
CA PRO F 341 83.99 20.69 2.38
C PRO F 341 83.29 19.66 3.28
N GLU F 342 83.86 19.46 4.45
CA GLU F 342 83.24 18.63 5.48
C GLU F 342 81.90 19.22 5.83
N THR F 343 80.99 18.37 6.28
CA THR F 343 79.56 18.71 6.37
C THR F 343 79.23 19.86 7.33
N ASN F 344 80.22 20.31 8.10
CA ASN F 344 80.03 21.43 9.01
C ASN F 344 79.82 22.77 8.30
N LEU F 345 80.35 22.89 7.08
CA LEU F 345 80.40 24.17 6.38
C LEU F 345 79.27 24.41 5.37
N PHE F 346 78.32 23.47 5.29
CA PHE F 346 77.32 23.49 4.22
C PHE F 346 76.39 24.69 4.17
N GLU F 347 76.27 25.44 5.27
CA GLU F 347 75.35 26.57 5.32
C GLU F 347 76.04 27.87 4.93
N THR F 348 77.24 27.72 4.41
CA THR F 348 78.09 28.81 3.96
C THR F 348 77.89 29.13 2.50
N GLU F 349 77.72 30.41 2.25
CA GLU F 349 77.40 30.92 0.93
C GLU F 349 78.53 30.57 0.01
N GLU F 350 79.74 30.55 0.55
CA GLU F 350 80.88 30.13 -0.22
C GLU F 350 80.64 28.71 -0.63
N THR F 351 80.12 27.91 0.28
CA THR F 351 79.85 26.52 -0.03
C THR F 351 78.81 26.41 -1.12
N ARG F 352 77.82 27.27 -1.07
CA ARG F 352 76.83 27.30 -2.12
C ARG F 352 77.42 27.64 -3.47
N LYS F 353 78.28 28.64 -3.50
CA LYS F 353 78.87 29.06 -4.76
C LYS F 353 79.70 27.92 -5.23
N ILE F 354 80.38 27.26 -4.31
CA ILE F 354 81.32 26.24 -4.71
C ILE F 354 80.50 25.19 -5.37
N LEU F 355 79.37 24.89 -4.78
CA LEU F 355 78.48 23.87 -5.31
C LEU F 355 77.89 24.23 -6.67
N ASP F 356 77.53 25.47 -6.91
CA ASP F 356 77.06 25.84 -8.24
C ASP F 356 78.16 25.72 -9.26
N ASP F 357 79.37 26.09 -8.86
CA ASP F 357 80.51 25.93 -9.73
C ASP F 357 80.72 24.46 -10.00
N ILE F 358 80.53 23.62 -9.00
CA ILE F 358 80.69 22.20 -9.15
C ILE F 358 79.67 21.75 -10.15
N CYS F 359 78.50 22.35 -10.09
CA CYS F 359 77.42 22.04 -11.00
C CYS F 359 77.83 22.36 -12.41
N VAL F 360 78.41 23.53 -12.59
CA VAL F 360 78.79 23.92 -13.94
C VAL F 360 79.78 22.92 -14.43
N ALA F 361 80.75 22.56 -13.60
CA ALA F 361 81.80 21.69 -14.10
C ALA F 361 81.22 20.34 -14.46
N LYS F 362 80.35 19.84 -13.61
CA LYS F 362 79.79 18.53 -13.79
C LYS F 362 78.95 18.49 -15.06
N ALA F 363 78.25 19.58 -15.30
CA ALA F 363 77.32 19.67 -16.41
C ALA F 363 76.44 20.90 -16.24
N GLU F 365 71.50 21.75 -14.77
CA GLU F 365 70.81 23.03 -14.75
C GLU F 365 69.88 23.12 -13.54
N CYS F 366 69.96 24.22 -12.81
CA CYS F 366 69.11 24.42 -11.64
C CYS F 366 68.39 25.77 -11.65
N PRO F 367 67.13 25.78 -12.12
CA PRO F 367 66.30 26.99 -12.16
C PRO F 367 66.20 27.70 -10.82
N PRO F 368 66.05 29.04 -10.84
CA PRO F 368 65.95 29.93 -9.68
C PRO F 368 64.82 29.54 -8.70
N PRO F 369 64.98 29.92 -7.42
CA PRO F 369 66.15 30.57 -6.83
C PRO F 369 67.28 29.57 -6.56
N ARG F 370 68.53 30.00 -6.59
CA ARG F 370 69.64 29.06 -6.41
C ARG F 370 69.99 28.86 -4.93
N THR F 371 70.03 27.61 -4.49
CA THR F 371 70.40 27.28 -3.11
C THR F 371 71.41 26.15 -3.04
N THR F 372 71.99 25.95 -1.86
CA THR F 372 72.83 24.80 -1.59
C THR F 372 72.08 23.49 -1.83
N ALA F 373 71.02 23.30 -1.05
CA ALA F 373 70.28 22.04 -0.96
C ALA F 373 69.69 21.57 -2.29
N ARG F 374 69.13 22.46 -3.09
CA ARG F 374 68.49 22.06 -4.34
C ARG F 374 69.52 21.74 -5.42
N LEU F 375 70.54 22.58 -5.53
CA LEU F 375 71.65 22.33 -6.44
C LEU F 375 72.24 20.93 -6.15
N LEU F 376 72.54 20.67 -4.88
CA LEU F 376 73.09 19.37 -4.53
C LEU F 376 72.04 18.27 -4.62
N ASP F 377 70.76 18.67 -4.67
CA ASP F 377 69.65 17.74 -4.79
C ASP F 377 69.61 17.17 -6.21
N LYS F 378 69.80 18.04 -7.20
CA LYS F 378 69.83 17.55 -8.57
C LYS F 378 71.22 17.03 -8.90
N LEU F 379 72.21 17.35 -8.09
CA LEU F 379 73.55 16.80 -8.30
C LEU F 379 73.61 15.36 -7.82
N VAL F 380 73.04 15.09 -6.65
CA VAL F 380 72.88 13.72 -6.18
C VAL F 380 71.83 13.05 -7.07
N GLY F 381 70.98 13.85 -7.69
CA GLY F 381 70.08 13.34 -8.70
C GLY F 381 70.82 12.80 -9.92
N GLU F 382 71.81 13.57 -10.35
CA GLU F 382 72.57 13.26 -11.56
C GLU F 382 73.53 12.11 -11.36
N PHE F 383 74.37 12.21 -10.33
CA PHE F 383 75.49 11.28 -10.19
C PHE F 383 75.22 10.02 -9.37
N LEU F 384 74.11 9.98 -8.63
CA LEU F 384 73.89 8.88 -7.69
C LEU F 384 72.68 8.02 -8.03
N GLU F 385 71.49 8.63 -8.03
CA GLU F 385 70.25 7.88 -8.22
C GLU F 385 70.20 7.01 -9.47
N VAL F 386 70.86 7.43 -10.54
CA VAL F 386 70.88 6.64 -11.77
C VAL F 386 71.85 5.46 -11.65
N THR F 387 72.85 5.58 -10.78
CA THR F 387 73.80 4.49 -10.56
C THR F 387 73.22 3.47 -9.60
N CYS F 388 72.12 3.80 -8.94
CA CYS F 388 71.47 2.79 -8.11
C CYS F 388 70.26 2.26 -8.86
N ILE F 389 70.38 1.01 -9.32
CA ILE F 389 69.35 0.35 -10.11
C ILE F 389 68.50 -0.58 -9.25
N ASN F 390 69.12 -1.63 -8.71
CA ASN F 390 68.47 -2.49 -7.73
C ASN F 390 68.39 -1.73 -6.42
N PRO F 391 67.32 -1.96 -5.62
CA PRO F 391 67.00 -1.13 -4.45
C PRO F 391 68.14 -0.88 -3.46
N THR F 392 68.30 0.39 -3.10
CA THR F 392 69.42 0.86 -2.31
C THR F 392 69.05 1.93 -1.31
N PHE F 393 69.80 2.01 -0.21
CA PHE F 393 69.62 3.07 0.77
C PHE F 393 70.60 4.22 0.50
N ILE F 394 70.06 5.42 0.34
CA ILE F 394 70.90 6.61 0.29
C ILE F 394 70.86 7.30 1.65
N CYS F 395 72.02 7.49 2.25
CA CYS F 395 72.10 7.76 3.68
C CYS F 395 72.81 9.06 4.07
N ASP F 396 72.60 9.45 5.33
CA ASP F 396 73.33 10.55 5.97
C ASP F 396 73.19 11.89 5.23
N HIS F 397 71.95 12.33 5.04
CA HIS F 397 71.67 13.64 4.45
C HIS F 397 72.15 14.77 5.35
N PRO F 398 72.73 15.83 4.74
CA PRO F 398 73.04 17.07 5.45
C PRO F 398 71.80 17.68 6.11
N GLN F 399 72.02 18.43 7.19
CA GLN F 399 70.93 19.01 7.97
C GLN F 399 70.08 19.99 7.15
N ILE F 400 70.73 20.67 6.21
CA ILE F 400 70.08 21.71 5.43
C ILE F 400 68.95 21.15 4.55
N MET F 401 69.04 19.86 4.22
CA MET F 401 67.99 19.20 3.44
C MET F 401 66.93 18.54 4.32
N SER F 402 67.19 18.46 5.61
CA SER F 402 66.34 17.70 6.50
C SER F 402 66.07 18.44 7.81
N PRO F 403 65.17 19.43 7.76
CA PRO F 403 64.85 20.25 8.93
C PRO F 403 64.09 19.48 10.02
N LEU F 404 63.40 18.42 9.63
CA LEU F 404 62.62 17.63 10.59
C LEU F 404 63.37 16.40 11.07
N ALA F 405 64.57 16.18 10.54
CA ALA F 405 65.35 15.01 10.90
C ALA F 405 66.34 15.32 12.00
N LYS F 406 66.48 14.38 12.94
CA LYS F 406 67.40 14.54 14.06
C LYS F 406 68.85 14.57 13.55
N TRP F 407 69.67 15.40 14.18
CA TRP F 407 71.08 15.54 13.79
C TRP F 407 71.81 14.21 13.89
N HIS F 408 72.79 14.00 13.01
CA HIS F 408 73.56 12.77 13.02
C HIS F 408 74.38 12.69 14.31
N ARG F 409 74.30 11.54 14.99
CA ARG F 409 74.93 11.40 16.30
C ARG F 409 76.45 11.51 16.20
N SER F 410 77.06 10.75 15.30
CA SER F 410 78.52 10.71 15.21
C SER F 410 79.19 11.54 14.10
N LYS F 411 78.42 12.17 13.23
CA LYS F 411 79.06 13.06 12.25
C LYS F 411 78.28 14.36 12.10
N GLU F 412 78.94 15.46 12.41
CA GLU F 412 78.31 16.77 12.52
C GLU F 412 77.94 17.35 11.17
N GLY F 413 76.81 18.05 11.11
CA GLY F 413 76.36 18.69 9.89
C GLY F 413 75.41 17.81 9.10
N LEU F 414 75.47 16.51 9.35
CA LEU F 414 74.55 15.58 8.71
C LEU F 414 73.37 15.27 9.62
N THR F 415 72.46 14.45 9.10
CA THR F 415 71.34 13.94 9.87
C THR F 415 71.32 12.43 9.71
N GLU F 416 70.54 11.75 10.53
CA GLU F 416 70.38 10.32 10.31
C GLU F 416 69.09 10.14 9.56
N ARG F 417 69.23 9.87 8.26
CA ARG F 417 68.11 9.83 7.33
C ARG F 417 68.47 8.93 6.17
N PHE F 418 67.49 8.24 5.60
CA PHE F 418 67.75 7.47 4.39
C PHE F 418 66.58 7.55 3.43
N GLU F 419 66.91 7.43 2.14
CA GLU F 419 65.90 7.31 1.09
C GLU F 419 66.08 6.00 0.36
N LEU F 420 65.01 5.22 0.25
CA LEU F 420 65.09 3.96 -0.48
C LEU F 420 64.78 4.19 -1.95
N PHE F 421 65.71 3.77 -2.80
CA PHE F 421 65.59 3.98 -4.23
C PHE F 421 65.53 2.67 -4.99
N VAL F 422 64.53 2.55 -5.85
CA VAL F 422 64.41 1.43 -6.77
C VAL F 422 64.35 1.97 -8.19
N MET F 423 65.26 1.50 -9.03
CA MET F 423 65.23 1.84 -10.46
C MET F 423 65.30 3.35 -10.68
N LYS F 424 66.26 3.99 -10.00
CA LYS F 424 66.46 5.43 -10.10
C LYS F 424 65.32 6.24 -9.49
N LYS F 425 64.31 5.57 -8.95
CA LYS F 425 63.13 6.25 -8.43
C LYS F 425 63.05 6.19 -6.90
N GLU F 426 62.46 7.22 -6.31
CA GLU F 426 62.41 7.40 -4.86
C GLU F 426 61.14 6.81 -4.27
N ILE F 427 61.24 5.65 -3.62
CA ILE F 427 60.03 5.04 -3.06
C ILE F 427 59.81 5.26 -1.57
N CYS F 428 60.84 5.72 -0.87
CA CYS F 428 60.79 5.82 0.59
C CYS F 428 61.65 6.94 1.15
N ASN F 429 61.18 7.55 2.23
CA ASN F 429 61.95 8.54 2.97
C ASN F 429 61.76 8.35 4.47
N ALA F 430 62.86 8.23 5.21
CA ALA F 430 62.77 7.93 6.63
C ALA F 430 63.95 8.50 7.41
N TYR F 431 63.70 8.87 8.67
CA TYR F 431 64.77 9.36 9.52
C TYR F 431 64.46 9.26 11.01
N THR F 432 65.50 9.32 11.84
CA THR F 432 65.32 9.49 13.27
C THR F 432 64.69 10.86 13.49
N GLU F 433 63.54 10.89 14.15
CA GLU F 433 62.80 12.13 14.31
C GLU F 433 63.50 13.06 15.30
N LEU F 434 63.49 14.35 14.99
CA LEU F 434 64.08 15.33 15.89
C LEU F 434 63.09 15.61 17.02
N ASN F 435 63.47 15.23 18.23
CA ASN F 435 62.61 15.44 19.40
C ASN F 435 63.03 16.62 20.26
N ASP F 436 64.08 17.32 19.85
CA ASP F 436 64.52 18.51 20.59
C ASP F 436 63.73 19.72 20.09
N PRO F 437 62.84 20.25 20.94
CA PRO F 437 61.89 21.31 20.56
C PRO F 437 62.55 22.61 20.14
N MET F 438 63.60 23.04 20.83
CA MET F 438 64.23 24.32 20.54
C MET F 438 65.15 24.24 19.32
N ARG F 439 65.79 23.10 19.14
CA ARG F 439 66.56 22.83 17.93
C ARG F 439 65.60 22.87 16.74
N GLN F 440 64.46 22.21 16.92
CA GLN F 440 63.43 22.16 15.90
C GLN F 440 62.90 23.54 15.55
N ARG F 441 62.61 24.33 16.57
CA ARG F 441 62.10 25.69 16.34
C ARG F 441 63.16 26.50 15.61
N GLN F 442 64.42 26.36 16.04
CA GLN F 442 65.55 27.04 15.41
C GLN F 442 65.62 26.77 13.91
N LEU F 443 65.61 25.49 13.55
CA LEU F 443 65.58 25.09 12.15
C LEU F 443 64.37 25.68 11.44
N PHE F 444 63.24 25.70 12.15
CA PHE F 444 61.99 26.23 11.62
C PHE F 444 62.11 27.71 11.23
N GLU F 445 62.67 28.53 12.12
CA GLU F 445 62.77 29.97 11.86
C GLU F 445 63.85 30.25 10.83
N GLU F 446 64.88 29.41 10.77
CA GLU F 446 65.88 29.59 9.71
C GLU F 446 65.26 29.30 8.35
N GLN F 447 64.44 28.25 8.28
CA GLN F 447 63.70 27.94 7.07
C GLN F 447 62.68 29.01 6.77
N ALA F 448 62.20 29.69 7.80
CA ALA F 448 61.28 30.82 7.65
C ALA F 448 62.03 31.99 7.04
N LYS F 449 63.29 32.13 7.39
CA LYS F 449 64.16 33.14 6.78
C LYS F 449 64.34 32.79 5.30
N ALA F 450 64.48 31.50 5.01
CA ALA F 450 64.57 31.05 3.63
C ALA F 450 63.28 31.28 2.86
N LYS F 451 62.16 31.31 3.60
CA LYS F 451 60.84 31.48 2.99
C LYS F 451 60.59 32.93 2.60
N ALA F 452 61.10 33.85 3.41
CA ALA F 452 60.98 35.28 3.12
C ALA F 452 61.86 35.66 1.94
N ALA F 453 62.71 34.72 1.53
CA ALA F 453 63.63 34.93 0.40
C ALA F 453 63.06 34.41 -0.91
N GLY F 454 61.84 33.89 -0.88
CA GLY F 454 61.17 33.45 -2.09
C GLY F 454 61.08 31.96 -2.38
N ASP F 455 61.37 31.12 -1.40
CA ASP F 455 61.05 29.69 -1.52
C ASP F 455 59.55 29.55 -1.59
N ASP F 456 58.89 30.31 -0.71
CA ASP F 456 57.45 30.51 -0.63
C ASP F 456 56.70 29.33 -0.03
N GLU F 457 57.27 28.13 -0.06
CA GLU F 457 56.76 27.06 0.78
C GLU F 457 57.66 26.75 1.97
N ALA F 458 58.88 27.28 1.99
CA ALA F 458 59.92 26.81 2.92
C ALA F 458 59.35 26.82 4.33
N MET F 459 59.52 25.71 5.03
CA MET F 459 58.54 25.28 6.02
C MET F 459 58.13 26.37 6.99
N PHE F 460 56.83 26.58 7.09
CA PHE F 460 56.24 27.53 8.02
C PHE F 460 56.33 26.90 9.40
N ILE F 461 56.75 27.69 10.38
CA ILE F 461 56.85 27.23 11.75
C ILE F 461 55.50 26.74 12.29
N ASP F 462 55.47 25.52 12.78
CA ASP F 462 54.27 25.01 13.42
C ASP F 462 54.45 25.12 14.93
N GLU F 463 53.70 26.03 15.55
CA GLU F 463 53.86 26.31 16.97
C GLU F 463 53.27 25.21 17.82
N ASN F 464 52.14 24.66 17.37
CA ASN F 464 51.48 23.57 18.08
C ASN F 464 52.39 22.34 18.16
N PHE F 465 53.02 22.03 17.04
CA PHE F 465 53.93 20.90 16.97
C PHE F 465 55.14 21.09 17.90
N CYS F 466 55.69 22.30 17.90
CA CYS F 466 56.82 22.63 18.74
C CYS F 466 56.44 22.53 20.22
N THR F 467 55.23 22.96 20.55
CA THR F 467 54.72 22.85 21.92
C THR F 467 54.60 21.39 22.32
N ALA F 468 54.03 20.58 21.44
CA ALA F 468 53.92 19.15 21.65
C ALA F 468 55.31 18.55 21.90
N LEU F 469 56.30 19.06 21.18
CA LEU F 469 57.68 18.64 21.37
C LEU F 469 58.22 19.11 22.71
N GLU F 470 57.69 20.22 23.22
CA GLU F 470 58.09 20.74 24.52
C GLU F 470 57.55 19.85 25.63
N TYR F 471 56.40 19.22 25.38
CA TYR F 471 55.91 18.19 26.30
C TYR F 471 56.78 16.94 26.19
N GLY F 472 57.54 16.87 25.11
CA GLY F 472 58.55 15.86 24.88
C GLY F 472 58.11 14.73 23.97
N LEU F 473 59.05 14.31 23.13
CA LEU F 473 58.86 13.20 22.20
C LEU F 473 59.88 12.11 22.50
N PRO F 474 59.40 10.91 22.85
CA PRO F 474 60.34 9.79 23.05
C PRO F 474 61.21 9.61 21.80
N PRO F 475 62.44 9.10 21.97
CA PRO F 475 63.28 8.87 20.80
C PRO F 475 62.52 8.01 19.80
N THR F 476 62.45 8.46 18.55
CA THR F 476 61.50 7.90 17.60
C THR F 476 62.04 7.95 16.18
N ALA F 477 61.70 6.95 15.38
CA ALA F 477 62.06 6.96 13.98
C ALA F 477 60.82 6.98 13.10
N GLY F 478 60.77 7.96 12.21
CA GLY F 478 59.69 8.06 11.24
C GLY F 478 60.06 7.51 9.88
N TRP F 479 59.03 7.14 9.13
CA TRP F 479 59.19 6.47 7.85
C TRP F 479 58.00 6.77 6.94
N GLY F 480 58.25 6.83 5.64
CA GLY F 480 57.19 7.03 4.68
C GLY F 480 57.51 6.42 3.33
N MET F 481 56.46 6.07 2.59
CA MET F 481 56.61 5.41 1.30
C MET F 481 55.55 5.86 0.32
N GLY F 482 55.99 6.19 -0.90
CA GLY F 482 55.06 6.37 -1.99
C GLY F 482 54.46 5.01 -2.35
N ILE F 483 53.14 4.90 -2.29
CA ILE F 483 52.48 3.64 -2.59
C ILE F 483 52.39 3.46 -4.09
N ASP F 484 52.08 4.54 -4.78
CA ASP F 484 51.86 4.52 -6.22
C ASP F 484 53.10 4.07 -6.99
N ARG F 485 54.28 4.48 -6.53
CA ARG F 485 55.53 4.13 -7.19
C ARG F 485 55.86 2.66 -7.02
N VAL F 486 55.74 2.16 -5.78
CA VAL F 486 55.91 0.74 -5.50
C VAL F 486 54.96 -0.07 -6.37
N ALA F 487 53.73 0.42 -6.49
CA ALA F 487 52.74 -0.20 -7.35
C ALA F 487 53.18 -0.19 -8.81
N MET F 488 53.81 0.92 -9.23
CA MET F 488 54.34 1.04 -10.58
C MET F 488 55.35 -0.06 -10.86
N PHE F 489 56.27 -0.24 -9.92
CA PHE F 489 57.39 -1.14 -10.13
C PHE F 489 57.01 -2.61 -9.95
N LEU F 490 55.99 -2.88 -9.14
CA LEU F 490 55.53 -4.26 -8.99
C LEU F 490 54.59 -4.67 -10.11
N THR F 491 53.98 -3.69 -10.77
CA THR F 491 53.14 -3.95 -11.94
C THR F 491 53.90 -3.72 -13.24
N ASP F 492 55.17 -3.36 -13.13
CA ASP F 492 55.99 -2.95 -14.27
C ASP F 492 55.28 -1.83 -15.03
N SER F 493 55.21 -0.67 -14.40
CA SER F 493 54.61 0.51 -15.03
C SER F 493 55.62 1.66 -15.06
N ASN F 494 55.84 2.21 -16.25
CA ASN F 494 56.75 3.34 -16.40
C ASN F 494 56.03 4.66 -16.23
N ASN F 495 54.71 4.60 -16.11
CA ASN F 495 53.90 5.79 -15.86
C ASN F 495 53.01 5.56 -14.63
N ILE F 496 52.92 6.57 -13.78
CA ILE F 496 52.15 6.45 -12.54
C ILE F 496 50.65 6.32 -12.85
N LYS F 497 50.24 6.85 -14.00
CA LYS F 497 48.84 6.81 -14.41
C LYS F 497 48.34 5.38 -14.58
N GLU F 498 49.27 4.44 -14.73
CA GLU F 498 48.93 3.04 -14.84
C GLU F 498 48.40 2.47 -13.52
N VAL F 499 48.95 2.95 -12.40
CA VAL F 499 48.53 2.43 -11.10
C VAL F 499 47.47 3.30 -10.45
N LEU F 500 47.05 4.35 -11.15
CA LEU F 500 45.96 5.19 -10.69
C LEU F 500 44.70 4.91 -11.52
N LEU F 501 43.60 4.61 -10.84
CA LEU F 501 42.35 4.27 -11.51
C LEU F 501 41.87 5.40 -12.41
N PHE F 502 41.79 6.61 -11.85
CA PHE F 502 41.39 7.78 -12.63
C PHE F 502 42.40 8.89 -12.44
N PRO F 503 43.52 8.82 -13.16
CA PRO F 503 44.61 9.80 -13.04
C PRO F 503 44.19 11.20 -13.51
N ALA F 504 44.83 12.23 -12.98
CA ALA F 504 44.54 13.60 -13.40
C ALA F 504 44.94 13.79 -14.85
N MET F 505 44.00 14.25 -15.66
CA MET F 505 44.23 14.42 -17.10
C MET F 505 43.91 15.84 -17.55
N LYS F 506 44.66 16.33 -18.53
CA LYS F 506 44.35 17.60 -19.15
C LYS F 506 43.06 17.46 -19.94
N PRO F 507 42.04 18.27 -19.60
CA PRO F 507 40.70 18.19 -20.19
C PRO F 507 40.70 18.31 -21.71
N PRO G 2 66.78 -5.66 15.65
CA PRO G 2 65.61 -6.25 16.32
C PRO G 2 64.93 -5.26 17.28
N MET G 3 63.60 -5.20 17.21
CA MET G 3 62.83 -4.33 18.09
C MET G 3 61.89 -5.15 18.97
N TYR G 4 61.63 -4.64 20.18
CA TYR G 4 60.79 -5.34 21.14
C TYR G 4 59.38 -5.56 20.60
N GLN G 5 58.76 -6.66 21.02
CA GLN G 5 57.42 -6.98 20.58
C GLN G 5 56.36 -6.20 21.36
N VAL G 6 55.35 -5.72 20.65
CA VAL G 6 54.21 -5.10 21.29
C VAL G 6 52.94 -5.81 20.82
N LYS G 7 52.07 -6.13 21.78
CA LYS G 7 50.84 -6.86 21.48
C LYS G 7 50.00 -6.14 20.43
N PRO G 8 49.73 -6.81 19.30
CA PRO G 8 48.90 -6.25 18.23
C PRO G 8 47.47 -6.00 18.70
N TYR G 9 46.75 -5.14 17.99
CA TYR G 9 45.43 -4.70 18.43
C TYR G 9 44.34 -5.70 18.04
N HIS G 10 44.70 -6.68 17.22
CA HIS G 10 43.74 -7.70 16.82
C HIS G 10 43.89 -8.96 17.67
N PRO H 2 21.00 -15.53 0.00
CA PRO H 2 22.05 -14.51 0.01
C PRO H 2 22.57 -14.20 -1.40
N MET H 3 23.86 -13.92 -1.51
CA MET H 3 24.46 -13.62 -2.79
C MET H 3 25.46 -14.70 -3.19
N TYR H 4 25.60 -14.92 -4.50
CA TYR H 4 26.62 -15.83 -5.03
C TYR H 4 27.97 -15.37 -4.51
N GLN H 5 28.87 -16.31 -4.21
CA GLN H 5 30.16 -15.89 -3.71
C GLN H 5 31.30 -16.02 -4.70
N VAL H 6 31.98 -14.88 -4.86
CA VAL H 6 33.15 -14.69 -5.68
C VAL H 6 34.38 -14.92 -4.81
N LYS H 7 35.45 -15.45 -5.39
CA LYS H 7 36.69 -15.63 -4.65
C LYS H 7 37.33 -14.32 -4.25
N PRO H 8 37.59 -14.14 -2.95
CA PRO H 8 38.41 -13.07 -2.39
C PRO H 8 39.75 -12.89 -3.09
N TYR H 9 40.14 -11.64 -3.27
CA TYR H 9 41.40 -11.30 -3.92
C TYR H 9 42.61 -11.60 -3.02
N HIS H 10 42.35 -11.87 -1.74
CA HIS H 10 43.43 -12.22 -0.83
C HIS H 10 43.68 -13.73 -0.84
N LYS I . -56.36 -13.63 -7.07
CA LYS I . -56.45 -13.44 -8.51
C LYS I . -55.43 -14.28 -9.26
O LYS I . -55.50 -14.43 -10.49
CB LYS I . -56.29 -11.96 -8.87
CG LYS I . -57.42 -11.07 -8.40
CD LYS I . -58.73 -11.48 -9.04
CE LYS I . -59.87 -10.57 -8.61
NZ LYS I . -60.16 -10.71 -7.16
O4 KRS J . -46.90 -15.14 -15.09
C8 KRS J . -47.90 -15.76 -14.76
C9 KRS J . -47.81 -17.09 -14.10
C5 KRS J . -49.06 -17.82 -13.80
C4 KRS J . -48.98 -19.07 -13.20
C3 KRS J . -47.75 -19.63 -12.87
O2 KRS J . -47.72 -20.86 -12.27
C2 KRS J . -46.55 -18.99 -13.13
C1 KRS J . -46.52 -17.73 -13.74
O1 KRS J . -45.34 -17.10 -13.99
O3 KRS J . -49.21 -15.19 -15.01
C7 KRS J . -50.21 -15.66 -14.11
C6 KRS J . -50.37 -17.17 -14.17
C10 KRS J . -51.54 -14.98 -14.42
C11 KRS J . -51.41 -13.47 -14.28
O5 KRS J . -51.21 -13.12 -12.91
C12 KRS J . -52.32 -13.49 -12.06
C16 KRS J . -51.96 -13.20 -10.61
C13 KRS J . -53.55 -12.72 -12.49
C14 KRS J . -53.88 -13.04 -13.94
C15 KRS J . -52.66 -12.78 -14.83
N LYS K . -27.05 -7.81 3.37
CA LYS K . -27.02 -6.88 4.49
C LYS K . -27.90 -7.36 5.64
O LYS K . -27.82 -6.84 6.76
CB LYS K . -27.46 -5.49 4.03
CG LYS K . -26.46 -4.79 3.13
CD LYS K . -25.13 -4.61 3.84
CE LYS K . -24.11 -3.92 2.95
NZ LYS K . -23.77 -4.75 1.75
O4 KRS L . -36.38 -6.40 11.56
C8 KRS L . -35.33 -6.97 11.50
C9 KRS L . -35.29 -8.41 11.62
C5 KRS L . -33.99 -9.04 11.62
C4 KRS L . -33.98 -10.41 11.73
C3 KRS L . -35.15 -11.11 11.80
O2 KRS L . -35.07 -12.44 11.90
C2 KRS L . -36.39 -10.52 11.78
C1 KRS L . -36.48 -9.18 11.69
O1 KRS L . -37.60 -8.47 11.67
O3 KRS L . -34.11 -6.25 11.33
C7 KRS L . -33.03 -6.91 10.75
C6 KRS L . -32.75 -8.18 11.52
C10 KRS L . -31.91 -5.92 10.93
C11 KRS L . -32.26 -4.68 10.14
O5 KRS L . -32.39 -5.02 8.77
C12 KRS L . -31.26 -5.55 8.17
C16 KRS L . -31.72 -6.04 6.85
C13 KRS L . -30.35 -4.37 8.04
C14 KRS L . -29.99 -3.94 9.43
C15 KRS L . -31.20 -3.61 10.27
N LYS M . 26.84 8.44 -2.01
CA LYS M . 26.09 7.97 -0.85
C LYS M . 26.22 8.95 0.32
O LYS M . 25.45 8.89 1.28
CB LYS M . 26.58 6.58 -0.42
CG LYS M . 26.34 5.50 -1.46
CD LYS M . 24.85 5.32 -1.73
CE LYS M . 24.59 4.17 -2.69
NZ LYS M . 25.18 4.42 -4.04
O4 KRS N . 29.30 11.68 9.28
C8 KRS N . 28.49 12.12 8.47
C9 KRS N . 28.60 13.51 7.94
C5 KRS N . 27.64 13.93 6.90
C4 KRS N . 27.73 15.22 6.38
C3 KRS N . 28.71 16.10 6.83
O2 KRS N . 28.77 17.35 6.30
C2 KRS N . 29.64 15.74 7.81
C1 KRS N . 29.63 14.48 8.39
O1 KRS N . 30.54 14.14 9.34
O3 KRS N . 27.38 11.29 8.02
C7 KRS N . 27.02 11.50 6.66
C6 KRS N . 26.58 12.95 6.42
C10 KRS N . 25.90 10.56 6.26
C11 KRS N . 26.30 9.11 6.49
O5 KRS N . 27.57 8.84 5.91
C12 KRS N . 27.60 9.09 4.51
C16 KRS N . 29.03 8.89 3.99
C13 KRS N . 26.63 8.13 3.81
C14 KRS N . 25.23 8.28 4.37
C15 KRS N . 25.25 8.18 5.89
N LYS O . 57.16 13.52 5.68
CA LYS O . 57.96 12.59 4.90
C LYS O . 57.71 12.76 3.40
O LYS O . 58.47 12.27 2.57
CB LYS O . 57.67 11.15 5.31
CG LYS O . 58.08 10.81 6.74
CD LYS O . 59.58 10.98 6.92
CE LYS O . 60.01 10.60 8.32
NZ LYS O . 59.43 11.51 9.35
O4 KRS P . 54.63 9.61 -5.81
C8 KRS P . 55.28 10.48 -5.24
C9 KRS P . 55.00 11.93 -5.46
C5 KRS P . 55.84 12.93 -4.78
C4 KRS P . 55.59 14.28 -4.99
C3 KRS P . 54.54 14.69 -5.81
O2 KRS P . 54.32 16.02 -5.99
C2 KRS P . 53.72 13.78 -6.47
C1 KRS P . 53.90 12.41 -6.33
O1 KRS P . 53.08 11.53 -6.98
O3 KRS P . 56.37 10.11 -4.35
C7 KRS P . 56.60 11.08 -3.33
C6 KRS P . 56.96 12.45 -3.90
C10 KRS P . 57.74 10.59 -2.43
C11 KRS P . 57.41 9.21 -1.86
O5 KRS P . 56.33 9.32 -0.93
C12 KRS P . 56.62 10.14 0.19
C16 KRS P . 55.38 10.29 1.06
C13 KRS P . 57.76 9.52 0.99
C14 KRS P . 58.99 9.41 0.09
C15 KRS P . 58.64 8.63 -1.16
#